data_4QBZ
#
_entry.id   4QBZ
#
_cell.length_a   72.153
_cell.length_b   156.716
_cell.length_c   86.156
_cell.angle_alpha   90.00
_cell.angle_beta   77.10
_cell.angle_gamma   90.00
#
_symmetry.space_group_name_H-M   'P 1 21 1'
#
loop_
_entity.id
_entity.type
_entity.pdbx_description
1 polymer 'Toll-like receptor 8'
2 branched alpha-D-mannopyranose-(2-3)-[beta-D-mannopyranose-(1-6)]beta-D-mannopyranose-(1-4)-2-acetamido-2-deoxy-beta-D-glucopyranose-(1-4)-2-acetamido-2-deoxy-beta-D-glucopyranose
3 branched 2-acetamido-2-deoxy-beta-D-glucopyranose-(1-4)-2-acetamido-2-deoxy-beta-D-glucopyranose
4 branched beta-D-mannopyranose-(1-4)-2-acetamido-2-deoxy-beta-D-glucopyranose-(1-4)-2-acetamido-2-deoxy-beta-D-glucopyranose
5 branched alpha-D-mannopyranose-(1-3)-beta-D-mannopyranose-(1-4)-2-acetamido-2-deoxy-beta-D-glucopyranose-(1-4)-2-acetamido-2-deoxy-beta-D-glucopyranose
6 non-polymer 2-acetamido-2-deoxy-beta-D-glucopyranose
7 non-polymer 2-butyl[1,3]oxazolo[4,5-c]quinolin-4-amine
8 water water
#
_entity_poly.entity_id   1
_entity_poly.type   'polypeptide(L)'
_entity_poly.pdbx_seq_one_letter_code
;RSPWEENFSRSYPCDEKKQNDSVIAECSNRRLQEVPQTVGKYVTELDLSDNFITHITNESFQGLQNLTKINLNHNPNVQH
QNGNPGIQSNGLNITDGAFLNLKNLRELLLEDNQLPQIPSGLPESLTELSLIQNNIYNITKEGISRLINLKNLYLAWNCY
FNKVCEKTNIEDGVFETLTNLELLSLSFNSLSHVPPKLPSSLRKLFLSNTQIKYISEEDFKGLINLTLLDLSGNCPRCFN
APFPCVPCDGGASINIDRFAFQNLTQLRYLNLSSTSLRKINAAWFKNMPHLKVLDLEFNYLVGEIASGAFLTMLPRLEIL
DLSFNYIKGSYPQHINISRNFSKLLSLRALHLRGYVFQELREDDFQPLMQLPNLSTINLGINFIKQIDFKLFQNFSNLEI
IYLSENRISPLVKDTRQSYANSSSFQRHIRKRRSTDFEFDPHSNFYHFTRPLIKPQCAAYGKALDLSLNSIFFIGPNQFE
NLPDIACLNLSANSNAQVLSGTEFSAIPHVKYLDLTNNRLDFDNASALTELSDLEVLDLSYNSHYFRIAGVTHHLEFIQN
FTNLKVLNLSHNNIYTLTDKYNLESKSLVELVFSGNRLDILWNDDDNRYISIFKGLKNLTRLDLSLNRLKHIPNEAFLNL
PASLTELHINDNMLKFFNWTLLQQFPRLELLDLRGNKLLFLTDSLSDFTSSLRTLLLSHNRISHLPSGFLSEVSSLKHLD
LSSNLLKTINKSALETKTTTKLSMLELHGNPFECTCDIGDFRRWMDEHLNVKIPRLVDVICASPGDQRGKSIVSLELTTC
VSDVTEFLVPR
;
_entity_poly.pdbx_strand_id   A,B
#
loop_
_chem_comp.id
_chem_comp.type
_chem_comp.name
_chem_comp.formula
BMA D-saccharide, beta linking beta-D-mannopyranose 'C6 H12 O6'
D80 non-polymer 2-butyl[1,3]oxazolo[4,5-c]quinolin-4-amine 'C14 H15 N3 O'
MAN D-saccharide, alpha linking alpha-D-mannopyranose 'C6 H12 O6'
NAG D-saccharide, beta linking 2-acetamido-2-deoxy-beta-D-glucopyranose 'C8 H15 N O6'
#
# COMPACT_ATOMS: atom_id res chain seq x y z
N SER A 9 -21.97 -16.54 -35.47
CA SER A 9 -22.13 -16.96 -34.10
C SER A 9 -21.38 -16.04 -33.15
N ARG A 10 -20.88 -16.62 -32.06
CA ARG A 10 -20.09 -15.92 -31.04
C ARG A 10 -18.67 -16.39 -31.16
N SER A 11 -17.73 -15.49 -31.43
CA SER A 11 -16.41 -15.95 -31.85
C SER A 11 -15.52 -16.27 -30.71
N TYR A 12 -14.59 -17.17 -30.99
CA TYR A 12 -13.74 -17.81 -30.00
C TYR A 12 -12.53 -18.40 -30.73
N PRO A 13 -11.32 -18.21 -30.20
CA PRO A 13 -10.93 -17.58 -28.94
C PRO A 13 -10.83 -16.07 -28.99
N CYS A 14 -10.97 -15.44 -30.14
CA CYS A 14 -10.68 -14.02 -30.24
C CYS A 14 -11.93 -13.21 -29.92
N ASP A 15 -11.77 -11.91 -29.64
CA ASP A 15 -12.88 -10.97 -29.61
C ASP A 15 -12.86 -10.09 -30.85
N GLU A 16 -13.96 -10.06 -31.59
CA GLU A 16 -14.03 -9.34 -32.86
C GLU A 16 -14.66 -7.97 -32.75
N LYS A 17 -14.25 -7.08 -33.65
CA LYS A 17 -14.52 -5.66 -33.54
C LYS A 17 -14.64 -5.21 -34.99
N LYS A 18 -15.75 -4.56 -35.34
CA LYS A 18 -16.08 -4.31 -36.74
C LYS A 18 -15.65 -2.91 -37.21
N GLN A 19 -14.95 -2.19 -36.31
CA GLN A 19 -14.22 -0.95 -36.58
C GLN A 19 -14.56 0.04 -37.71
N ASN A 20 -14.06 -0.18 -38.93
CA ASN A 20 -14.26 0.80 -40.01
C ASN A 20 -14.26 0.15 -41.40
N ASP A 21 -13.23 0.47 -42.20
CA ASP A 21 -12.63 -0.45 -43.18
C ASP A 21 -12.41 -1.80 -42.54
N SER A 22 -11.83 -1.76 -41.34
CA SER A 22 -11.30 -2.94 -40.70
C SER A 22 -12.35 -3.76 -39.96
N VAL A 23 -12.08 -5.05 -39.84
CA VAL A 23 -12.58 -5.91 -38.77
C VAL A 23 -11.39 -6.57 -38.06
N ILE A 24 -11.31 -6.34 -36.76
CA ILE A 24 -10.12 -6.65 -35.99
C ILE A 24 -10.46 -7.82 -35.06
N ALA A 25 -9.62 -8.85 -35.06
CA ALA A 25 -9.67 -9.92 -34.06
C ALA A 25 -8.61 -9.68 -33.01
N GLU A 26 -9.07 -9.31 -31.82
CA GLU A 26 -8.21 -9.11 -30.68
C GLU A 26 -8.05 -10.48 -30.05
N CYS A 27 -6.85 -11.04 -30.20
CA CYS A 27 -6.57 -12.42 -29.83
C CYS A 27 -5.37 -12.61 -28.93
N SER A 28 -4.95 -11.51 -28.30
CA SER A 28 -3.70 -11.44 -27.60
C SER A 28 -3.88 -11.96 -26.19
N ASN A 29 -2.79 -12.44 -25.61
CA ASN A 29 -2.71 -12.64 -24.18
C ASN A 29 -3.74 -13.66 -23.71
N ARG A 30 -3.89 -14.72 -24.50
CA ARG A 30 -4.90 -15.75 -24.33
C ARG A 30 -4.31 -17.16 -24.10
N ARG A 31 -3.01 -17.26 -23.84
CA ARG A 31 -2.37 -18.56 -23.66
C ARG A 31 -2.46 -19.48 -24.87
N LEU A 32 -2.57 -18.91 -26.06
CA LEU A 32 -2.71 -19.73 -27.26
C LEU A 32 -1.36 -20.34 -27.59
N GLN A 33 -1.41 -21.61 -27.97
CA GLN A 33 -0.25 -22.40 -28.35
C GLN A 33 -0.12 -22.50 -29.86
N GLU A 34 -1.21 -22.32 -30.57
CA GLU A 34 -1.24 -22.41 -32.02
C GLU A 34 -1.97 -21.18 -32.49
N VAL A 35 -1.68 -20.77 -33.72
CA VAL A 35 -2.55 -19.84 -34.41
C VAL A 35 -3.89 -20.53 -34.51
N PRO A 36 -4.95 -19.91 -33.98
CA PRO A 36 -6.21 -20.65 -33.99
C PRO A 36 -6.78 -20.80 -35.40
N GLN A 37 -7.47 -21.92 -35.65
CA GLN A 37 -8.11 -22.18 -36.92
C GLN A 37 -9.56 -21.74 -36.94
N THR A 38 -9.88 -20.80 -36.06
CA THR A 38 -11.25 -20.41 -35.80
C THR A 38 -11.42 -18.91 -36.00
N VAL A 39 -10.54 -18.32 -36.79
CA VAL A 39 -10.60 -16.88 -36.97
C VAL A 39 -11.58 -16.62 -38.11
N GLY A 40 -12.47 -15.65 -37.90
CA GLY A 40 -13.44 -15.28 -38.92
C GLY A 40 -12.78 -14.91 -40.24
N LYS A 41 -13.42 -15.28 -41.33
CA LYS A 41 -12.81 -15.11 -42.65
C LYS A 41 -12.87 -13.65 -43.16
N TYR A 42 -13.69 -12.85 -42.51
CA TYR A 42 -13.80 -11.42 -42.82
C TYR A 42 -12.77 -10.57 -42.05
N VAL A 43 -12.03 -11.19 -41.12
CA VAL A 43 -10.96 -10.51 -40.37
C VAL A 43 -9.85 -9.91 -41.24
N THR A 44 -9.57 -8.63 -41.04
CA THR A 44 -8.49 -7.94 -41.76
C THR A 44 -7.29 -7.67 -40.85
N GLU A 45 -7.49 -7.58 -39.55
CA GLU A 45 -6.38 -7.44 -38.63
C GLU A 45 -6.44 -8.43 -37.49
N LEU A 46 -5.32 -9.09 -37.23
CA LEU A 46 -5.25 -10.16 -36.25
C LEU A 46 -4.17 -9.87 -35.22
N ASP A 47 -4.56 -9.71 -33.96
CA ASP A 47 -3.57 -9.48 -32.90
C ASP A 47 -3.41 -10.76 -32.06
N LEU A 48 -2.29 -11.44 -32.33
CA LEU A 48 -1.91 -12.65 -31.63
C LEU A 48 -0.80 -12.45 -30.60
N SER A 49 -0.46 -11.22 -30.28
CA SER A 49 0.64 -10.98 -29.38
C SER A 49 0.47 -11.64 -28.01
N ASP A 50 1.59 -11.88 -27.34
CA ASP A 50 1.63 -12.39 -25.98
C ASP A 50 0.91 -13.72 -25.81
N ASN A 51 1.20 -14.69 -26.66
CA ASN A 51 0.65 -16.03 -26.48
C ASN A 51 1.83 -17.01 -26.43
N PHE A 52 1.57 -18.31 -26.51
CA PHE A 52 2.64 -19.29 -26.44
C PHE A 52 2.87 -19.94 -27.79
N ILE A 53 2.77 -19.17 -28.87
CA ILE A 53 2.87 -19.71 -30.20
C ILE A 53 4.34 -19.95 -30.54
N THR A 54 4.66 -21.16 -31.00
CA THR A 54 6.06 -21.52 -31.26
C THR A 54 6.42 -21.69 -32.73
N HIS A 55 5.41 -21.99 -33.57
CA HIS A 55 5.64 -22.27 -34.98
C HIS A 55 4.72 -21.47 -35.90
N ILE A 56 5.29 -20.82 -36.92
CA ILE A 56 4.46 -20.29 -38.00
C ILE A 56 4.82 -21.03 -39.28
N THR A 57 3.83 -21.59 -39.95
CA THR A 57 4.09 -22.27 -41.23
C THR A 57 3.15 -21.68 -42.27
N ASN A 58 3.29 -22.13 -43.52
CA ASN A 58 2.38 -21.71 -44.59
C ASN A 58 0.97 -22.26 -44.41
N GLU A 59 0.72 -23.04 -43.36
CA GLU A 59 -0.66 -23.41 -43.06
C GLU A 59 -1.33 -22.56 -42.01
N SER A 60 -0.53 -21.76 -41.31
CA SER A 60 -0.96 -21.06 -40.12
C SER A 60 -2.09 -20.09 -40.41
N PHE A 61 -2.05 -19.44 -41.57
CA PHE A 61 -3.05 -18.44 -41.96
C PHE A 61 -3.79 -18.74 -43.26
N GLN A 62 -3.84 -20.01 -43.63
CA GLN A 62 -4.42 -20.52 -44.88
C GLN A 62 -5.78 -19.94 -45.22
N GLY A 63 -6.67 -19.99 -44.25
CA GLY A 63 -8.05 -19.62 -44.51
C GLY A 63 -8.36 -18.14 -44.32
N LEU A 64 -7.32 -17.31 -44.40
CA LEU A 64 -7.37 -15.94 -43.89
C LEU A 64 -6.68 -14.98 -44.82
N GLN A 65 -7.12 -15.01 -46.07
CA GLN A 65 -6.53 -14.21 -47.14
C GLN A 65 -6.81 -12.71 -47.12
N ASN A 66 -7.84 -12.32 -46.37
CA ASN A 66 -8.19 -10.91 -46.17
C ASN A 66 -7.23 -10.16 -45.19
N LEU A 67 -6.31 -10.88 -44.56
CA LEU A 67 -5.46 -10.30 -43.53
C LEU A 67 -4.57 -9.22 -44.10
N THR A 68 -4.76 -8.00 -43.59
CA THR A 68 -3.87 -6.91 -43.92
C THR A 68 -2.79 -6.64 -42.85
N LYS A 69 -3.01 -7.13 -41.64
CA LYS A 69 -2.13 -6.85 -40.53
C LYS A 69 -2.09 -8.01 -39.55
N ILE A 70 -0.88 -8.41 -39.18
CA ILE A 70 -0.66 -9.50 -38.24
C ILE A 70 0.30 -9.02 -37.15
N ASN A 71 -0.10 -9.15 -35.90
CA ASN A 71 0.79 -8.92 -34.75
C ASN A 71 1.10 -10.24 -34.08
N LEU A 72 2.37 -10.66 -34.16
CA LEU A 72 2.84 -11.85 -33.44
C LEU A 72 3.83 -11.48 -32.33
N ASN A 73 3.92 -10.20 -31.96
CA ASN A 73 4.83 -9.82 -30.86
C ASN A 73 4.76 -10.69 -29.61
N HIS A 74 5.92 -10.89 -28.98
CA HIS A 74 6.07 -11.56 -27.67
C HIS A 74 5.44 -12.96 -27.74
N ASN A 75 5.94 -13.78 -28.64
CA ASN A 75 5.56 -15.20 -28.75
C ASN A 75 6.84 -16.03 -28.96
N PRO A 76 6.98 -17.16 -28.25
CA PRO A 76 6.12 -17.58 -27.15
C PRO A 76 6.56 -16.82 -25.92
N ASN A 77 5.65 -16.57 -24.99
CA ASN A 77 6.02 -15.94 -23.72
C ASN A 77 7.07 -16.70 -22.87
N VAL A 78 6.67 -17.80 -22.23
CA VAL A 78 7.59 -18.58 -21.42
C VAL A 78 8.70 -19.17 -22.29
N GLY A 91 12.31 -19.57 -28.87
CA GLY A 91 12.15 -18.63 -29.96
C GLY A 91 11.09 -18.97 -31.00
N LEU A 92 10.58 -17.98 -31.72
CA LEU A 92 9.50 -18.25 -32.68
C LEU A 92 10.06 -18.86 -33.95
N ASN A 93 9.54 -20.01 -34.36
CA ASN A 93 10.03 -20.69 -35.54
C ASN A 93 9.11 -20.46 -36.77
N ILE A 94 9.61 -19.68 -37.72
CA ILE A 94 8.87 -19.24 -38.89
C ILE A 94 9.54 -19.82 -40.11
N THR A 95 8.83 -20.71 -40.79
CA THR A 95 9.38 -21.32 -42.01
C THR A 95 9.58 -20.28 -43.11
N ASP A 96 10.51 -20.57 -44.01
CA ASP A 96 10.78 -19.79 -45.20
C ASP A 96 9.47 -19.61 -45.91
N GLY A 97 9.05 -18.38 -46.15
CA GLY A 97 7.83 -18.18 -46.91
C GLY A 97 6.51 -18.48 -46.24
N ALA A 98 6.50 -18.80 -44.94
CA ALA A 98 5.26 -18.93 -44.17
C ALA A 98 4.13 -17.90 -44.45
N PHE A 99 4.50 -16.66 -44.76
CA PHE A 99 3.55 -15.56 -44.96
C PHE A 99 3.35 -15.18 -46.43
N LEU A 100 4.14 -15.78 -47.29
CA LEU A 100 4.18 -15.47 -48.72
C LEU A 100 2.83 -15.44 -49.43
N ASN A 101 1.96 -16.36 -49.07
CA ASN A 101 0.65 -16.50 -49.70
C ASN A 101 -0.34 -15.40 -49.31
N LEU A 102 -0.03 -14.61 -48.29
CA LEU A 102 -0.92 -13.52 -47.86
C LEU A 102 -0.72 -12.28 -48.75
N LYS A 103 -1.41 -12.31 -49.88
CA LYS A 103 -1.30 -11.27 -50.93
C LYS A 103 -1.59 -9.86 -50.46
N ASN A 104 -2.42 -9.71 -49.43
CA ASN A 104 -2.78 -8.39 -48.91
C ASN A 104 -2.03 -7.95 -47.64
N LEU A 105 -1.05 -8.71 -47.17
CA LEU A 105 -0.38 -8.37 -45.92
C LEU A 105 0.42 -7.08 -46.07
N ARG A 106 0.00 -6.07 -45.30
CA ARG A 106 0.67 -4.77 -45.30
C ARG A 106 1.61 -4.62 -44.10
N GLU A 107 1.18 -5.09 -42.94
CA GLU A 107 1.85 -4.80 -41.69
C GLU A 107 2.11 -6.08 -40.93
N LEU A 108 3.38 -6.34 -40.65
CA LEU A 108 3.76 -7.48 -39.83
C LEU A 108 4.65 -7.07 -38.64
N LEU A 109 4.19 -7.37 -37.43
CA LEU A 109 4.87 -7.02 -36.22
C LEU A 109 5.44 -8.30 -35.66
N LEU A 110 6.76 -8.36 -35.57
CA LEU A 110 7.42 -9.55 -35.06
C LEU A 110 8.46 -9.16 -34.01
N GLU A 111 8.02 -8.43 -32.99
CA GLU A 111 8.91 -7.97 -31.92
C GLU A 111 9.07 -8.99 -30.79
N ASP A 112 10.27 -9.07 -30.23
CA ASP A 112 10.44 -9.88 -29.07
C ASP A 112 10.09 -11.37 -29.31
N ASN A 113 10.63 -11.94 -30.37
CA ASN A 113 10.35 -13.31 -30.74
C ASN A 113 11.63 -14.14 -30.74
N GLN A 114 12.71 -13.56 -30.23
CA GLN A 114 14.03 -14.18 -30.25
C GLN A 114 14.43 -14.70 -31.64
N LEU A 115 14.12 -13.96 -32.70
CA LEU A 115 14.46 -14.37 -34.05
C LEU A 115 15.97 -14.22 -34.25
N PRO A 116 16.64 -15.24 -34.82
CA PRO A 116 18.07 -15.13 -35.12
C PRO A 116 18.39 -14.47 -36.45
N GLN A 117 17.39 -14.30 -37.32
CA GLN A 117 17.57 -13.76 -38.66
C GLN A 117 16.28 -13.11 -39.13
N ILE A 118 16.38 -12.25 -40.12
CA ILE A 118 15.17 -11.76 -40.76
C ILE A 118 14.47 -12.97 -41.39
N PRO A 119 13.18 -13.17 -41.15
CA PRO A 119 12.57 -14.35 -41.76
C PRO A 119 12.67 -14.31 -43.30
N SER A 120 12.76 -15.47 -43.93
CA SER A 120 13.03 -15.55 -45.37
C SER A 120 11.71 -15.65 -46.13
N GLY A 121 11.68 -15.06 -47.31
CA GLY A 121 10.51 -15.08 -48.19
C GLY A 121 9.30 -14.35 -47.64
N LEU A 122 9.52 -13.13 -47.12
CA LEU A 122 8.42 -12.27 -46.68
C LEU A 122 7.66 -11.74 -47.91
N PRO A 123 6.34 -11.55 -47.81
CA PRO A 123 5.57 -11.07 -48.95
C PRO A 123 6.00 -9.67 -49.36
N GLU A 124 5.99 -9.44 -50.66
CA GLU A 124 6.39 -8.17 -51.24
C GLU A 124 5.36 -7.06 -51.03
N SER A 125 4.16 -7.41 -50.60
CA SER A 125 3.15 -6.40 -50.33
C SER A 125 3.52 -5.62 -49.07
N LEU A 126 4.47 -6.10 -48.28
CA LEU A 126 4.70 -5.47 -46.98
C LEU A 126 5.03 -4.00 -47.14
N THR A 127 4.32 -3.16 -46.38
CA THR A 127 4.70 -1.76 -46.18
C THR A 127 5.20 -1.37 -44.77
N GLU A 128 4.97 -2.21 -43.77
CA GLU A 128 5.36 -1.99 -42.37
C GLU A 128 5.87 -3.29 -41.78
N LEU A 129 7.10 -3.28 -41.31
CA LEU A 129 7.73 -4.45 -40.68
C LEU A 129 8.53 -4.07 -39.42
N SER A 130 8.18 -4.68 -38.30
CA SER A 130 8.86 -4.46 -37.02
C SER A 130 9.53 -5.73 -36.55
N LEU A 131 10.85 -5.65 -36.47
CA LEU A 131 11.67 -6.69 -35.90
C LEU A 131 12.40 -6.20 -34.64
N ILE A 132 11.79 -5.25 -33.92
CA ILE A 132 12.35 -4.70 -32.67
C ILE A 132 12.53 -5.82 -31.68
N GLN A 133 13.63 -5.78 -30.91
CA GLN A 133 13.87 -6.72 -29.82
C GLN A 133 13.99 -8.18 -30.22
N ASN A 134 14.84 -8.49 -31.19
CA ASN A 134 15.11 -9.87 -31.56
C ASN A 134 16.60 -10.14 -31.43
N ASN A 135 17.11 -11.24 -32.00
CA ASN A 135 18.54 -11.49 -32.00
C ASN A 135 19.07 -11.45 -33.43
N ILE A 136 18.72 -10.40 -34.14
CA ILE A 136 19.09 -10.28 -35.52
C ILE A 136 20.32 -9.41 -35.68
N TYR A 137 21.41 -10.00 -36.15
CA TYR A 137 22.69 -9.30 -36.27
C TYR A 137 23.16 -9.14 -37.72
N ASN A 138 22.45 -9.75 -38.67
CA ASN A 138 22.79 -9.64 -40.10
C ASN A 138 21.62 -9.05 -40.88
N ILE A 139 21.81 -7.89 -41.50
CA ILE A 139 20.72 -7.31 -42.29
C ILE A 139 21.08 -7.55 -43.75
N THR A 140 20.39 -8.47 -44.41
CA THR A 140 20.78 -8.92 -45.73
C THR A 140 19.86 -8.48 -46.89
N LYS A 141 20.45 -8.41 -48.08
CA LYS A 141 19.66 -8.24 -49.32
C LYS A 141 18.59 -9.30 -49.44
N GLU A 142 18.95 -10.52 -49.07
CA GLU A 142 18.07 -11.67 -49.19
C GLU A 142 16.87 -11.56 -48.26
N GLY A 143 17.06 -11.00 -47.07
CA GLY A 143 15.95 -10.73 -46.15
C GLY A 143 14.99 -9.65 -46.60
N ILE A 144 15.54 -8.60 -47.22
CA ILE A 144 14.92 -7.25 -47.21
C ILE A 144 14.78 -6.60 -48.59
N SER A 145 15.73 -6.85 -49.49
CA SER A 145 15.83 -6.03 -50.68
C SER A 145 14.72 -6.23 -51.72
N ARG A 146 14.03 -7.36 -51.64
CA ARG A 146 12.78 -7.60 -52.36
C ARG A 146 11.60 -6.80 -51.83
N LEU A 147 11.68 -6.25 -50.62
CA LEU A 147 10.49 -5.66 -50.00
C LEU A 147 10.31 -4.20 -50.40
N ILE A 148 9.98 -4.00 -51.67
CA ILE A 148 10.11 -2.69 -52.34
C ILE A 148 9.08 -1.71 -51.86
N ASN A 149 8.01 -2.23 -51.29
CA ASN A 149 6.91 -1.43 -50.77
C ASN A 149 7.08 -0.94 -49.34
N LEU A 150 8.20 -1.29 -48.70
CA LEU A 150 8.36 -0.92 -47.29
C LEU A 150 8.35 0.57 -47.12
N LYS A 151 7.51 1.06 -46.22
CA LYS A 151 7.55 2.48 -45.83
C LYS A 151 8.21 2.66 -44.46
N ASN A 152 7.91 1.76 -43.54
CA ASN A 152 8.54 1.80 -42.22
C ASN A 152 9.19 0.50 -41.90
N LEU A 153 10.48 0.55 -41.57
CA LEU A 153 11.22 -0.63 -41.12
C LEU A 153 11.87 -0.42 -39.73
N TYR A 154 11.51 -1.24 -38.74
CA TYR A 154 12.05 -1.11 -37.37
C TYR A 154 12.92 -2.33 -37.06
N LEU A 155 14.19 -2.08 -36.83
CA LEU A 155 15.13 -3.14 -36.50
C LEU A 155 15.85 -2.80 -35.20
N ALA A 156 15.23 -1.95 -34.36
CA ALA A 156 15.91 -1.44 -33.18
C ALA A 156 16.04 -2.48 -32.06
N TRP A 157 17.01 -2.27 -31.19
CA TRP A 157 17.13 -3.06 -29.95
C TRP A 157 17.37 -4.54 -30.22
N ASN A 158 18.26 -4.86 -31.16
CA ASN A 158 18.69 -6.25 -31.33
C ASN A 158 20.01 -6.59 -30.62
N CYS A 159 20.81 -5.57 -30.34
CA CYS A 159 22.12 -5.75 -29.66
C CYS A 159 22.52 -4.48 -28.89
N TYR A 160 22.46 -4.54 -27.56
CA TYR A 160 22.60 -3.33 -26.75
C TYR A 160 23.06 -3.72 -25.33
N PHE A 161 23.49 -2.74 -24.56
CA PHE A 161 23.81 -2.97 -23.15
C PHE A 161 24.75 -4.18 -23.00
N ASN A 162 24.49 -5.05 -22.03
CA ASN A 162 25.32 -6.22 -21.80
C ASN A 162 24.64 -7.46 -22.34
N LYS A 163 23.77 -7.31 -23.32
CA LYS A 163 23.27 -8.49 -23.98
C LYS A 163 24.43 -9.25 -24.66
N VAL A 164 24.32 -10.57 -24.72
CA VAL A 164 25.29 -11.31 -25.48
C VAL A 164 24.76 -11.29 -26.92
N CYS A 165 25.52 -10.65 -27.80
CA CYS A 165 25.08 -10.46 -29.16
C CYS A 165 26.30 -10.09 -30.00
N GLU A 166 26.14 -9.95 -31.31
CA GLU A 166 27.27 -9.48 -32.13
C GLU A 166 26.99 -8.15 -32.79
N LYS A 167 28.08 -7.54 -33.23
CA LYS A 167 28.04 -6.32 -34.01
C LYS A 167 27.14 -6.50 -35.22
N THR A 168 26.43 -5.46 -35.61
CA THR A 168 25.44 -5.62 -36.65
C THR A 168 26.13 -5.55 -38.01
N ASN A 169 25.94 -6.55 -38.84
CA ASN A 169 26.42 -6.46 -40.22
C ASN A 169 25.30 -6.04 -41.15
N ILE A 170 25.47 -4.88 -41.76
CA ILE A 170 24.54 -4.38 -42.75
C ILE A 170 25.12 -4.54 -44.15
N GLU A 171 24.55 -5.48 -44.91
CA GLU A 171 25.03 -5.77 -46.26
C GLU A 171 25.02 -4.49 -47.10
N ASP A 172 26.14 -4.20 -47.75
CA ASP A 172 26.31 -2.96 -48.49
C ASP A 172 25.19 -2.85 -49.49
N GLY A 173 24.52 -1.70 -49.47
CA GLY A 173 23.39 -1.47 -50.35
C GLY A 173 22.08 -2.14 -50.02
N VAL A 174 22.01 -2.91 -48.93
CA VAL A 174 20.77 -3.59 -48.55
C VAL A 174 19.52 -2.71 -48.56
N PHE A 175 19.66 -1.40 -48.29
CA PHE A 175 18.54 -0.50 -48.16
C PHE A 175 18.25 0.24 -49.47
N GLU A 176 19.09 0.07 -50.49
CA GLU A 176 19.06 0.93 -51.66
C GLU A 176 17.83 0.73 -52.51
N THR A 177 17.28 -0.48 -52.50
CA THR A 177 16.17 -0.80 -53.36
C THR A 177 14.84 -0.48 -52.69
N LEU A 178 14.90 0.10 -51.49
CA LEU A 178 13.69 0.46 -50.74
C LEU A 178 13.44 1.93 -50.96
N THR A 179 12.97 2.23 -52.17
CA THR A 179 12.82 3.61 -52.65
C THR A 179 11.50 4.24 -52.21
N ASN A 180 10.62 3.50 -51.57
CA ASN A 180 9.50 4.08 -50.85
C ASN A 180 9.67 4.13 -49.31
N LEU A 181 10.84 3.79 -48.81
CA LEU A 181 11.07 3.81 -47.36
C LEU A 181 11.15 5.23 -46.81
N GLU A 182 10.30 5.50 -45.83
CA GLU A 182 10.18 6.79 -45.13
C GLU A 182 10.70 6.80 -43.69
N LEU A 183 10.67 5.66 -43.02
CA LEU A 183 11.15 5.57 -41.64
C LEU A 183 12.05 4.38 -41.45
N LEU A 184 13.27 4.60 -40.96
CA LEU A 184 14.17 3.47 -40.68
C LEU A 184 14.74 3.61 -39.27
N SER A 185 14.52 2.58 -38.47
CA SER A 185 14.95 2.59 -37.09
C SER A 185 15.91 1.45 -36.79
N LEU A 186 17.16 1.85 -36.53
CA LEU A 186 18.26 0.94 -36.32
C LEU A 186 18.87 1.15 -34.92
N SER A 187 18.18 1.88 -34.05
CA SER A 187 18.71 2.23 -32.74
C SER A 187 18.94 1.05 -31.81
N PHE A 188 19.88 1.18 -30.88
CA PHE A 188 20.23 0.10 -29.96
C PHE A 188 20.63 -1.20 -30.68
N ASN A 189 21.61 -0.97 -31.56
CA ASN A 189 22.39 -2.00 -32.23
C ASN A 189 23.82 -1.48 -32.38
N SER A 190 24.81 -2.36 -32.38
CA SER A 190 26.17 -1.92 -32.61
C SER A 190 26.48 -1.77 -34.10
N LEU A 191 26.55 -0.52 -34.56
CA LEU A 191 26.66 -0.21 -35.97
C LEU A 191 28.02 0.34 -36.39
N SER A 192 28.60 1.20 -35.54
CA SER A 192 29.90 1.84 -35.75
C SER A 192 29.91 2.96 -36.76
N HIS A 193 29.23 2.79 -37.90
CA HIS A 193 29.10 3.89 -38.86
C HIS A 193 27.70 3.98 -39.43
N VAL A 194 27.37 5.13 -39.98
CA VAL A 194 26.08 5.30 -40.63
C VAL A 194 26.10 4.44 -41.88
N PRO A 195 25.03 3.70 -42.15
CA PRO A 195 25.26 2.86 -43.33
C PRO A 195 25.22 3.69 -44.61
N PRO A 196 26.04 3.30 -45.61
CA PRO A 196 25.92 4.04 -46.89
C PRO A 196 24.74 3.59 -47.73
N LYS A 197 24.48 4.30 -48.81
CA LYS A 197 23.41 3.92 -49.75
C LYS A 197 22.03 3.81 -49.11
N LEU A 198 21.68 4.83 -48.34
CA LEU A 198 20.31 4.94 -47.83
C LEU A 198 19.43 5.59 -48.89
N PRO A 199 18.17 5.13 -49.05
CA PRO A 199 17.26 5.70 -50.05
C PRO A 199 16.80 7.11 -49.69
N SER A 200 16.63 7.97 -50.69
CA SER A 200 16.45 9.38 -50.42
C SER A 200 15.01 9.70 -50.11
N SER A 201 14.14 8.69 -50.19
CA SER A 201 12.78 8.79 -49.73
C SER A 201 12.67 8.86 -48.20
N LEU A 202 13.76 8.67 -47.44
CA LEU A 202 13.71 8.79 -45.98
C LEU A 202 13.25 10.11 -45.39
N ARG A 203 12.29 10.01 -44.48
CA ARG A 203 11.81 11.13 -43.70
C ARG A 203 12.36 11.06 -42.27
N LYS A 204 12.39 9.86 -41.70
CA LYS A 204 12.78 9.68 -40.30
C LYS A 204 13.86 8.63 -40.17
N LEU A 205 15.00 9.03 -39.63
CA LEU A 205 16.12 8.11 -39.47
C LEU A 205 16.55 8.10 -38.02
N PHE A 206 16.40 6.93 -37.39
CA PHE A 206 16.77 6.73 -36.01
C PHE A 206 18.03 5.90 -35.86
N LEU A 207 19.07 6.54 -35.34
CA LEU A 207 20.34 5.86 -35.13
C LEU A 207 20.81 6.12 -33.69
N SER A 208 19.88 6.03 -32.73
CA SER A 208 20.27 6.17 -31.32
C SER A 208 21.07 4.98 -30.83
N ASN A 209 22.05 5.29 -29.98
CA ASN A 209 22.79 4.24 -29.28
C ASN A 209 23.29 3.17 -30.26
N THR A 210 24.02 3.63 -31.27
CA THR A 210 24.54 2.74 -32.32
C THR A 210 26.06 2.72 -32.39
N GLN A 211 26.70 3.36 -31.43
CA GLN A 211 28.16 3.34 -31.33
C GLN A 211 28.84 3.98 -32.52
N ILE A 212 28.23 5.02 -33.05
CA ILE A 212 28.78 5.76 -34.17
C ILE A 212 29.50 6.93 -33.51
N LYS A 213 30.80 7.11 -33.73
CA LYS A 213 31.54 8.21 -33.08
C LYS A 213 31.76 9.40 -33.98
N TYR A 214 31.52 9.21 -35.28
CA TYR A 214 31.88 10.21 -36.28
C TYR A 214 30.80 10.30 -37.35
N ILE A 215 30.36 11.53 -37.64
CA ILE A 215 29.45 11.80 -38.74
C ILE A 215 30.18 12.61 -39.78
N SER A 216 30.21 12.11 -41.02
CA SER A 216 31.00 12.74 -42.08
C SER A 216 30.03 13.51 -42.93
N GLU A 217 30.60 14.31 -43.81
CA GLU A 217 29.87 15.08 -44.80
C GLU A 217 29.02 14.18 -45.71
N GLU A 218 29.42 12.93 -45.89
CA GLU A 218 28.75 12.05 -46.85
C GLU A 218 27.52 11.35 -46.28
N ASP A 219 27.46 11.18 -44.98
CA ASP A 219 26.60 10.18 -44.39
C ASP A 219 25.11 10.42 -44.64
N PHE A 220 24.73 11.69 -44.71
CA PHE A 220 23.32 12.12 -44.92
C PHE A 220 23.21 13.13 -46.05
N LYS A 221 24.22 13.16 -46.91
CA LYS A 221 24.30 14.14 -47.98
C LYS A 221 23.10 14.09 -48.93
N GLY A 222 22.58 12.89 -49.20
CA GLY A 222 21.46 12.74 -50.12
C GLY A 222 20.07 12.73 -49.52
N LEU A 223 19.96 12.79 -48.18
CA LEU A 223 18.66 12.58 -47.55
C LEU A 223 17.93 13.93 -47.44
N ILE A 224 17.51 14.46 -48.59
CA ILE A 224 16.96 15.81 -48.67
C ILE A 224 15.52 15.96 -48.15
N ASN A 225 14.77 14.85 -48.03
CA ASN A 225 13.45 14.79 -47.45
C ASN A 225 13.38 14.53 -45.94
N LEU A 226 14.53 14.43 -45.27
CA LEU A 226 14.56 14.06 -43.87
C LEU A 226 13.94 15.16 -43.06
N THR A 227 13.01 14.75 -42.19
CA THR A 227 12.44 15.66 -41.19
C THR A 227 12.82 15.28 -39.76
N LEU A 228 13.22 14.04 -39.52
CA LEU A 228 13.74 13.64 -38.22
C LEU A 228 15.07 12.91 -38.34
N LEU A 229 16.04 13.29 -37.50
CA LEU A 229 17.30 12.55 -37.35
C LEU A 229 17.61 12.35 -35.87
N ASP A 230 17.78 11.10 -35.47
CA ASP A 230 18.13 10.79 -34.10
C ASP A 230 19.52 10.17 -34.01
N LEU A 231 20.47 10.95 -33.47
CA LEU A 231 21.83 10.50 -33.24
C LEU A 231 22.18 10.45 -31.77
N SER A 232 21.17 10.33 -30.91
CA SER A 232 21.38 10.29 -29.47
C SER A 232 22.20 9.12 -29.01
N GLY A 233 22.93 9.32 -27.90
CA GLY A 233 23.56 8.21 -27.23
C GLY A 233 24.77 7.62 -27.96
N ASN A 234 25.32 8.39 -28.88
CA ASN A 234 26.57 8.04 -29.56
C ASN A 234 27.68 8.90 -29.02
N CYS A 235 28.69 8.24 -28.43
CA CYS A 235 29.58 8.82 -27.43
C CYS A 235 28.80 9.27 -26.19
N PRO A 236 28.19 8.33 -25.48
CA PRO A 236 27.31 8.79 -24.40
C PRO A 236 28.00 9.35 -23.17
N ARG A 237 27.29 10.24 -22.46
CA ARG A 237 27.70 10.67 -21.15
C ARG A 237 27.24 9.63 -20.13
N CYS A 238 28.19 8.91 -19.54
CA CYS A 238 27.85 7.75 -18.76
C CYS A 238 27.80 7.85 -17.25
N PHE A 239 28.24 8.97 -16.71
CA PHE A 239 28.26 9.16 -15.27
C PHE A 239 26.83 8.93 -14.75
N ASN A 240 26.67 8.07 -13.75
CA ASN A 240 25.39 7.85 -13.08
C ASN A 240 24.28 7.34 -14.00
N ALA A 241 24.66 6.68 -15.10
CA ALA A 241 23.68 6.06 -15.99
C ALA A 241 22.83 4.94 -15.37
N PRO A 242 21.55 4.88 -15.74
CA PRO A 242 20.67 3.82 -15.24
C PRO A 242 20.65 2.64 -16.14
N PHE A 243 21.71 2.50 -16.93
CA PHE A 243 21.91 1.33 -17.78
C PHE A 243 23.41 1.16 -18.08
N PRO A 244 23.84 -0.02 -18.55
CA PRO A 244 25.24 -0.22 -18.93
C PRO A 244 25.58 0.73 -20.06
N CYS A 245 26.64 1.51 -19.88
CA CYS A 245 26.87 2.64 -20.76
C CYS A 245 28.37 2.67 -21.03
N VAL A 246 28.72 2.81 -22.31
CA VAL A 246 30.09 2.68 -22.81
C VAL A 246 30.48 4.01 -23.46
N PRO A 247 31.35 4.80 -22.83
CA PRO A 247 31.73 6.08 -23.39
C PRO A 247 32.68 5.95 -24.59
N CYS A 248 32.82 7.00 -25.37
CA CYS A 248 33.85 7.04 -26.41
C CYS A 248 35.18 7.28 -25.68
N ASP A 249 36.28 6.89 -26.32
CA ASP A 249 37.60 6.97 -25.69
C ASP A 249 37.73 8.34 -25.08
N GLY A 250 38.12 8.37 -23.82
CA GLY A 250 38.32 9.63 -23.10
C GLY A 250 37.02 10.32 -22.71
N GLY A 251 35.87 9.64 -22.79
CA GLY A 251 34.57 10.35 -22.74
C GLY A 251 34.47 11.50 -23.74
N ALA A 252 35.15 11.38 -24.89
CA ALA A 252 35.08 12.37 -25.97
C ALA A 252 33.66 12.55 -26.50
N SER A 253 33.45 13.68 -27.15
CA SER A 253 32.23 14.06 -27.82
C SER A 253 32.02 13.32 -29.12
N ILE A 254 30.76 13.20 -29.54
CA ILE A 254 30.52 12.77 -30.92
C ILE A 254 31.30 13.73 -31.82
N ASN A 255 31.78 13.22 -32.94
CA ASN A 255 32.48 14.09 -33.89
C ASN A 255 31.64 14.32 -35.14
N ILE A 256 31.10 15.52 -35.28
CA ILE A 256 30.16 15.78 -36.40
C ILE A 256 30.77 16.78 -37.37
N ASP A 257 31.03 16.36 -38.60
CA ASP A 257 31.63 17.25 -39.58
C ASP A 257 30.82 18.50 -39.83
N ARG A 258 31.50 19.63 -40.02
CA ARG A 258 30.85 20.93 -40.25
C ARG A 258 29.73 20.92 -41.28
N PHE A 259 29.81 20.03 -42.24
CA PHE A 259 28.89 20.06 -43.35
C PHE A 259 27.99 18.83 -43.28
N ALA A 260 27.99 18.14 -42.14
CA ALA A 260 27.17 16.93 -42.00
C ALA A 260 25.67 17.11 -42.26
N PHE A 261 25.14 18.30 -42.03
CA PHE A 261 23.70 18.50 -42.14
C PHE A 261 23.38 19.53 -43.23
N GLN A 262 24.29 19.71 -44.18
CA GLN A 262 24.14 20.83 -45.09
C GLN A 262 22.98 20.65 -46.06
N ASN A 263 22.59 19.43 -46.36
CA ASN A 263 21.47 19.19 -47.28
C ASN A 263 20.16 18.87 -46.57
N LEU A 264 20.10 19.07 -45.27
CA LEU A 264 18.95 18.57 -44.49
C LEU A 264 17.96 19.69 -44.21
N THR A 265 17.49 20.29 -45.30
CA THR A 265 16.85 21.57 -45.27
C THR A 265 15.46 21.37 -44.70
N GLN A 266 14.93 20.16 -44.70
CA GLN A 266 13.60 19.88 -44.18
C GLN A 266 13.56 19.35 -42.73
N LEU A 267 14.70 19.31 -42.05
CA LEU A 267 14.76 18.73 -40.69
C LEU A 267 13.86 19.54 -39.75
N ARG A 268 13.00 18.85 -38.99
CA ARG A 268 12.23 19.47 -37.93
C ARG A 268 12.63 19.00 -36.54
N TYR A 269 13.07 17.75 -36.42
CA TYR A 269 13.46 17.11 -35.21
C TYR A 269 14.93 16.66 -35.28
N LEU A 270 15.74 17.12 -34.32
CA LEU A 270 17.12 16.70 -34.17
C LEU A 270 17.41 16.26 -32.72
N ASN A 271 17.81 15.00 -32.53
CA ASN A 271 18.01 14.48 -31.21
C ASN A 271 19.51 14.20 -31.07
N LEU A 272 20.19 15.07 -30.34
CA LEU A 272 21.60 14.85 -30.05
C LEU A 272 21.80 14.67 -28.55
N SER A 273 20.87 13.98 -27.90
CA SER A 273 20.95 13.76 -26.47
C SER A 273 22.08 12.77 -26.19
N SER A 274 22.77 12.97 -25.07
CA SER A 274 23.85 12.11 -24.64
C SER A 274 24.81 11.75 -25.80
N THR A 275 25.37 12.77 -26.40
CA THR A 275 26.49 12.61 -27.32
C THR A 275 27.78 13.31 -26.81
N SER A 276 27.82 13.62 -25.52
CA SER A 276 28.99 14.14 -24.83
C SER A 276 29.47 15.43 -25.42
N LEU A 277 28.54 16.15 -26.02
CA LEU A 277 28.85 17.44 -26.62
C LEU A 277 29.19 18.49 -25.58
N ARG A 278 30.26 19.21 -25.88
CA ARG A 278 30.67 20.36 -25.08
C ARG A 278 30.53 21.60 -25.89
N LYS A 279 30.56 21.43 -27.20
CA LYS A 279 30.70 22.54 -28.14
C LYS A 279 29.68 22.30 -29.25
N ILE A 280 28.85 23.29 -29.56
CA ILE A 280 27.90 23.14 -30.66
C ILE A 280 28.23 24.11 -31.78
N ASN A 281 28.42 23.54 -32.96
CA ASN A 281 28.81 24.31 -34.12
C ASN A 281 27.56 24.95 -34.66
N ALA A 282 27.48 26.28 -34.62
CA ALA A 282 26.36 27.01 -35.20
C ALA A 282 26.10 26.70 -36.66
N ALA A 283 27.16 26.45 -37.43
CA ALA A 283 27.05 26.17 -38.84
C ALA A 283 26.26 24.90 -39.14
N TRP A 284 26.18 23.98 -38.16
CA TRP A 284 25.35 22.77 -38.33
C TRP A 284 23.92 23.14 -38.69
N PHE A 285 23.49 24.33 -38.26
CA PHE A 285 22.09 24.74 -38.42
C PHE A 285 21.87 25.70 -39.57
N LYS A 286 22.91 25.99 -40.36
CA LYS A 286 22.82 27.03 -41.40
C LYS A 286 21.73 26.77 -42.44
N ASN A 287 21.55 25.49 -42.78
CA ASN A 287 20.64 25.06 -43.83
C ASN A 287 19.40 24.32 -43.31
N MET A 288 19.00 24.61 -42.08
CA MET A 288 17.95 23.91 -41.35
C MET A 288 16.95 24.98 -40.89
N PRO A 289 16.37 25.70 -41.86
CA PRO A 289 15.55 26.84 -41.52
C PRO A 289 14.22 26.43 -40.85
N HIS A 290 13.84 25.16 -40.88
CA HIS A 290 12.55 24.73 -40.31
C HIS A 290 12.70 24.05 -38.95
N LEU A 291 13.89 24.02 -38.34
CA LEU A 291 14.08 23.13 -37.21
C LEU A 291 13.15 23.54 -36.06
N LYS A 292 12.47 22.54 -35.50
CA LYS A 292 11.41 22.82 -34.54
C LYS A 292 11.66 22.30 -33.14
N VAL A 293 12.22 21.11 -33.05
CA VAL A 293 12.53 20.41 -31.80
C VAL A 293 13.98 19.98 -31.77
N LEU A 294 14.72 20.48 -30.78
CA LEU A 294 16.13 20.15 -30.58
C LEU A 294 16.33 19.54 -29.19
N ASP A 295 16.73 18.27 -29.12
CA ASP A 295 17.05 17.61 -27.88
C ASP A 295 18.57 17.61 -27.68
N LEU A 296 19.03 18.26 -26.62
CA LEU A 296 20.45 18.31 -26.20
C LEU A 296 20.64 17.94 -24.72
N GLU A 297 19.89 16.96 -24.25
CA GLU A 297 19.89 16.53 -22.85
C GLU A 297 21.11 15.65 -22.62
N PHE A 298 21.58 15.54 -21.38
CA PHE A 298 22.71 14.68 -21.07
C PHE A 298 23.99 14.92 -21.87
N ASN A 299 24.33 16.18 -22.05
CA ASN A 299 25.62 16.59 -22.63
C ASN A 299 26.43 17.36 -21.57
N TYR A 300 27.46 18.11 -21.98
CA TYR A 300 28.21 18.95 -21.07
C TYR A 300 28.11 20.40 -21.48
N LEU A 301 26.89 20.89 -21.67
CA LEU A 301 26.68 22.17 -22.31
C LEU A 301 26.51 23.36 -21.38
N VAL A 302 26.90 23.30 -20.12
CA VAL A 302 26.83 24.49 -19.28
C VAL A 302 27.50 25.67 -19.97
N GLY A 303 28.65 25.45 -20.62
CA GLY A 303 29.34 26.59 -21.29
C GLY A 303 28.60 27.12 -22.52
N GLU A 304 28.04 26.22 -23.32
CA GLU A 304 27.24 26.70 -24.45
C GLU A 304 25.97 27.42 -24.05
N ILE A 305 25.42 27.09 -22.89
CA ILE A 305 24.17 27.69 -22.45
C ILE A 305 24.45 29.13 -22.06
N ALA A 306 25.61 29.35 -21.44
CA ALA A 306 26.12 30.71 -21.18
C ALA A 306 26.54 31.54 -22.41
N SER A 307 26.94 30.92 -23.51
CA SER A 307 27.42 31.63 -24.70
C SER A 307 26.60 31.33 -25.98
N GLY A 308 26.59 30.07 -26.38
CA GLY A 308 25.75 29.57 -27.45
C GLY A 308 25.47 30.39 -28.68
N ALA A 309 26.44 30.38 -29.58
CA ALA A 309 26.28 31.00 -30.87
C ALA A 309 25.18 30.30 -31.66
N PHE A 310 25.07 28.98 -31.56
CA PHE A 310 24.02 28.24 -32.24
C PHE A 310 22.58 28.70 -31.99
N LEU A 311 22.34 29.44 -30.91
CA LEU A 311 20.99 29.90 -30.54
C LEU A 311 20.52 30.98 -31.52
N THR A 312 21.48 31.56 -32.24
CA THR A 312 21.22 32.61 -33.20
C THR A 312 20.65 32.05 -34.50
N MET A 313 20.81 30.74 -34.68
CA MET A 313 20.49 30.05 -35.94
C MET A 313 19.14 29.34 -35.93
N LEU A 314 18.33 29.57 -34.90
CA LEU A 314 17.14 28.75 -34.70
C LEU A 314 15.89 29.59 -34.45
N PRO A 315 15.59 30.57 -35.33
CA PRO A 315 14.40 31.35 -35.03
C PRO A 315 13.06 30.65 -35.26
N ARG A 316 12.98 29.40 -35.72
CA ARG A 316 11.68 28.69 -35.78
C ARG A 316 11.57 27.57 -34.75
N LEU A 317 12.59 27.44 -33.90
CA LEU A 317 12.59 26.39 -32.90
C LEU A 317 11.46 26.61 -31.89
N GLU A 318 10.74 25.55 -31.56
CA GLU A 318 9.65 25.67 -30.59
C GLU A 318 9.96 24.94 -29.26
N ILE A 319 10.71 23.85 -29.32
CA ILE A 319 11.01 23.06 -28.13
C ILE A 319 12.51 22.86 -28.04
N LEU A 320 13.09 23.30 -26.94
CA LEU A 320 14.51 23.13 -26.65
C LEU A 320 14.72 22.43 -25.30
N ASP A 321 15.35 21.26 -25.35
CA ASP A 321 15.53 20.45 -24.17
C ASP A 321 17.02 20.38 -23.84
N LEU A 322 17.37 21.04 -22.73
CA LEU A 322 18.73 21.13 -22.25
C LEU A 322 18.90 20.46 -20.91
N SER A 323 18.06 19.47 -20.63
CA SER A 323 18.02 18.85 -19.33
C SER A 323 19.27 18.02 -19.03
N PHE A 324 19.65 17.93 -17.75
CA PHE A 324 20.77 17.14 -17.29
C PHE A 324 22.08 17.44 -18.01
N ASN A 325 22.41 18.71 -18.14
CA ASN A 325 23.71 19.14 -18.60
C ASN A 325 24.61 19.63 -17.43
N TYR A 326 24.26 19.20 -16.22
CA TYR A 326 24.97 19.58 -15.00
C TYR A 326 26.43 19.22 -15.04
N ILE A 327 27.25 20.04 -14.39
CA ILE A 327 28.68 19.70 -14.15
C ILE A 327 28.79 18.80 -12.94
N LYS A 328 29.43 17.64 -13.05
CA LYS A 328 29.44 16.73 -11.92
C LYS A 328 30.05 17.37 -10.69
N GLY A 329 29.38 17.24 -9.55
CA GLY A 329 29.85 17.78 -8.28
C GLY A 329 29.79 19.27 -8.17
N SER A 330 29.15 19.96 -9.11
CA SER A 330 29.15 21.41 -9.05
C SER A 330 27.78 21.95 -8.69
N TYR A 331 27.71 22.88 -7.74
CA TYR A 331 26.46 23.45 -7.25
C TYR A 331 26.57 24.95 -7.25
N PRO A 332 26.55 25.59 -8.43
CA PRO A 332 26.65 27.04 -8.54
C PRO A 332 25.48 27.83 -7.99
N GLN A 333 25.75 29.10 -7.64
CA GLN A 333 24.75 29.97 -7.05
C GLN A 333 23.61 30.25 -8.02
N HIS A 334 23.97 30.40 -9.30
CA HIS A 334 23.04 30.95 -10.29
C HIS A 334 23.12 30.12 -11.59
N ILE A 335 22.07 30.15 -12.37
CA ILE A 335 22.08 29.63 -13.72
C ILE A 335 22.55 30.79 -14.61
N ASN A 336 23.38 30.52 -15.64
CA ASN A 336 23.87 31.48 -16.62
C ASN A 336 23.34 31.13 -18.02
N ILE A 337 22.35 31.92 -18.42
CA ILE A 337 21.63 31.78 -19.69
C ILE A 337 22.20 32.88 -20.59
N SER A 338 22.77 32.52 -21.72
CA SER A 338 23.19 33.53 -22.67
C SER A 338 22.09 34.49 -23.08
N ARG A 339 22.44 35.75 -23.26
CA ARG A 339 21.61 36.67 -24.01
C ARG A 339 21.10 36.17 -25.37
N ASN A 340 21.84 35.28 -26.05
CA ASN A 340 21.34 34.71 -27.29
C ASN A 340 20.04 33.90 -27.24
N PHE A 341 19.57 33.58 -26.04
CA PHE A 341 18.28 32.92 -25.90
C PHE A 341 17.18 33.83 -26.42
N SER A 342 17.44 35.14 -26.40
CA SER A 342 16.48 36.10 -26.90
C SER A 342 16.23 36.06 -28.40
N LYS A 343 17.05 35.32 -29.13
CA LYS A 343 16.83 35.09 -30.57
C LYS A 343 15.86 33.94 -30.90
N LEU A 344 15.50 33.15 -29.88
CA LEU A 344 14.64 31.98 -30.10
C LEU A 344 13.17 32.42 -30.16
N LEU A 345 12.85 33.19 -31.20
CA LEU A 345 11.63 33.97 -31.24
C LEU A 345 10.41 33.04 -31.24
N SER A 346 10.53 31.82 -31.79
CA SER A 346 9.40 30.92 -31.81
C SER A 346 9.28 29.97 -30.60
N LEU A 347 10.14 30.16 -29.61
CA LEU A 347 10.24 29.16 -28.56
C LEU A 347 8.95 29.10 -27.75
N ARG A 348 8.47 27.88 -27.58
CA ARG A 348 7.28 27.54 -26.79
C ARG A 348 7.53 26.86 -25.46
N ALA A 349 8.48 25.91 -25.45
CA ALA A 349 8.89 25.21 -24.25
C ALA A 349 10.41 25.15 -24.08
N LEU A 350 10.87 25.42 -22.86
CA LEU A 350 12.28 25.33 -22.48
C LEU A 350 12.47 24.45 -21.29
N HIS A 351 13.19 23.34 -21.51
CA HIS A 351 13.43 22.36 -20.50
C HIS A 351 14.85 22.49 -19.97
N LEU A 352 14.96 22.79 -18.69
CA LEU A 352 16.23 22.98 -17.98
C LEU A 352 16.28 22.25 -16.67
N ARG A 353 15.86 21.00 -16.71
CA ARG A 353 15.99 20.06 -15.60
C ARG A 353 17.46 19.81 -15.39
N GLY A 354 17.84 19.58 -14.15
CA GLY A 354 19.14 19.01 -13.87
C GLY A 354 20.33 19.81 -14.38
N TYR A 355 20.24 21.13 -14.36
CA TYR A 355 21.42 21.98 -14.50
C TYR A 355 22.17 22.10 -13.17
N VAL A 356 21.41 22.21 -12.08
CA VAL A 356 21.88 22.24 -10.68
C VAL A 356 22.41 23.61 -10.29
N PHE A 357 21.62 24.30 -9.46
CA PHE A 357 21.90 25.67 -9.04
C PHE A 357 21.03 26.07 -7.84
N GLN A 358 21.51 27.08 -7.10
CA GLN A 358 21.00 27.29 -5.76
C GLN A 358 19.87 28.29 -5.74
N GLU A 359 20.02 29.31 -6.56
CA GLU A 359 19.13 30.43 -6.50
C GLU A 359 18.77 30.94 -7.89
N LEU A 360 17.49 31.25 -8.12
CA LEU A 360 17.06 31.86 -9.37
C LEU A 360 16.71 33.33 -9.14
N ARG A 361 17.46 34.24 -9.74
CA ARG A 361 17.22 35.68 -9.56
C ARG A 361 16.51 36.22 -10.78
N GLU A 362 15.87 37.39 -10.65
CA GLU A 362 15.11 37.94 -11.78
C GLU A 362 15.99 38.27 -13.00
N ASP A 363 17.22 38.71 -12.75
CA ASP A 363 18.14 39.00 -13.83
C ASP A 363 18.56 37.78 -14.63
N ASP A 364 18.62 36.62 -13.99
CA ASP A 364 19.15 35.45 -14.67
C ASP A 364 18.29 35.03 -15.88
N PHE A 365 16.99 35.34 -15.88
CA PHE A 365 16.11 34.98 -16.97
C PHE A 365 15.69 36.12 -17.90
N GLN A 366 16.39 37.26 -17.88
CA GLN A 366 16.01 38.38 -18.75
C GLN A 366 16.01 37.97 -20.21
N PRO A 367 16.98 37.15 -20.64
CA PRO A 367 16.93 36.89 -22.10
C PRO A 367 15.63 36.17 -22.57
N LEU A 368 14.85 35.62 -21.65
CA LEU A 368 13.72 34.78 -22.00
C LEU A 368 12.42 35.57 -22.02
N MET A 369 12.48 36.77 -21.46
CA MET A 369 11.31 37.51 -21.04
C MET A 369 10.50 38.18 -22.15
N GLN A 370 11.09 38.39 -23.32
CA GLN A 370 10.26 38.93 -24.40
C GLN A 370 9.91 37.89 -25.46
N LEU A 371 10.20 36.61 -25.24
CA LEU A 371 9.81 35.59 -26.20
C LEU A 371 8.29 35.45 -26.12
N PRO A 372 7.60 35.72 -27.23
CA PRO A 372 6.15 35.92 -27.13
C PRO A 372 5.39 34.65 -26.80
N ASN A 373 5.92 33.51 -27.25
CA ASN A 373 5.17 32.27 -27.16
C ASN A 373 5.72 31.29 -26.13
N LEU A 374 6.70 31.73 -25.35
CA LEU A 374 7.30 30.80 -24.40
C LEU A 374 6.27 30.53 -23.31
N SER A 375 5.68 29.35 -23.35
CA SER A 375 4.57 28.99 -22.47
C SER A 375 4.98 28.11 -21.33
N THR A 376 6.02 27.33 -21.54
CA THR A 376 6.45 26.36 -20.59
C THR A 376 7.91 26.58 -20.24
N ILE A 377 8.14 26.63 -18.94
CA ILE A 377 9.51 26.65 -18.42
C ILE A 377 9.58 25.53 -17.40
N ASN A 378 10.56 24.64 -17.61
CA ASN A 378 10.76 23.50 -16.75
C ASN A 378 12.12 23.57 -16.05
N LEU A 379 12.08 23.67 -14.71
CA LEU A 379 13.24 23.71 -13.81
C LEU A 379 13.21 22.58 -12.80
N GLY A 380 12.60 21.47 -13.18
CA GLY A 380 12.57 20.33 -12.31
C GLY A 380 13.98 19.84 -11.99
N ILE A 381 14.12 19.33 -10.76
CA ILE A 381 15.34 18.67 -10.30
C ILE A 381 16.61 19.48 -10.51
N ASN A 382 16.63 20.65 -9.90
CA ASN A 382 17.82 21.46 -9.86
C ASN A 382 18.36 21.76 -8.46
N PHE A 383 17.75 21.18 -7.42
CA PHE A 383 18.11 21.50 -6.05
C PHE A 383 18.09 22.98 -5.75
N ILE A 384 17.18 23.70 -6.38
CA ILE A 384 17.04 25.13 -6.18
C ILE A 384 16.51 25.39 -4.76
N LYS A 385 17.16 26.32 -4.09
CA LYS A 385 16.87 26.65 -2.70
C LYS A 385 16.02 27.90 -2.59
N GLN A 386 16.14 28.83 -3.53
CA GLN A 386 15.28 30.00 -3.48
C GLN A 386 14.98 30.54 -4.84
N ILE A 387 13.81 31.15 -4.97
CA ILE A 387 13.43 31.76 -6.22
C ILE A 387 12.83 33.13 -5.97
N ASP A 388 13.24 34.09 -6.79
CA ASP A 388 12.65 35.41 -6.82
C ASP A 388 11.37 35.36 -7.69
N PHE A 389 10.27 34.97 -7.06
CA PHE A 389 9.04 34.62 -7.78
C PHE A 389 8.48 35.66 -8.73
N LYS A 390 8.75 36.92 -8.40
CA LYS A 390 8.24 38.04 -9.18
C LYS A 390 8.71 38.01 -10.63
N LEU A 391 9.83 37.35 -10.88
CA LEU A 391 10.34 37.24 -12.25
C LEU A 391 9.33 36.62 -13.20
N PHE A 392 8.50 35.69 -12.75
CA PHE A 392 7.63 35.03 -13.70
C PHE A 392 6.57 35.92 -14.36
N GLN A 393 6.05 36.90 -13.62
CA GLN A 393 5.19 37.96 -14.17
C GLN A 393 5.76 38.74 -15.36
N ASN A 394 7.06 39.07 -15.34
CA ASN A 394 7.72 39.83 -16.39
C ASN A 394 7.93 39.06 -17.70
N PHE A 395 7.56 37.77 -17.74
CA PHE A 395 7.54 37.06 -19.02
C PHE A 395 6.32 37.48 -19.83
N SER A 396 6.35 37.22 -21.13
CA SER A 396 5.24 37.64 -21.97
C SER A 396 3.98 36.89 -21.62
N ASN A 397 4.09 35.56 -21.63
CA ASN A 397 2.96 34.71 -21.35
C ASN A 397 3.18 33.25 -20.89
N LEU A 398 3.73 33.04 -19.70
CA LEU A 398 3.92 31.68 -19.18
C LEU A 398 2.58 31.07 -18.78
N GLU A 399 2.32 29.82 -19.16
CA GLU A 399 1.16 29.06 -18.70
C GLU A 399 1.53 27.89 -17.82
N ILE A 400 2.78 27.45 -17.92
CA ILE A 400 3.27 26.33 -17.12
C ILE A 400 4.61 26.70 -16.50
N ILE A 401 4.61 26.85 -15.19
CA ILE A 401 5.81 27.18 -14.44
C ILE A 401 6.17 25.95 -13.63
N TYR A 402 7.10 25.14 -14.13
CA TYR A 402 7.28 23.84 -13.53
C TYR A 402 8.54 23.77 -12.64
N LEU A 403 8.32 23.70 -11.31
CA LEU A 403 9.38 23.79 -10.31
C LEU A 403 9.44 22.62 -9.36
N SER A 404 8.87 21.50 -9.78
CA SER A 404 8.77 20.29 -8.98
C SER A 404 10.15 19.70 -8.73
N GLU A 405 10.33 19.19 -7.51
CA GLU A 405 11.51 18.49 -7.12
C GLU A 405 12.72 19.42 -7.04
N ASN A 406 12.67 20.34 -6.09
CA ASN A 406 13.73 21.31 -5.78
C ASN A 406 13.90 21.38 -4.25
N ARG A 407 14.43 22.48 -3.71
CA ARG A 407 14.64 22.63 -2.25
C ARG A 407 13.98 23.93 -1.82
N ILE A 408 12.91 24.32 -2.51
CA ILE A 408 12.29 25.64 -2.23
C ILE A 408 11.67 25.56 -0.86
N SER A 409 11.94 26.59 -0.08
CA SER A 409 11.46 26.61 1.26
C SER A 409 10.68 27.85 1.55
N PRO A 410 10.16 27.93 2.85
CA PRO A 410 9.32 29.11 3.08
C PRO A 410 10.04 30.45 2.84
N LEU A 411 9.29 31.36 2.26
CA LEU A 411 9.83 32.63 1.88
C LEU A 411 10.29 33.43 3.07
N VAL A 412 11.43 34.05 2.89
CA VAL A 412 12.04 34.84 3.91
C VAL A 412 12.51 36.10 3.25
N THR A 435 5.14 -8.68 -23.01
CA THR A 435 5.98 -7.51 -22.75
C THR A 435 6.57 -7.71 -21.36
N ASP A 436 7.73 -7.11 -21.17
CA ASP A 436 8.44 -7.16 -19.89
C ASP A 436 9.36 -5.94 -19.69
N PHE A 437 9.36 -4.96 -20.60
CA PHE A 437 10.62 -4.29 -20.94
C PHE A 437 11.09 -3.23 -19.99
N GLU A 438 12.37 -3.28 -19.63
CA GLU A 438 12.84 -2.23 -18.76
C GLU A 438 12.62 -0.91 -19.46
N PHE A 439 13.08 -0.80 -20.71
CA PHE A 439 12.89 0.42 -21.47
C PHE A 439 11.96 0.11 -22.64
N ASP A 440 10.85 0.84 -22.68
CA ASP A 440 9.81 0.59 -23.69
C ASP A 440 10.45 0.99 -25.02
N PRO A 441 10.65 0.04 -25.96
CA PRO A 441 11.29 0.46 -27.21
C PRO A 441 10.43 1.36 -28.07
N HIS A 442 9.19 1.60 -27.67
CA HIS A 442 8.35 2.49 -28.46
C HIS A 442 8.20 3.84 -27.78
N SER A 443 8.96 4.11 -26.72
CA SER A 443 8.96 5.41 -26.02
C SER A 443 10.27 6.13 -26.17
N ASN A 444 10.28 7.40 -25.79
CA ASN A 444 11.49 8.23 -25.69
C ASN A 444 12.36 7.69 -24.57
N PHE A 445 13.64 7.49 -24.85
CA PHE A 445 14.48 6.82 -23.87
C PHE A 445 15.01 7.81 -22.85
N TYR A 446 15.11 9.08 -23.23
CA TYR A 446 15.85 10.02 -22.38
C TYR A 446 14.96 10.79 -21.39
N HIS A 447 13.65 10.80 -21.61
CA HIS A 447 12.73 11.32 -20.59
C HIS A 447 11.31 10.73 -20.70
N PHE A 448 10.48 10.98 -19.70
CA PHE A 448 9.07 10.59 -19.74
C PHE A 448 8.36 11.56 -20.70
N THR A 449 7.29 11.15 -21.35
CA THR A 449 6.55 12.04 -22.28
C THR A 449 5.18 12.52 -21.76
N ARG A 450 4.85 12.14 -20.55
CA ARG A 450 3.62 12.64 -19.92
C ARG A 450 3.60 14.16 -19.78
N PRO A 451 2.39 14.75 -19.75
CA PRO A 451 2.31 16.21 -19.53
C PRO A 451 2.95 16.54 -18.20
N LEU A 452 3.57 17.72 -18.11
CA LEU A 452 4.22 18.11 -16.88
C LEU A 452 3.19 18.32 -15.77
N ILE A 453 2.06 18.93 -16.16
CA ILE A 453 0.93 19.22 -15.27
C ILE A 453 -0.25 18.34 -15.68
N LYS A 454 -0.99 17.84 -14.71
CA LYS A 454 -2.16 17.05 -15.01
C LYS A 454 -3.05 17.92 -15.91
N PRO A 455 -3.56 17.38 -17.03
CA PRO A 455 -4.35 18.17 -17.99
C PRO A 455 -5.64 18.77 -17.38
N GLN A 456 -6.25 18.04 -16.46
CA GLN A 456 -7.45 18.55 -15.76
C GLN A 456 -7.15 19.82 -14.97
N CYS A 457 -5.92 19.96 -14.47
CA CYS A 457 -5.55 21.16 -13.72
C CYS A 457 -5.13 22.29 -14.67
N ALA A 458 -4.29 21.92 -15.63
CA ALA A 458 -3.76 22.85 -16.63
C ALA A 458 -4.89 23.47 -17.44
N ALA A 459 -5.92 22.68 -17.73
CA ALA A 459 -7.08 23.17 -18.46
C ALA A 459 -7.64 24.44 -17.84
N TYR A 460 -7.44 24.69 -16.55
CA TYR A 460 -8.04 25.86 -15.90
C TYR A 460 -7.34 27.17 -16.16
N GLY A 461 -6.10 27.08 -16.63
CA GLY A 461 -5.32 28.29 -16.83
C GLY A 461 -3.88 28.07 -16.35
N LYS A 462 -3.26 29.16 -15.97
CA LYS A 462 -1.83 29.23 -15.66
C LYS A 462 -1.54 28.35 -14.45
N ALA A 463 -0.45 27.58 -14.57
CA ALA A 463 -0.13 26.54 -13.61
C ALA A 463 1.22 26.84 -12.99
N LEU A 464 1.26 26.71 -11.67
CA LEU A 464 2.48 26.77 -10.87
C LEU A 464 2.66 25.44 -10.14
N ASP A 465 3.65 24.65 -10.51
CA ASP A 465 3.86 23.37 -9.84
C ASP A 465 5.07 23.47 -8.93
N LEU A 466 4.77 23.46 -7.63
CA LEU A 466 5.79 23.52 -6.59
C LEU A 466 5.85 22.24 -5.80
N SER A 467 5.44 21.13 -6.41
CA SER A 467 5.42 19.88 -5.69
C SER A 467 6.82 19.43 -5.34
N LEU A 468 6.94 18.55 -4.35
CA LEU A 468 8.20 17.93 -4.00
C LEU A 468 9.29 18.94 -3.71
N ASN A 469 8.94 19.88 -2.87
CA ASN A 469 9.83 20.93 -2.37
C ASN A 469 9.78 20.91 -0.85
N SER A 470 10.14 22.00 -0.17
CA SER A 470 10.17 22.04 1.28
C SER A 470 9.43 23.27 1.78
N ILE A 471 8.32 23.57 1.14
CA ILE A 471 7.46 24.64 1.59
C ILE A 471 6.56 24.17 2.73
N PHE A 472 7.18 24.08 3.90
CA PHE A 472 6.54 23.41 5.04
C PHE A 472 5.56 24.32 5.74
N PHE A 473 5.67 25.62 5.47
CA PHE A 473 4.83 26.64 6.12
C PHE A 473 4.57 27.67 5.05
N ILE A 474 3.30 27.99 4.76
CA ILE A 474 2.96 29.08 3.84
C ILE A 474 2.75 30.37 4.64
N GLY A 475 3.74 31.24 4.56
CA GLY A 475 3.70 32.55 5.22
C GLY A 475 2.95 33.62 4.46
N PRO A 476 2.77 34.80 5.09
CA PRO A 476 1.96 35.86 4.50
C PRO A 476 2.32 36.33 3.09
N ASN A 477 3.57 36.22 2.66
CA ASN A 477 3.98 36.80 1.38
C ASN A 477 4.49 35.78 0.36
N GLN A 478 4.27 34.51 0.66
CA GLN A 478 4.80 33.43 -0.14
C GLN A 478 4.46 33.55 -1.60
N PHE A 479 3.24 34.00 -1.87
CA PHE A 479 2.63 34.02 -3.18
C PHE A 479 2.43 35.41 -3.79
N GLU A 480 3.01 36.42 -3.16
CA GLU A 480 3.18 37.76 -3.70
C GLU A 480 3.79 37.78 -5.13
N ASN A 481 3.32 38.71 -5.95
CA ASN A 481 3.93 39.06 -7.23
C ASN A 481 3.84 37.97 -8.29
N LEU A 482 2.82 37.13 -8.19
CA LEU A 482 2.68 36.03 -9.11
C LEU A 482 1.63 36.38 -10.12
N PRO A 483 1.62 35.68 -11.25
CA PRO A 483 0.52 35.86 -12.18
C PRO A 483 -0.75 35.33 -11.54
N ASP A 484 -1.79 35.31 -12.37
CA ASP A 484 -3.11 34.88 -11.94
C ASP A 484 -3.13 33.35 -12.05
N ILE A 485 -2.60 32.70 -11.02
CA ILE A 485 -2.49 31.24 -11.05
C ILE A 485 -3.88 30.63 -10.92
N ALA A 486 -4.20 29.71 -11.82
CA ALA A 486 -5.39 28.91 -11.76
C ALA A 486 -5.18 27.48 -11.28
N CYS A 487 -3.96 26.94 -11.44
CA CYS A 487 -3.65 25.53 -11.18
C CYS A 487 -2.39 25.49 -10.33
N LEU A 488 -2.52 25.02 -9.10
CA LEU A 488 -1.46 25.19 -8.12
C LEU A 488 -1.22 23.83 -7.51
N ASN A 489 0.03 23.37 -7.61
CA ASN A 489 0.44 22.09 -7.03
C ASN A 489 1.42 22.32 -5.88
N LEU A 490 0.97 21.98 -4.68
CA LEU A 490 1.80 21.96 -3.51
C LEU A 490 1.97 20.58 -2.90
N SER A 491 1.69 19.51 -3.65
CA SER A 491 1.91 18.18 -3.15
C SER A 491 3.31 18.00 -2.58
N ALA A 492 3.42 17.22 -1.55
CA ALA A 492 4.66 16.70 -0.99
C ALA A 492 5.63 17.81 -0.64
N ASN A 493 5.19 18.71 0.24
CA ASN A 493 5.99 19.78 0.80
C ASN A 493 6.12 19.69 2.30
N SER A 494 5.80 18.52 2.84
CA SER A 494 5.81 18.28 4.26
C SER A 494 5.17 19.45 5.03
N ASN A 495 4.03 19.93 4.51
CA ASN A 495 3.33 21.03 5.13
C ASN A 495 2.46 20.57 6.29
N ALA A 496 2.78 21.08 7.48
CA ALA A 496 2.09 20.67 8.69
C ALA A 496 1.24 21.80 9.33
N GLN A 497 0.97 22.86 8.57
CA GLN A 497 0.37 24.05 9.18
C GLN A 497 -1.16 23.91 9.28
N VAL A 498 -1.76 24.83 10.01
CA VAL A 498 -3.20 25.00 10.13
C VAL A 498 -3.64 26.06 9.12
N LEU A 499 -4.09 25.70 7.94
CA LEU A 499 -4.56 26.72 7.02
C LEU A 499 -5.78 27.40 7.67
N SER A 500 -5.91 28.71 7.46
CA SER A 500 -6.75 29.56 8.31
C SER A 500 -7.43 30.67 7.50
N GLY A 501 -7.37 30.61 6.17
CA GLY A 501 -8.20 31.45 5.34
C GLY A 501 -7.51 32.66 4.76
N THR A 502 -6.23 32.81 5.00
CA THR A 502 -5.52 33.95 4.40
C THR A 502 -4.31 33.53 3.55
N GLU A 503 -3.94 32.25 3.53
CA GLU A 503 -2.65 31.87 2.98
C GLU A 503 -2.56 32.05 1.49
N PHE A 504 -3.70 31.92 0.81
CA PHE A 504 -3.74 32.01 -0.63
C PHE A 504 -4.39 33.34 -1.09
N SER A 505 -4.39 34.34 -0.20
CA SER A 505 -5.01 35.63 -0.50
C SER A 505 -4.43 36.35 -1.72
N ALA A 506 -3.18 36.09 -2.08
CA ALA A 506 -2.50 36.77 -3.17
C ALA A 506 -2.72 36.09 -4.49
N ILE A 507 -3.27 34.88 -4.50
CA ILE A 507 -3.68 34.18 -5.70
C ILE A 507 -5.05 33.60 -5.46
N PRO A 508 -6.06 34.47 -5.37
CA PRO A 508 -7.36 34.07 -4.89
C PRO A 508 -8.20 33.43 -5.97
N HIS A 509 -7.70 33.33 -7.21
CA HIS A 509 -8.48 32.69 -8.26
C HIS A 509 -7.99 31.29 -8.58
N VAL A 510 -7.28 30.68 -7.66
CA VAL A 510 -6.95 29.29 -7.90
C VAL A 510 -8.22 28.48 -8.10
N LYS A 511 -8.29 27.71 -9.16
CA LYS A 511 -9.43 26.85 -9.45
C LYS A 511 -9.19 25.38 -9.14
N TYR A 512 -7.94 24.96 -9.18
CA TYR A 512 -7.57 23.56 -8.97
C TYR A 512 -6.33 23.58 -8.07
N LEU A 513 -6.51 23.08 -6.85
CA LEU A 513 -5.52 23.10 -5.80
C LEU A 513 -5.15 21.68 -5.40
N ASP A 514 -3.86 21.33 -5.53
CA ASP A 514 -3.36 20.01 -5.13
C ASP A 514 -2.49 20.17 -3.89
N LEU A 515 -3.01 19.67 -2.77
CA LEU A 515 -2.29 19.67 -1.50
C LEU A 515 -1.94 18.27 -1.01
N THR A 516 -1.91 17.29 -1.92
CA THR A 516 -1.71 15.90 -1.55
C THR A 516 -0.37 15.66 -0.86
N ASN A 517 -0.31 14.61 -0.03
CA ASN A 517 0.96 14.13 0.56
C ASN A 517 1.68 15.19 1.35
N ASN A 518 0.95 15.89 2.22
CA ASN A 518 1.51 16.80 3.17
C ASN A 518 1.19 16.23 4.56
N ARG A 519 1.26 17.04 5.62
CA ARG A 519 0.90 16.63 6.97
C ARG A 519 -0.09 17.63 7.56
N LEU A 520 -1.03 18.09 6.75
CA LEU A 520 -1.82 19.27 7.08
C LEU A 520 -2.67 19.00 8.33
N ASP A 521 -2.70 20.02 9.17
CA ASP A 521 -3.45 20.01 10.42
C ASP A 521 -4.74 20.82 10.20
N PHE A 522 -5.82 20.11 9.90
CA PHE A 522 -7.07 20.77 9.57
C PHE A 522 -7.77 21.18 10.86
N ASP A 523 -7.31 22.30 11.43
CA ASP A 523 -7.81 22.78 12.71
C ASP A 523 -8.38 24.21 12.60
N ASN A 524 -8.97 24.57 11.46
CA ASN A 524 -9.60 25.88 11.36
C ASN A 524 -10.68 25.87 10.31
N ALA A 525 -11.88 26.22 10.73
CA ALA A 525 -13.07 26.20 9.91
C ALA A 525 -13.04 27.17 8.73
N SER A 526 -12.15 28.16 8.75
CA SER A 526 -11.97 29.07 7.60
C SER A 526 -10.91 28.69 6.55
N ALA A 527 -10.24 27.56 6.73
CA ALA A 527 -9.20 27.07 5.81
C ALA A 527 -9.59 27.14 4.33
N LEU A 528 -8.71 27.72 3.51
CA LEU A 528 -8.94 27.76 2.07
C LEU A 528 -10.13 28.57 1.54
N THR A 529 -10.88 29.21 2.45
CA THR A 529 -12.08 29.94 2.05
C THR A 529 -11.86 31.23 1.24
N GLU A 530 -10.64 31.76 1.28
CA GLU A 530 -10.22 32.84 0.37
C GLU A 530 -10.30 32.47 -1.12
N LEU A 531 -10.32 31.17 -1.42
CA LEU A 531 -10.40 30.71 -2.78
C LEU A 531 -11.81 30.52 -3.28
N SER A 532 -12.48 31.65 -3.54
CA SER A 532 -13.90 31.66 -3.97
C SER A 532 -14.22 30.88 -5.22
N ASP A 533 -13.31 30.88 -6.17
CA ASP A 533 -13.56 30.19 -7.44
C ASP A 533 -13.10 28.71 -7.46
N LEU A 534 -12.72 28.16 -6.31
CA LEU A 534 -12.12 26.82 -6.28
C LEU A 534 -13.12 25.79 -6.73
N GLU A 535 -12.73 24.98 -7.74
CA GLU A 535 -13.55 23.92 -8.27
C GLU A 535 -13.06 22.52 -7.94
N VAL A 536 -11.75 22.36 -7.77
CA VAL A 536 -11.18 21.06 -7.49
C VAL A 536 -10.17 21.16 -6.38
N LEU A 537 -10.37 20.39 -5.32
CA LEU A 537 -9.46 20.40 -4.21
C LEU A 537 -9.00 18.99 -3.84
N ASP A 538 -7.68 18.73 -3.84
CA ASP A 538 -7.16 17.36 -3.58
C ASP A 538 -6.45 17.37 -2.23
N LEU A 539 -7.06 16.75 -1.23
CA LEU A 539 -6.42 16.68 0.08
C LEU A 539 -5.91 15.29 0.42
N SER A 540 -5.72 14.43 -0.58
CA SER A 540 -5.34 13.06 -0.39
C SER A 540 -4.03 12.97 0.37
N TYR A 541 -3.87 11.94 1.19
CA TYR A 541 -2.60 11.61 1.86
C TYR A 541 -2.14 12.71 2.78
N ASN A 542 -3.07 13.15 3.67
CA ASN A 542 -2.80 14.06 4.74
C ASN A 542 -3.31 13.39 6.04
N SER A 543 -3.09 12.09 6.16
CA SER A 543 -3.26 11.31 7.38
C SER A 543 -2.76 11.81 8.70
N HIS A 544 -1.63 12.51 8.67
CA HIS A 544 -0.80 12.73 9.84
C HIS A 544 -1.56 13.10 11.13
N TYR A 545 -2.42 14.10 11.07
CA TYR A 545 -3.20 14.55 12.22
C TYR A 545 -4.57 13.86 12.30
N PHE A 546 -5.18 13.51 11.17
CA PHE A 546 -6.44 12.75 11.19
C PHE A 546 -6.30 11.44 11.99
N ARG A 547 -5.11 10.88 12.00
CA ARG A 547 -4.83 9.63 12.68
C ARG A 547 -4.92 9.72 14.20
N ILE A 548 -4.69 10.89 14.76
CA ILE A 548 -4.54 11.04 16.19
C ILE A 548 -5.90 11.47 16.77
N ALA A 549 -6.48 10.63 17.63
CA ALA A 549 -7.83 10.83 18.16
C ALA A 549 -7.89 12.12 18.98
N GLY A 550 -6.89 12.32 19.83
CA GLY A 550 -6.85 13.42 20.77
C GLY A 550 -6.64 14.82 20.23
N VAL A 551 -6.17 15.00 19.00
CA VAL A 551 -6.12 16.34 18.47
C VAL A 551 -7.46 16.64 17.80
N THR A 552 -7.79 17.92 17.68
CA THR A 552 -9.02 18.35 17.01
C THR A 552 -8.85 18.32 15.46
N HIS A 553 -9.96 18.03 14.76
CA HIS A 553 -10.07 17.95 13.32
C HIS A 553 -11.36 18.64 12.81
N HIS A 554 -11.20 19.55 11.85
CA HIS A 554 -12.26 20.44 11.35
C HIS A 554 -12.33 20.46 9.84
N LEU A 555 -13.41 19.91 9.28
CA LEU A 555 -13.66 19.98 7.86
C LEU A 555 -14.82 20.90 7.39
N GLU A 556 -15.26 21.82 8.24
CA GLU A 556 -16.40 22.68 8.01
C GLU A 556 -16.21 23.61 6.84
N PHE A 557 -14.97 23.92 6.48
CA PHE A 557 -14.68 24.94 5.45
C PHE A 557 -15.35 24.51 4.16
N ILE A 558 -15.60 23.22 4.02
CA ILE A 558 -16.04 22.68 2.75
C ILE A 558 -17.34 23.33 2.26
N GLN A 559 -18.21 23.68 3.20
CA GLN A 559 -19.52 24.26 2.86
C GLN A 559 -19.40 25.67 2.29
N ASN A 560 -18.30 26.37 2.52
CA ASN A 560 -18.13 27.75 2.06
C ASN A 560 -17.98 28.01 0.59
N PHE A 561 -17.51 27.01 -0.11
CA PHE A 561 -17.28 27.14 -1.52
C PHE A 561 -18.57 27.07 -2.30
N THR A 562 -18.66 28.06 -3.17
CA THR A 562 -19.82 28.25 -4.01
C THR A 562 -19.71 27.45 -5.28
N ASN A 563 -18.47 27.18 -5.73
CA ASN A 563 -18.23 26.57 -7.03
C ASN A 563 -17.45 25.24 -6.93
N LEU A 564 -17.29 24.70 -5.72
CA LEU A 564 -16.53 23.43 -5.57
C LEU A 564 -17.25 22.25 -6.17
N LYS A 565 -16.59 21.56 -7.12
CA LYS A 565 -17.17 20.43 -7.79
C LYS A 565 -16.61 19.05 -7.44
N VAL A 566 -15.32 19.02 -7.15
CA VAL A 566 -14.61 17.78 -6.91
C VAL A 566 -13.76 17.97 -5.65
N LEU A 567 -13.96 17.07 -4.69
CA LEU A 567 -13.18 16.99 -3.49
C LEU A 567 -12.67 15.57 -3.27
N ASN A 568 -11.35 15.49 -3.08
CA ASN A 568 -10.72 14.21 -2.84
C ASN A 568 -10.15 14.22 -1.44
N LEU A 569 -10.74 13.41 -0.55
CA LEU A 569 -10.25 13.23 0.83
C LEU A 569 -9.63 11.85 1.04
N SER A 570 -9.11 11.24 -0.02
CA SER A 570 -8.68 9.86 0.09
C SER A 570 -7.45 9.66 0.95
N HIS A 571 -7.36 8.46 1.49
CA HIS A 571 -6.17 8.06 2.26
C HIS A 571 -5.79 9.02 3.38
N ASN A 572 -6.80 9.48 4.08
CA ASN A 572 -6.58 10.38 5.18
C ASN A 572 -6.83 9.70 6.54
N ASN A 573 -7.31 8.46 6.59
CA ASN A 573 -7.54 7.77 7.88
C ASN A 573 -8.53 8.58 8.73
N ILE A 574 -9.53 9.18 8.09
CA ILE A 574 -10.53 9.94 8.82
C ILE A 574 -11.40 8.98 9.65
N TYR A 575 -11.41 9.13 10.97
CA TYR A 575 -12.36 8.37 11.79
C TYR A 575 -13.00 9.16 12.89
N THR A 576 -12.60 10.41 13.05
CA THR A 576 -13.16 11.26 14.12
C THR A 576 -13.01 12.73 13.71
N LEU A 577 -14.11 13.49 13.87
CA LEU A 577 -14.07 14.94 13.74
C LEU A 577 -14.53 15.61 15.04
N THR A 578 -14.22 16.89 15.12
CA THR A 578 -14.53 17.71 16.26
C THR A 578 -15.81 18.54 16.02
N ASP A 579 -16.85 18.33 16.81
CA ASP A 579 -18.09 19.16 16.86
C ASP A 579 -18.96 19.04 15.66
N LYS A 580 -18.44 19.33 14.47
CA LYS A 580 -19.23 19.19 13.27
C LYS A 580 -18.89 17.88 12.56
N TYR A 581 -19.85 16.97 12.54
CA TYR A 581 -19.67 15.61 12.14
C TYR A 581 -20.03 15.40 10.68
N ASN A 582 -20.63 16.41 10.06
CA ASN A 582 -21.22 16.24 8.74
C ASN A 582 -20.49 17.02 7.65
N LEU A 583 -20.39 16.43 6.47
CA LEU A 583 -19.86 17.17 5.33
C LEU A 583 -21.04 17.80 4.56
N GLU A 584 -20.93 19.10 4.29
CA GLU A 584 -21.97 19.87 3.60
C GLU A 584 -21.45 20.70 2.46
N SER A 585 -22.19 20.71 1.36
CA SER A 585 -21.91 21.53 0.18
C SER A 585 -23.13 21.50 -0.71
N LYS A 586 -23.54 22.72 -1.11
CA LYS A 586 -24.58 22.87 -2.13
C LYS A 586 -24.15 22.61 -3.55
N SER A 587 -22.84 22.70 -3.83
CA SER A 587 -22.31 22.54 -5.19
C SER A 587 -21.59 21.21 -5.53
N LEU A 588 -20.92 20.58 -4.57
CA LEU A 588 -20.07 19.42 -4.83
C LEU A 588 -20.78 18.33 -5.60
N VAL A 589 -20.13 17.87 -6.67
CA VAL A 589 -20.61 16.78 -7.49
C VAL A 589 -19.89 15.47 -7.23
N GLU A 590 -18.66 15.53 -6.75
CA GLU A 590 -17.88 14.30 -6.62
C GLU A 590 -17.05 14.33 -5.35
N LEU A 591 -17.21 13.29 -4.55
CA LEU A 591 -16.48 13.08 -3.31
C LEU A 591 -15.75 11.77 -3.30
N VAL A 592 -14.45 11.86 -3.09
CA VAL A 592 -13.64 10.65 -3.03
C VAL A 592 -13.27 10.51 -1.57
N PHE A 593 -13.75 9.40 -0.99
CA PHE A 593 -13.59 9.19 0.44
C PHE A 593 -12.87 7.87 0.69
N SER A 594 -12.17 7.35 -0.30
CA SER A 594 -11.54 6.06 -0.15
C SER A 594 -10.39 6.13 0.84
N GLY A 595 -10.09 5.02 1.50
CA GLY A 595 -8.93 4.99 2.39
C GLY A 595 -9.11 5.77 3.67
N ASN A 596 -10.35 5.82 4.16
CA ASN A 596 -10.70 6.34 5.47
C ASN A 596 -11.30 5.25 6.37
N ARG A 597 -11.94 5.60 7.50
CA ARG A 597 -12.47 4.55 8.38
C ARG A 597 -13.96 4.72 8.69
N LEU A 598 -14.75 4.62 7.64
CA LEU A 598 -16.20 4.56 7.76
C LEU A 598 -16.67 3.39 8.62
N ASP A 599 -15.87 2.33 8.71
CA ASP A 599 -16.17 1.25 9.63
C ASP A 599 -16.22 1.77 11.05
N ILE A 600 -15.40 2.75 11.34
CA ILE A 600 -15.42 3.38 12.64
C ILE A 600 -16.49 4.48 12.75
N LEU A 601 -16.53 5.37 11.77
CA LEU A 601 -17.49 6.45 11.79
C LEU A 601 -18.92 5.92 11.90
N TRP A 602 -19.22 4.85 11.19
CA TRP A 602 -20.53 4.25 11.20
C TRP A 602 -20.67 3.01 12.13
N ASN A 603 -19.82 2.91 13.14
CA ASN A 603 -19.93 1.86 14.13
C ASN A 603 -21.36 1.88 14.67
N ASP A 604 -21.96 0.72 14.81
CA ASP A 604 -23.36 0.58 15.25
C ASP A 604 -23.68 1.24 16.58
N ASP A 605 -22.73 1.45 17.46
CA ASP A 605 -23.01 2.14 18.73
C ASP A 605 -22.86 3.66 18.70
N ASP A 606 -22.59 4.19 17.52
CA ASP A 606 -22.42 5.63 17.34
C ASP A 606 -23.42 6.16 16.28
N ASN A 607 -24.15 7.21 16.64
CA ASN A 607 -25.13 7.85 15.76
C ASN A 607 -24.61 9.11 15.11
N ARG A 608 -23.48 9.59 15.62
CA ARG A 608 -23.05 10.96 15.29
C ARG A 608 -22.75 11.20 13.81
N TYR A 609 -22.34 10.16 13.06
CA TYR A 609 -21.93 10.30 11.63
C TYR A 609 -22.89 9.67 10.64
N ILE A 610 -24.08 9.40 11.13
CA ILE A 610 -25.13 8.74 10.37
C ILE A 610 -25.65 9.62 9.22
N SER A 611 -25.37 10.91 9.22
CA SER A 611 -25.73 11.79 8.12
C SER A 611 -24.55 12.46 7.43
N ILE A 612 -23.38 11.83 7.54
CA ILE A 612 -22.12 12.48 7.15
C ILE A 612 -22.13 13.11 5.77
N PHE A 613 -22.73 12.41 4.80
CA PHE A 613 -22.76 12.85 3.41
C PHE A 613 -24.08 13.48 2.92
N LYS A 614 -25.11 13.45 3.76
CA LYS A 614 -26.47 13.88 3.39
C LYS A 614 -26.48 15.34 2.94
N GLY A 615 -25.69 16.16 3.59
CA GLY A 615 -25.61 17.60 3.25
C GLY A 615 -24.82 17.92 1.97
N LEU A 616 -24.38 16.91 1.23
CA LEU A 616 -23.78 17.16 -0.08
C LEU A 616 -24.90 17.06 -1.10
N LYS A 617 -25.62 18.16 -1.22
CA LYS A 617 -26.94 18.13 -1.85
C LYS A 617 -26.90 17.96 -3.34
N ASN A 618 -25.72 18.13 -3.93
CA ASN A 618 -25.61 18.08 -5.38
C ASN A 618 -24.79 16.90 -5.86
N LEU A 619 -24.40 16.03 -4.94
CA LEU A 619 -23.44 14.95 -5.26
C LEU A 619 -23.97 13.90 -6.18
N THR A 620 -23.21 13.52 -7.21
CA THR A 620 -23.59 12.42 -8.08
C THR A 620 -22.60 11.26 -8.06
N ARG A 621 -21.38 11.51 -7.60
CA ARG A 621 -20.33 10.48 -7.56
C ARG A 621 -19.71 10.42 -6.18
N LEU A 622 -19.79 9.23 -5.59
CA LEU A 622 -19.27 9.01 -4.26
C LEU A 622 -18.44 7.74 -4.26
N ASP A 623 -17.23 7.87 -3.70
CA ASP A 623 -16.31 6.75 -3.66
C ASP A 623 -16.03 6.38 -2.18
N LEU A 624 -16.51 5.21 -1.77
CA LEU A 624 -16.31 4.68 -0.41
C LEU A 624 -15.43 3.44 -0.35
N SER A 625 -14.58 3.30 -1.35
CA SER A 625 -13.71 2.11 -1.43
C SER A 625 -12.77 2.13 -0.24
N LEU A 626 -12.22 0.99 0.13
CA LEU A 626 -11.09 0.93 1.08
C LEU A 626 -11.38 1.62 2.44
N ASN A 627 -12.57 1.36 3.00
CA ASN A 627 -12.94 1.91 4.29
C ASN A 627 -13.21 0.85 5.34
N ARG A 628 -12.80 -0.37 5.02
CA ARG A 628 -12.90 -1.54 5.88
C ARG A 628 -14.31 -1.87 6.37
N LEU A 629 -15.30 -1.57 5.55
CA LEU A 629 -16.70 -1.78 5.94
C LEU A 629 -17.12 -3.24 5.88
N LYS A 630 -17.72 -3.71 6.97
CA LYS A 630 -18.25 -5.07 7.04
C LYS A 630 -19.75 -5.05 6.79
N HIS A 631 -20.38 -3.94 7.18
CA HIS A 631 -21.80 -3.73 6.89
C HIS A 631 -22.07 -2.25 7.06
N ILE A 632 -23.04 -1.71 6.32
CA ILE A 632 -23.39 -0.28 6.37
C ILE A 632 -24.75 -0.20 7.05
N PRO A 633 -24.89 0.53 8.18
CA PRO A 633 -26.20 0.61 8.82
C PRO A 633 -27.23 1.12 7.84
N ASN A 634 -28.46 0.61 7.96
CA ASN A 634 -29.49 0.95 6.98
C ASN A 634 -29.75 2.43 6.94
N GLU A 635 -29.85 3.06 8.11
CA GLU A 635 -30.10 4.50 8.17
C GLU A 635 -28.92 5.24 7.56
N ALA A 636 -27.69 4.74 7.71
CA ALA A 636 -26.55 5.40 7.10
C ALA A 636 -26.63 5.37 5.58
N PHE A 637 -26.93 4.21 5.01
CA PHE A 637 -27.13 4.08 3.59
C PHE A 637 -28.20 5.02 3.04
N LEU A 638 -29.29 5.11 3.79
CA LEU A 638 -30.43 5.87 3.34
C LEU A 638 -30.11 7.33 3.45
N ASN A 639 -29.15 7.73 4.27
CA ASN A 639 -28.74 9.13 4.27
C ASN A 639 -27.68 9.53 3.24
N LEU A 640 -27.31 8.64 2.33
CA LEU A 640 -26.46 9.04 1.23
C LEU A 640 -27.30 9.89 0.28
N PRO A 641 -26.71 10.85 -0.44
CA PRO A 641 -27.54 11.73 -1.26
C PRO A 641 -28.37 11.05 -2.34
N ALA A 642 -29.66 11.39 -2.37
CA ALA A 642 -30.61 10.88 -3.36
C ALA A 642 -30.20 11.19 -4.79
N SER A 643 -29.41 12.25 -4.95
CA SER A 643 -28.84 12.65 -6.23
C SER A 643 -27.82 11.73 -6.85
N LEU A 644 -27.35 10.70 -6.14
CA LEU A 644 -26.25 9.94 -6.72
C LEU A 644 -26.57 9.22 -8.02
N THR A 645 -25.60 9.27 -8.93
CA THR A 645 -25.64 8.40 -10.11
C THR A 645 -24.58 7.30 -10.10
N GLU A 646 -23.52 7.51 -9.32
CA GLU A 646 -22.39 6.59 -9.27
C GLU A 646 -21.92 6.39 -7.81
N LEU A 647 -21.98 5.16 -7.33
CA LEU A 647 -21.60 4.80 -5.96
C LEU A 647 -20.68 3.61 -5.92
N HIS A 648 -19.49 3.82 -5.38
CA HIS A 648 -18.47 2.79 -5.34
C HIS A 648 -18.28 2.38 -3.90
N ILE A 649 -18.40 1.08 -3.67
CA ILE A 649 -18.07 0.57 -2.33
C ILE A 649 -17.12 -0.63 -2.42
N ASN A 650 -16.21 -0.54 -3.37
CA ASN A 650 -15.42 -1.70 -3.73
C ASN A 650 -14.27 -1.79 -2.73
N ASP A 651 -13.71 -2.98 -2.54
CA ASP A 651 -12.53 -3.19 -1.69
C ASP A 651 -12.78 -2.77 -0.26
N ASN A 652 -13.89 -3.29 0.24
CA ASN A 652 -14.20 -3.31 1.64
C ASN A 652 -14.23 -4.77 2.05
N MET A 653 -15.04 -5.07 3.06
CA MET A 653 -15.20 -6.43 3.50
C MET A 653 -16.67 -6.72 3.69
N LEU A 654 -17.54 -6.14 2.86
CA LEU A 654 -18.98 -6.28 3.04
C LEU A 654 -19.47 -7.71 2.99
N LYS A 655 -20.25 -8.11 3.98
CA LYS A 655 -20.85 -9.44 3.97
C LYS A 655 -22.33 -9.33 3.62
N PHE A 656 -22.92 -8.16 3.85
CA PHE A 656 -24.34 -7.87 3.71
C PHE A 656 -24.50 -6.70 2.76
N PHE A 657 -25.49 -6.76 1.87
CA PHE A 657 -25.87 -5.54 1.18
C PHE A 657 -27.38 -5.44 1.07
N ASN A 658 -27.94 -4.34 1.56
CA ASN A 658 -29.40 -4.24 1.60
C ASN A 658 -29.97 -3.70 0.30
N TRP A 659 -30.35 -4.61 -0.57
CA TRP A 659 -30.78 -4.25 -1.93
C TRP A 659 -32.04 -3.39 -1.96
N THR A 660 -32.91 -3.58 -0.96
CA THR A 660 -34.20 -2.93 -1.00
C THR A 660 -33.94 -1.43 -0.90
N LEU A 661 -32.85 -1.01 -0.29
CA LEU A 661 -32.59 0.42 -0.18
C LEU A 661 -32.24 1.14 -1.50
N LEU A 662 -32.00 0.44 -2.61
CA LEU A 662 -31.85 1.12 -3.90
C LEU A 662 -33.13 1.83 -4.38
N GLN A 663 -34.23 1.60 -3.69
CA GLN A 663 -35.49 2.30 -3.90
C GLN A 663 -35.40 3.77 -3.59
N GLN A 664 -34.48 4.18 -2.72
CA GLN A 664 -34.35 5.63 -2.48
C GLN A 664 -33.34 6.33 -3.39
N PHE A 665 -32.84 5.64 -4.41
CA PHE A 665 -31.79 6.21 -5.25
C PHE A 665 -32.22 6.13 -6.69
N PRO A 666 -33.22 6.97 -7.03
CA PRO A 666 -33.85 6.89 -8.36
C PRO A 666 -33.00 7.35 -9.54
N ARG A 667 -31.85 7.96 -9.30
CA ARG A 667 -30.93 8.32 -10.39
C ARG A 667 -29.70 7.39 -10.51
N LEU A 668 -29.69 6.30 -9.74
CA LEU A 668 -28.46 5.53 -9.56
C LEU A 668 -28.23 4.72 -10.80
N GLU A 669 -27.09 4.96 -11.45
CA GLU A 669 -26.77 4.29 -12.69
C GLU A 669 -25.66 3.24 -12.56
N LEU A 670 -24.68 3.51 -11.71
CA LEU A 670 -23.54 2.60 -11.48
C LEU A 670 -23.37 2.30 -9.98
N LEU A 671 -23.41 1.01 -9.67
CA LEU A 671 -23.15 0.53 -8.33
C LEU A 671 -22.03 -0.45 -8.41
N ASP A 672 -20.96 -0.12 -7.71
CA ASP A 672 -19.76 -0.95 -7.79
C ASP A 672 -19.51 -1.56 -6.42
N LEU A 673 -19.62 -2.88 -6.32
CA LEU A 673 -19.43 -3.62 -5.08
C LEU A 673 -18.30 -4.63 -5.17
N ARG A 674 -17.36 -4.40 -6.09
CA ARG A 674 -16.30 -5.36 -6.35
C ARG A 674 -15.41 -5.47 -5.09
N GLY A 675 -14.83 -6.63 -4.92
CA GLY A 675 -13.81 -6.86 -3.87
C GLY A 675 -14.36 -6.85 -2.45
N ASN A 676 -15.47 -7.55 -2.25
CA ASN A 676 -16.11 -7.63 -0.95
C ASN A 676 -16.34 -9.12 -0.62
N LYS A 677 -17.24 -9.43 0.31
CA LYS A 677 -17.46 -10.84 0.70
C LYS A 677 -18.95 -11.18 0.59
N LEU A 678 -19.58 -10.64 -0.45
CA LEU A 678 -21.03 -10.78 -0.58
C LEU A 678 -21.41 -12.15 -1.06
N LEU A 679 -22.45 -12.72 -0.46
CA LEU A 679 -22.99 -14.03 -0.87
C LEU A 679 -24.33 -13.95 -1.57
N PHE A 680 -25.13 -12.98 -1.21
CA PHE A 680 -26.53 -13.11 -1.51
C PHE A 680 -26.82 -12.04 -2.54
N LEU A 681 -27.45 -12.43 -3.64
CA LEU A 681 -28.14 -11.47 -4.51
C LEU A 681 -29.67 -11.50 -4.35
N THR A 682 -30.28 -10.33 -4.31
CA THR A 682 -31.75 -10.24 -4.29
C THR A 682 -32.33 -10.84 -5.56
N ASP A 683 -33.51 -11.42 -5.44
CA ASP A 683 -34.24 -11.96 -6.59
C ASP A 683 -35.27 -10.96 -7.13
N SER A 684 -35.36 -9.79 -6.53
CA SER A 684 -36.40 -8.86 -7.02
C SER A 684 -35.82 -7.47 -7.21
N LEU A 685 -34.67 -7.48 -7.87
CA LEU A 685 -33.98 -6.22 -8.14
C LEU A 685 -34.82 -5.18 -8.88
N SER A 686 -35.68 -5.62 -9.79
CA SER A 686 -36.59 -4.72 -10.49
C SER A 686 -37.62 -4.04 -9.59
N ASP A 687 -37.91 -4.60 -8.42
CA ASP A 687 -38.72 -3.92 -7.40
C ASP A 687 -37.98 -2.72 -6.80
N PHE A 688 -36.65 -2.68 -6.89
CA PHE A 688 -35.91 -1.67 -6.15
C PHE A 688 -35.19 -0.63 -6.98
N THR A 689 -34.98 -0.90 -8.28
CA THR A 689 -34.40 0.13 -9.11
C THR A 689 -34.93 -0.02 -10.53
N SER A 690 -35.15 1.12 -11.18
CA SER A 690 -35.35 1.14 -12.62
C SER A 690 -34.32 1.99 -13.34
N SER A 691 -33.30 2.46 -12.62
CA SER A 691 -32.21 3.28 -13.16
C SER A 691 -30.87 2.57 -13.38
N LEU A 692 -30.63 1.47 -12.69
CA LEU A 692 -29.27 0.91 -12.59
C LEU A 692 -28.85 0.40 -13.96
N ARG A 693 -27.71 0.88 -14.45
CA ARG A 693 -27.19 0.39 -15.74
C ARG A 693 -25.97 -0.51 -15.63
N THR A 694 -25.16 -0.29 -14.60
CA THR A 694 -23.99 -1.13 -14.42
C THR A 694 -23.91 -1.59 -12.95
N LEU A 695 -23.69 -2.89 -12.78
CA LEU A 695 -23.58 -3.51 -11.48
C LEU A 695 -22.31 -4.32 -11.49
N LEU A 696 -21.37 -3.90 -10.65
CA LEU A 696 -20.07 -4.56 -10.64
C LEU A 696 -19.93 -5.37 -9.36
N LEU A 697 -19.88 -6.69 -9.53
CA LEU A 697 -19.88 -7.62 -8.41
C LEU A 697 -18.69 -8.57 -8.38
N SER A 698 -17.73 -8.31 -9.25
CA SER A 698 -16.45 -9.00 -9.27
C SER A 698 -15.78 -9.21 -7.91
N HIS A 699 -15.20 -10.39 -7.72
CA HIS A 699 -14.45 -10.71 -6.52
C HIS A 699 -15.31 -10.62 -5.29
N ASN A 700 -16.35 -11.45 -5.30
CA ASN A 700 -17.23 -11.63 -4.15
C ASN A 700 -17.41 -13.10 -3.93
N ARG A 701 -18.41 -13.50 -3.17
CA ARG A 701 -18.56 -14.94 -2.94
C ARG A 701 -19.95 -15.43 -3.36
N ILE A 702 -20.45 -14.94 -4.49
CA ILE A 702 -21.78 -15.28 -4.96
C ILE A 702 -21.70 -16.69 -5.55
N SER A 703 -22.52 -17.60 -5.06
CA SER A 703 -22.54 -18.98 -5.52
C SER A 703 -23.83 -19.32 -6.23
N HIS A 704 -24.82 -18.47 -6.15
CA HIS A 704 -26.10 -18.77 -6.78
C HIS A 704 -26.71 -17.51 -7.40
N LEU A 705 -27.14 -17.63 -8.65
CA LEU A 705 -27.93 -16.60 -9.29
C LEU A 705 -29.39 -17.00 -9.09
N PRO A 706 -30.17 -16.15 -8.42
CA PRO A 706 -31.52 -16.54 -8.08
C PRO A 706 -32.39 -16.60 -9.32
N SER A 707 -33.30 -17.56 -9.40
CA SER A 707 -34.40 -17.42 -10.35
C SER A 707 -35.22 -16.26 -9.82
N GLY A 708 -35.73 -15.40 -10.69
CA GLY A 708 -35.17 -15.09 -11.98
C GLY A 708 -34.55 -13.75 -11.64
N PHE A 709 -33.24 -13.76 -11.38
CA PHE A 709 -32.46 -12.53 -11.28
C PHE A 709 -32.46 -11.90 -12.67
N LEU A 710 -32.61 -10.57 -12.75
CA LEU A 710 -32.64 -9.91 -14.08
C LEU A 710 -34.03 -9.85 -14.76
N SER A 711 -35.03 -10.55 -14.22
CA SER A 711 -36.38 -10.43 -14.76
C SER A 711 -36.91 -9.02 -14.50
N GLU A 712 -37.36 -8.36 -15.56
CA GLU A 712 -37.93 -7.02 -15.53
C GLU A 712 -36.92 -5.92 -15.18
N VAL A 713 -35.61 -6.21 -15.07
CA VAL A 713 -34.65 -5.11 -14.79
C VAL A 713 -34.02 -4.66 -16.12
N SER A 714 -34.85 -3.87 -16.80
CA SER A 714 -34.62 -3.57 -18.20
C SER A 714 -33.46 -2.61 -18.39
N SER A 715 -33.21 -1.72 -17.43
CA SER A 715 -32.16 -0.71 -17.58
C SER A 715 -30.75 -1.29 -17.53
N LEU A 716 -30.57 -2.52 -17.04
CA LEU A 716 -29.20 -2.99 -16.74
C LEU A 716 -28.46 -3.39 -17.99
N LYS A 717 -27.38 -2.69 -18.32
CA LYS A 717 -26.53 -3.01 -19.51
C LYS A 717 -25.33 -3.91 -19.26
N HIS A 718 -24.72 -3.73 -18.09
CA HIS A 718 -23.44 -4.31 -17.75
C HIS A 718 -23.50 -4.94 -16.37
N LEU A 719 -23.39 -6.26 -16.37
CA LEU A 719 -23.36 -7.04 -15.17
C LEU A 719 -22.06 -7.81 -15.12
N ASP A 720 -21.33 -7.55 -14.04
CA ASP A 720 -20.00 -8.14 -13.84
C ASP A 720 -20.05 -9.11 -12.68
N LEU A 721 -20.04 -10.40 -13.01
CA LEU A 721 -20.03 -11.48 -12.03
C LEU A 721 -18.74 -12.30 -12.10
N SER A 722 -17.71 -11.73 -12.70
CA SER A 722 -16.45 -12.39 -12.71
C SER A 722 -15.90 -12.68 -11.30
N SER A 723 -15.02 -13.66 -11.25
CA SER A 723 -14.40 -14.07 -10.00
C SER A 723 -15.34 -14.21 -8.79
N ASN A 724 -16.42 -14.96 -8.93
CA ASN A 724 -17.24 -15.34 -7.80
C ASN A 724 -17.21 -16.84 -7.63
N LEU A 725 -18.23 -17.43 -7.03
CA LEU A 725 -18.20 -18.85 -6.73
C LEU A 725 -19.29 -19.61 -7.49
N LEU A 726 -19.60 -19.18 -8.70
CA LEU A 726 -20.68 -19.79 -9.48
C LEU A 726 -20.26 -21.15 -10.05
N LYS A 727 -21.11 -22.16 -9.84
CA LYS A 727 -20.96 -23.50 -10.38
C LYS A 727 -21.79 -23.72 -11.64
N THR A 728 -22.96 -23.06 -11.71
CA THR A 728 -23.77 -22.96 -12.91
C THR A 728 -24.67 -21.72 -12.86
N ILE A 729 -25.35 -21.54 -13.98
CA ILE A 729 -26.44 -20.60 -14.12
C ILE A 729 -27.63 -21.41 -14.66
N ASN A 730 -28.75 -21.37 -13.94
CA ASN A 730 -30.04 -21.93 -14.38
C ASN A 730 -30.69 -21.09 -15.45
N LYS A 731 -31.54 -21.71 -16.28
CA LYS A 731 -32.31 -20.99 -17.30
C LYS A 731 -33.10 -19.80 -16.78
N SER A 732 -33.78 -20.00 -15.65
CA SER A 732 -34.70 -18.95 -15.15
C SER A 732 -33.92 -17.83 -14.47
N ALA A 733 -32.64 -18.10 -14.15
CA ALA A 733 -31.76 -17.08 -13.61
C ALA A 733 -31.54 -15.92 -14.57
N LEU A 734 -31.45 -16.24 -15.86
CA LEU A 734 -31.24 -15.21 -16.87
C LEU A 734 -32.56 -14.77 -17.53
N GLU A 735 -33.53 -15.67 -17.53
CA GLU A 735 -34.79 -15.51 -18.28
C GLU A 735 -35.44 -14.16 -18.10
N THR A 736 -35.94 -13.66 -19.22
CA THR A 736 -36.62 -12.38 -19.20
C THR A 736 -37.82 -12.40 -20.15
N LYS A 737 -38.94 -11.83 -19.72
CA LYS A 737 -40.11 -11.72 -20.57
C LYS A 737 -40.12 -10.43 -21.40
N THR A 738 -40.20 -9.26 -20.77
CA THR A 738 -39.88 -8.03 -21.50
C THR A 738 -38.36 -7.96 -21.65
N THR A 739 -37.85 -8.09 -22.87
CA THR A 739 -36.39 -8.13 -23.02
C THR A 739 -35.67 -6.84 -22.58
N THR A 740 -34.37 -7.01 -22.34
CA THR A 740 -33.60 -6.20 -21.42
C THR A 740 -32.63 -5.38 -22.24
N LYS A 741 -32.03 -4.36 -21.63
CA LYS A 741 -30.92 -3.69 -22.27
C LYS A 741 -29.59 -4.45 -22.08
N LEU A 742 -29.56 -5.67 -21.55
CA LEU A 742 -28.29 -6.33 -21.19
C LEU A 742 -27.34 -6.45 -22.41
N SER A 743 -26.16 -5.85 -22.32
CA SER A 743 -25.22 -5.86 -23.44
C SER A 743 -23.88 -6.53 -23.09
N MET A 744 -23.56 -6.60 -21.81
CA MET A 744 -22.28 -7.19 -21.36
C MET A 744 -22.41 -7.98 -20.07
N LEU A 745 -22.00 -9.24 -20.10
CA LEU A 745 -22.05 -10.11 -18.94
C LEU A 745 -20.69 -10.73 -18.73
N GLU A 746 -20.10 -10.48 -17.57
CA GLU A 746 -18.78 -11.03 -17.28
C GLU A 746 -18.91 -12.15 -16.28
N LEU A 747 -18.20 -13.24 -16.56
CA LEU A 747 -18.28 -14.50 -15.85
C LEU A 747 -16.96 -15.27 -15.69
N HIS A 748 -15.86 -14.64 -16.08
CA HIS A 748 -14.57 -15.34 -16.05
C HIS A 748 -14.12 -15.49 -14.60
N GLY A 749 -13.45 -16.60 -14.31
CA GLY A 749 -12.96 -16.94 -12.97
C GLY A 749 -14.01 -17.51 -12.03
N ASN A 750 -15.07 -18.10 -12.55
CA ASN A 750 -16.05 -18.83 -11.73
C ASN A 750 -15.79 -20.32 -11.88
N PRO A 751 -16.00 -21.08 -10.80
CA PRO A 751 -15.61 -22.52 -10.86
C PRO A 751 -16.72 -23.38 -11.49
N PHE A 752 -16.96 -23.23 -12.78
CA PHE A 752 -18.14 -23.83 -13.38
C PHE A 752 -18.08 -25.36 -13.36
N GLU A 753 -19.22 -25.99 -13.08
CA GLU A 753 -19.38 -27.42 -13.18
C GLU A 753 -19.88 -27.80 -14.57
N CYS A 754 -18.96 -28.25 -15.41
CA CYS A 754 -19.23 -28.58 -16.80
C CYS A 754 -19.78 -30.00 -16.98
N THR A 755 -20.81 -30.34 -16.20
CA THR A 755 -21.67 -31.48 -16.50
C THR A 755 -22.71 -30.99 -17.50
N CYS A 756 -23.71 -31.84 -17.76
CA CYS A 756 -24.87 -31.43 -18.55
C CYS A 756 -25.72 -30.37 -17.83
N ASP A 757 -25.47 -30.12 -16.54
CA ASP A 757 -26.13 -29.01 -15.87
C ASP A 757 -25.80 -27.64 -16.47
N ILE A 758 -24.75 -27.52 -17.29
CA ILE A 758 -24.31 -26.23 -17.87
C ILE A 758 -24.99 -25.98 -19.21
N GLY A 759 -25.73 -26.97 -19.67
CA GLY A 759 -26.35 -26.93 -20.98
C GLY A 759 -27.22 -25.72 -21.19
N ASP A 760 -28.01 -25.43 -20.16
CA ASP A 760 -29.00 -24.37 -20.26
C ASP A 760 -28.35 -23.01 -20.47
N PHE A 761 -27.28 -22.76 -19.72
CA PHE A 761 -26.56 -21.52 -19.93
C PHE A 761 -25.89 -21.49 -21.30
N ARG A 762 -25.32 -22.61 -21.71
CA ARG A 762 -24.73 -22.67 -23.04
C ARG A 762 -25.73 -22.36 -24.15
N ARG A 763 -26.94 -22.89 -24.03
CA ARG A 763 -27.96 -22.60 -25.03
C ARG A 763 -28.36 -21.16 -24.88
N TRP A 764 -28.39 -20.64 -23.66
CA TRP A 764 -28.76 -19.22 -23.48
C TRP A 764 -27.75 -18.33 -24.18
N MET A 765 -26.47 -18.64 -24.00
CA MET A 765 -25.40 -17.91 -24.68
C MET A 765 -25.65 -17.86 -26.18
N ASP A 766 -25.90 -19.03 -26.77
CA ASP A 766 -26.16 -19.11 -28.22
C ASP A 766 -27.44 -18.40 -28.71
N GLU A 767 -28.45 -18.26 -27.85
CA GLU A 767 -29.66 -17.51 -28.19
C GLU A 767 -29.63 -16.04 -27.76
N HIS A 768 -28.52 -15.56 -27.20
CA HIS A 768 -28.37 -14.14 -26.92
C HIS A 768 -27.00 -13.64 -27.34
N LEU A 769 -26.75 -13.75 -28.65
CA LEU A 769 -25.50 -13.31 -29.24
C LEU A 769 -25.26 -11.81 -29.13
N ASN A 770 -26.29 -11.02 -28.82
CA ASN A 770 -26.11 -9.60 -28.54
C ASN A 770 -25.49 -9.30 -27.16
N VAL A 771 -25.50 -10.27 -26.25
CA VAL A 771 -24.82 -10.09 -24.97
C VAL A 771 -23.37 -10.55 -25.14
N LYS A 772 -22.45 -9.60 -25.03
CA LYS A 772 -21.01 -9.87 -25.05
C LYS A 772 -20.64 -10.50 -23.73
N ILE A 773 -19.87 -11.58 -23.80
CA ILE A 773 -19.23 -12.17 -22.65
C ILE A 773 -17.74 -12.12 -22.91
N PRO A 774 -17.03 -11.21 -22.26
CA PRO A 774 -15.61 -11.15 -22.64
C PRO A 774 -14.79 -12.31 -22.09
N ARG A 775 -13.56 -12.46 -22.58
CA ARG A 775 -12.60 -13.39 -22.06
C ARG A 775 -13.13 -14.82 -21.91
N LEU A 776 -13.65 -15.39 -23.00
CA LEU A 776 -14.22 -16.73 -22.97
C LEU A 776 -13.19 -17.82 -22.66
N VAL A 777 -11.93 -17.60 -23.04
CA VAL A 777 -10.86 -18.51 -22.62
C VAL A 777 -10.70 -18.58 -21.11
N ASP A 778 -11.29 -17.64 -20.37
CA ASP A 778 -11.20 -17.63 -18.91
C ASP A 778 -12.52 -18.00 -18.25
N VAL A 779 -13.49 -18.41 -19.05
CA VAL A 779 -14.77 -18.87 -18.58
C VAL A 779 -14.59 -20.36 -18.69
N ILE A 780 -14.13 -20.92 -17.57
CA ILE A 780 -13.44 -22.20 -17.53
C ILE A 780 -14.21 -23.16 -16.63
N CYS A 781 -14.25 -24.42 -17.06
CA CYS A 781 -14.67 -25.53 -16.23
C CYS A 781 -13.69 -25.80 -15.09
N ALA A 782 -14.19 -25.90 -13.87
CA ALA A 782 -13.44 -26.35 -12.71
C ALA A 782 -13.56 -27.87 -12.56
N SER A 783 -14.77 -28.38 -12.77
CA SER A 783 -15.05 -29.80 -12.73
C SER A 783 -15.90 -30.23 -13.93
N PRO A 784 -15.93 -31.54 -14.20
CA PRO A 784 -15.13 -32.61 -13.61
C PRO A 784 -13.77 -32.70 -14.30
N GLY A 785 -12.92 -33.60 -13.82
CA GLY A 785 -11.52 -33.68 -14.25
C GLY A 785 -11.18 -33.68 -15.72
N ASP A 786 -12.02 -34.35 -16.53
CA ASP A 786 -11.81 -34.42 -17.98
C ASP A 786 -12.14 -33.10 -18.70
N GLN A 787 -12.96 -32.27 -18.08
CA GLN A 787 -13.29 -30.95 -18.63
C GLN A 787 -12.44 -29.83 -18.03
N ARG A 788 -11.97 -30.01 -16.81
CA ARG A 788 -11.26 -28.96 -16.11
C ARG A 788 -10.24 -28.24 -17.00
N GLY A 789 -10.21 -26.91 -16.92
CA GLY A 789 -9.25 -26.10 -17.66
C GLY A 789 -9.73 -25.59 -19.02
N LYS A 790 -10.76 -26.23 -19.55
CA LYS A 790 -11.31 -25.88 -20.86
C LYS A 790 -12.40 -24.80 -20.73
N SER A 791 -12.55 -23.97 -21.76
CA SER A 791 -13.65 -23.02 -21.81
C SER A 791 -14.99 -23.74 -21.82
N ILE A 792 -16.03 -23.10 -21.27
CA ILE A 792 -17.37 -23.65 -21.27
C ILE A 792 -17.96 -23.63 -22.69
N VAL A 793 -17.55 -22.66 -23.47
CA VAL A 793 -17.97 -22.62 -24.82
C VAL A 793 -17.37 -23.79 -25.63
N SER A 794 -16.42 -24.50 -25.05
CA SER A 794 -15.72 -25.53 -25.78
C SER A 794 -16.20 -26.92 -25.46
N LEU A 795 -17.33 -27.02 -24.79
CA LEU A 795 -17.90 -28.31 -24.49
C LEU A 795 -19.00 -28.64 -25.47
N GLU A 796 -18.87 -29.79 -26.12
CA GLU A 796 -19.86 -30.28 -27.05
C GLU A 796 -21.30 -30.03 -26.61
N SER B 9 -6.66 -41.93 15.67
CA SER B 9 -7.52 -40.73 15.43
C SER B 9 -6.68 -39.48 15.15
N ARG B 10 -6.88 -38.91 13.96
CA ARG B 10 -6.47 -37.54 13.67
C ARG B 10 -7.69 -36.68 13.99
N SER B 11 -7.55 -35.76 14.94
CA SER B 11 -8.75 -35.16 15.51
C SER B 11 -9.29 -34.09 14.60
N TYR B 12 -10.61 -33.94 14.67
CA TYR B 12 -11.42 -33.15 13.76
C TYR B 12 -12.80 -32.90 14.39
N PRO B 13 -13.34 -31.67 14.30
CA PRO B 13 -12.82 -30.48 13.63
C PRO B 13 -11.79 -29.70 14.44
N CYS B 14 -11.54 -30.07 15.70
CA CYS B 14 -10.68 -29.23 16.54
C CYS B 14 -9.22 -29.63 16.32
N ASP B 15 -8.28 -28.77 16.70
CA ASP B 15 -6.88 -29.13 16.84
C ASP B 15 -6.61 -29.32 18.32
N GLU B 16 -6.12 -30.49 18.72
CA GLU B 16 -5.81 -30.76 20.13
C GLU B 16 -4.36 -30.50 20.49
N LYS B 17 -4.11 -30.16 21.74
CA LYS B 17 -2.83 -29.58 22.12
C LYS B 17 -2.68 -29.66 23.64
N LYS B 18 -1.47 -29.96 24.11
CA LYS B 18 -1.31 -30.44 25.48
C LYS B 18 -0.52 -29.55 26.44
N GLN B 19 -0.15 -28.35 26.01
CA GLN B 19 0.49 -27.39 26.90
C GLN B 19 -0.50 -26.77 27.89
N VAL B 23 -5.23 -30.56 28.58
CA VAL B 23 -5.41 -30.75 27.13
C VAL B 23 -6.52 -29.88 26.54
N ILE B 24 -6.13 -29.09 25.54
CA ILE B 24 -6.91 -27.98 25.02
C ILE B 24 -7.34 -28.36 23.61
N ALA B 25 -8.64 -28.25 23.35
CA ALA B 25 -9.17 -28.34 21.98
C ALA B 25 -9.38 -26.93 21.45
N GLU B 26 -8.52 -26.52 20.52
CA GLU B 26 -8.66 -25.27 19.77
C GLU B 26 -9.67 -25.54 18.68
N CYS B 27 -10.85 -24.98 18.85
CA CYS B 27 -11.95 -25.27 17.94
C CYS B 27 -12.63 -24.03 17.40
N SER B 28 -11.93 -22.93 17.49
CA SER B 28 -12.49 -21.63 17.20
C SER B 28 -12.41 -21.33 15.71
N ASN B 29 -13.33 -20.49 15.23
CA ASN B 29 -13.19 -19.86 13.92
C ASN B 29 -13.23 -20.86 12.78
N ARG B 30 -14.07 -21.85 12.96
CA ARG B 30 -14.15 -23.01 12.09
C ARG B 30 -15.50 -23.13 11.38
N ARG B 31 -16.35 -22.11 11.45
CA ARG B 31 -17.67 -22.18 10.80
C ARG B 31 -18.53 -23.31 11.36
N LEU B 32 -18.33 -23.65 12.62
CA LEU B 32 -19.17 -24.68 13.23
C LEU B 32 -20.55 -24.15 13.52
N GLN B 33 -21.55 -24.98 13.21
CA GLN B 33 -22.97 -24.65 13.41
C GLN B 33 -23.47 -25.16 14.74
N GLU B 34 -22.83 -26.23 15.23
CA GLU B 34 -23.20 -26.80 16.51
C GLU B 34 -21.93 -27.18 17.23
N VAL B 35 -22.09 -27.40 18.53
CA VAL B 35 -21.01 -27.97 19.34
C VAL B 35 -20.72 -29.34 18.75
N PRO B 36 -19.48 -29.58 18.31
CA PRO B 36 -19.24 -30.88 17.69
C PRO B 36 -19.36 -32.02 18.70
N GLN B 37 -19.83 -33.17 18.25
CA GLN B 37 -19.87 -34.36 19.11
C GLN B 37 -18.63 -35.25 18.94
N THR B 38 -17.52 -34.64 18.51
CA THR B 38 -16.30 -35.33 18.12
C THR B 38 -15.14 -34.77 18.94
N VAL B 39 -15.46 -34.26 20.12
CA VAL B 39 -14.41 -33.74 20.99
C VAL B 39 -13.89 -34.89 21.88
N GLY B 40 -12.56 -35.01 21.98
CA GLY B 40 -11.92 -36.01 22.82
C GLY B 40 -12.33 -35.93 24.29
N LYS B 41 -12.49 -37.07 24.95
CA LYS B 41 -13.06 -37.08 26.30
C LYS B 41 -12.03 -36.71 27.37
N TYR B 42 -10.76 -36.66 26.97
CA TYR B 42 -9.67 -36.21 27.83
C TYR B 42 -9.48 -34.68 27.79
N VAL B 43 -10.22 -34.00 26.91
CA VAL B 43 -10.24 -32.53 26.85
C VAL B 43 -10.69 -31.85 28.14
N THR B 44 -9.88 -30.91 28.61
CA THR B 44 -10.22 -30.15 29.81
C THR B 44 -10.61 -28.71 29.44
N GLU B 45 -10.12 -28.21 28.31
CA GLU B 45 -10.44 -26.86 27.87
C GLU B 45 -10.85 -26.81 26.41
N LEU B 46 -12.01 -26.21 26.14
CA LEU B 46 -12.62 -26.23 24.82
C LEU B 46 -12.82 -24.80 24.34
N ASP B 47 -12.21 -24.44 23.22
CA ASP B 47 -12.37 -23.09 22.67
C ASP B 47 -13.21 -23.19 21.39
N LEU B 48 -14.49 -22.84 21.56
CA LEU B 48 -15.47 -22.80 20.49
C LEU B 48 -15.82 -21.37 20.06
N SER B 49 -15.00 -20.38 20.43
CA SER B 49 -15.25 -19.02 20.00
C SER B 49 -15.32 -18.80 18.50
N ASP B 50 -16.05 -17.76 18.08
CA ASP B 50 -16.14 -17.36 16.68
C ASP B 50 -16.64 -18.45 15.72
N ASN B 51 -17.72 -19.12 16.04
CA ASN B 51 -18.34 -20.05 15.10
C ASN B 51 -19.78 -19.60 14.84
N PHE B 52 -20.61 -20.45 14.25
CA PHE B 52 -22.01 -20.08 13.99
C PHE B 52 -22.94 -20.85 14.92
N ILE B 53 -22.55 -21.05 16.18
CA ILE B 53 -23.33 -21.88 17.09
C ILE B 53 -24.49 -21.05 17.62
N THR B 54 -25.71 -21.59 17.53
CA THR B 54 -26.92 -20.86 17.92
C THR B 54 -27.64 -21.40 19.15
N HIS B 55 -27.46 -22.69 19.46
CA HIS B 55 -28.12 -23.34 20.60
C HIS B 55 -27.15 -24.06 21.55
N ILE B 56 -27.27 -23.79 22.86
CA ILE B 56 -26.64 -24.66 23.86
C ILE B 56 -27.73 -25.32 24.68
N THR B 57 -27.70 -26.65 24.73
CA THR B 57 -28.65 -27.39 25.57
C THR B 57 -27.86 -28.27 26.57
N ASN B 58 -28.57 -28.95 27.46
CA ASN B 58 -27.93 -29.95 28.33
C ASN B 58 -27.38 -31.16 27.56
N GLU B 59 -27.56 -31.21 26.25
CA GLU B 59 -27.04 -32.33 25.46
C GLU B 59 -25.69 -31.93 24.88
N SER B 60 -25.41 -30.62 24.87
CA SER B 60 -24.34 -30.06 24.07
C SER B 60 -22.97 -30.57 24.50
N PHE B 61 -22.80 -30.73 25.81
CA PHE B 61 -21.53 -31.18 26.36
C PHE B 61 -21.64 -32.45 27.20
N GLN B 62 -22.73 -33.20 27.11
CA GLN B 62 -22.76 -34.42 27.92
C GLN B 62 -21.64 -35.29 27.35
N GLY B 63 -21.11 -36.16 28.19
CA GLY B 63 -19.97 -36.98 27.79
C GLY B 63 -18.72 -36.15 27.54
N LEU B 64 -18.65 -34.95 28.15
CA LEU B 64 -17.44 -34.15 28.23
C LEU B 64 -17.35 -33.58 29.67
N GLN B 65 -17.44 -34.42 30.70
CA GLN B 65 -17.41 -33.90 32.08
C GLN B 65 -16.01 -33.59 32.64
N ASN B 66 -14.94 -33.91 31.94
CA ASN B 66 -13.61 -33.40 32.34
C ASN B 66 -13.44 -31.90 32.07
N LEU B 67 -14.38 -31.29 31.36
CA LEU B 67 -14.25 -29.90 30.97
C LEU B 67 -14.18 -29.00 32.19
N THR B 68 -13.07 -28.30 32.32
CA THR B 68 -13.00 -27.25 33.33
C THR B 68 -13.18 -25.84 32.74
N LYS B 69 -13.12 -25.70 31.41
CA LYS B 69 -13.17 -24.39 30.80
C LYS B 69 -13.82 -24.47 29.44
N ILE B 70 -14.77 -23.57 29.21
CA ILE B 70 -15.46 -23.47 27.93
C ILE B 70 -15.41 -22.02 27.46
N ASN B 71 -14.99 -21.79 26.22
CA ASN B 71 -15.08 -20.48 25.58
C ASN B 71 -16.09 -20.52 24.44
N LEU B 72 -17.22 -19.80 24.61
CA LEU B 72 -18.23 -19.70 23.54
C LEU B 72 -18.33 -18.28 23.01
N ASN B 73 -17.38 -17.43 23.34
CA ASN B 73 -17.38 -16.08 22.79
C ASN B 73 -17.69 -15.98 21.28
N HIS B 74 -18.40 -14.90 20.91
CA HIS B 74 -18.65 -14.50 19.53
C HIS B 74 -19.34 -15.62 18.79
N ASN B 75 -20.48 -16.05 19.31
CA ASN B 75 -21.31 -17.05 18.63
C ASN B 75 -22.77 -16.57 18.70
N PRO B 76 -23.53 -16.71 17.61
CA PRO B 76 -23.06 -17.03 16.28
C PRO B 76 -22.49 -15.74 15.71
N ASN B 77 -21.54 -15.86 14.78
CA ASN B 77 -21.09 -14.73 13.98
C ASN B 77 -22.21 -14.36 13.00
N VAL B 78 -21.91 -13.41 12.11
CA VAL B 78 -22.41 -13.38 10.73
C VAL B 78 -23.87 -13.85 10.63
N GLN B 79 -24.17 -14.80 9.77
CA GLN B 79 -25.53 -15.03 9.28
C GLN B 79 -26.36 -15.86 10.26
N ASN B 90 -30.56 -13.75 15.93
CA ASN B 90 -29.16 -14.07 15.71
C ASN B 90 -28.33 -13.96 17.00
N GLY B 91 -28.81 -14.60 18.05
CA GLY B 91 -28.22 -14.53 19.40
C GLY B 91 -27.86 -15.94 19.83
N LEU B 92 -27.17 -16.13 20.95
CA LEU B 92 -26.94 -17.50 21.43
C LEU B 92 -28.09 -17.95 22.34
N ASN B 93 -28.72 -19.08 22.05
CA ASN B 93 -29.83 -19.60 22.84
C ASN B 93 -29.34 -20.73 23.76
N ILE B 94 -29.29 -20.43 25.04
CA ILE B 94 -28.84 -21.34 26.08
C ILE B 94 -30.01 -21.68 27.01
N THR B 95 -30.40 -22.95 27.05
CA THR B 95 -31.48 -23.38 27.92
C THR B 95 -31.11 -23.27 29.40
N ASP B 96 -32.14 -23.14 30.24
CA ASP B 96 -32.03 -23.28 31.69
C ASP B 96 -31.17 -24.49 31.99
N GLY B 97 -30.08 -24.30 32.72
CA GLY B 97 -29.33 -25.43 33.22
C GLY B 97 -28.53 -26.23 32.20
N ALA B 98 -28.46 -25.72 30.97
CA ALA B 98 -27.61 -26.33 29.94
C ALA B 98 -26.21 -26.79 30.38
N PHE B 99 -25.59 -26.09 31.33
CA PHE B 99 -24.22 -26.39 31.79
C PHE B 99 -24.17 -27.08 33.16
N LEU B 100 -25.33 -27.21 33.80
CA LEU B 100 -25.45 -27.68 35.18
C LEU B 100 -24.72 -28.99 35.50
N ASN B 101 -24.77 -29.91 34.55
CA ASN B 101 -24.18 -31.25 34.71
C ASN B 101 -22.66 -31.25 34.69
N LEU B 102 -22.04 -30.15 34.26
CA LEU B 102 -20.57 -30.07 34.21
C LEU B 102 -20.00 -29.74 35.58
N LYS B 103 -19.82 -30.81 36.36
CA LYS B 103 -19.38 -30.73 37.77
C LYS B 103 -18.07 -29.99 37.97
N ASN B 104 -17.17 -30.05 37.00
CA ASN B 104 -15.85 -29.39 37.13
C ASN B 104 -15.70 -28.01 36.48
N LEU B 105 -16.77 -27.43 35.95
CA LEU B 105 -16.63 -26.23 35.11
C LEU B 105 -16.22 -25.10 36.00
N ARG B 106 -15.03 -24.57 35.70
CA ARG B 106 -14.49 -23.46 36.47
C ARG B 106 -14.70 -22.15 35.74
N GLU B 107 -14.47 -22.15 34.44
CA GLU B 107 -14.34 -20.92 33.69
C GLU B 107 -15.25 -20.95 32.48
N LEU B 108 -16.18 -20.00 32.41
CA LEU B 108 -17.11 -19.94 31.27
C LEU B 108 -17.10 -18.56 30.66
N LEU B 109 -16.72 -18.50 29.39
CA LEU B 109 -16.60 -17.24 28.69
C LEU B 109 -17.77 -17.15 27.74
N LEU B 110 -18.64 -16.17 27.95
CA LEU B 110 -19.81 -16.00 27.11
C LEU B 110 -19.94 -14.55 26.67
N GLU B 111 -18.91 -14.06 25.99
CA GLU B 111 -18.87 -12.69 25.52
C GLU B 111 -19.45 -12.53 24.12
N ASP B 112 -20.15 -11.43 23.87
CA ASP B 112 -20.58 -11.12 22.51
C ASP B 112 -21.48 -12.19 21.93
N ASN B 113 -22.48 -12.59 22.71
CA ASN B 113 -23.40 -13.64 22.32
C ASN B 113 -24.84 -13.14 22.23
N GLN B 114 -24.99 -11.82 22.39
CA GLN B 114 -26.31 -11.18 22.40
C GLN B 114 -27.30 -11.76 23.39
N LEU B 115 -26.81 -12.11 24.58
CA LEU B 115 -27.63 -12.73 25.60
C LEU B 115 -28.55 -11.67 26.20
N PRO B 116 -29.85 -11.97 26.36
CA PRO B 116 -30.77 -11.00 26.94
C PRO B 116 -30.81 -11.06 28.45
N GLN B 117 -30.28 -12.14 29.03
CA GLN B 117 -30.28 -12.35 30.47
C GLN B 117 -29.08 -13.20 30.91
N ILE B 118 -28.73 -13.16 32.18
CA ILE B 118 -27.76 -14.12 32.67
C ILE B 118 -28.38 -15.51 32.47
N PRO B 119 -27.68 -16.43 31.80
CA PRO B 119 -28.31 -17.75 31.65
C PRO B 119 -28.70 -18.37 32.98
N SER B 120 -29.76 -19.17 32.99
CA SER B 120 -30.33 -19.66 34.24
C SER B 120 -29.77 -21.03 34.59
N GLY B 121 -29.58 -21.27 35.89
CA GLY B 121 -29.06 -22.55 36.36
C GLY B 121 -27.61 -22.85 35.98
N LEU B 122 -26.72 -21.87 36.18
CA LEU B 122 -25.29 -22.06 35.93
C LEU B 122 -24.69 -22.91 37.05
N PRO B 123 -23.70 -23.77 36.74
CA PRO B 123 -23.12 -24.63 37.78
C PRO B 123 -22.43 -23.86 38.90
N GLU B 124 -22.59 -24.37 40.12
CA GLU B 124 -22.04 -23.73 41.30
C GLU B 124 -20.51 -23.84 41.36
N SER B 125 -19.89 -24.66 40.51
CA SER B 125 -18.46 -24.79 40.48
C SER B 125 -17.77 -23.60 39.82
N LEU B 126 -18.54 -22.76 39.15
CA LEU B 126 -17.92 -21.62 38.45
C LEU B 126 -17.13 -20.68 39.36
N THR B 127 -15.90 -20.43 38.97
CA THR B 127 -15.05 -19.43 39.61
C THR B 127 -14.78 -18.20 38.73
N GLU B 128 -14.97 -18.33 37.40
CA GLU B 128 -14.71 -17.28 36.42
C GLU B 128 -15.81 -17.25 35.39
N LEU B 129 -16.51 -16.12 35.28
CA LEU B 129 -17.65 -15.98 34.36
C LEU B 129 -17.60 -14.64 33.64
N SER B 130 -17.52 -14.69 32.31
CA SER B 130 -17.47 -13.48 31.49
C SER B 130 -18.72 -13.33 30.62
N LEU B 131 -19.47 -12.26 30.89
CA LEU B 131 -20.64 -11.91 30.11
C LEU B 131 -20.49 -10.52 29.45
N ILE B 132 -19.25 -10.17 29.14
CA ILE B 132 -18.89 -8.90 28.49
C ILE B 132 -19.64 -8.84 27.17
N GLN B 133 -20.09 -7.64 26.79
CA GLN B 133 -20.66 -7.41 25.44
C GLN B 133 -21.93 -8.21 25.12
N ASN B 134 -22.90 -8.21 26.03
CA ASN B 134 -24.17 -8.86 25.75
C ASN B 134 -25.30 -7.84 25.85
N ASN B 135 -26.56 -8.27 25.96
CA ASN B 135 -27.69 -7.35 26.17
C ASN B 135 -28.33 -7.53 27.52
N ILE B 136 -27.51 -7.60 28.56
CA ILE B 136 -27.99 -8.02 29.87
C ILE B 136 -28.17 -6.75 30.67
N TYR B 137 -29.42 -6.50 31.06
CA TYR B 137 -29.77 -5.27 31.76
C TYR B 137 -30.27 -5.49 33.20
N ASN B 138 -30.40 -6.76 33.56
CA ASN B 138 -30.88 -7.21 34.84
C ASN B 138 -29.87 -8.12 35.51
N ILE B 139 -29.31 -7.73 36.63
CA ILE B 139 -28.42 -8.63 37.36
C ILE B 139 -29.16 -9.17 38.58
N THR B 140 -29.56 -10.44 38.52
CA THR B 140 -30.47 -10.98 39.53
C THR B 140 -29.84 -12.00 40.50
N LYS B 141 -30.45 -12.12 41.68
CA LYS B 141 -30.13 -13.18 42.63
C LYS B 141 -30.26 -14.56 41.99
N GLU B 142 -31.31 -14.73 41.18
CA GLU B 142 -31.61 -15.97 40.50
C GLU B 142 -30.51 -16.33 39.50
N GLY B 143 -29.94 -15.35 38.82
CA GLY B 143 -28.81 -15.59 37.93
C GLY B 143 -27.51 -16.01 38.61
N ILE B 144 -27.23 -15.40 39.75
CA ILE B 144 -25.86 -15.17 40.22
C ILE B 144 -25.62 -15.57 41.68
N SER B 145 -26.62 -15.40 42.55
CA SER B 145 -26.34 -15.47 43.99
C SER B 145 -26.07 -16.87 44.52
N ARG B 146 -26.42 -17.87 43.73
CA ARG B 146 -26.00 -19.26 43.94
C ARG B 146 -24.52 -19.51 43.62
N LEU B 147 -23.85 -18.62 42.88
CA LEU B 147 -22.52 -18.92 42.35
C LEU B 147 -21.41 -18.57 43.36
N ILE B 148 -21.36 -19.32 44.46
CA ILE B 148 -20.64 -18.88 45.67
C ILE B 148 -19.13 -18.94 45.47
N ASN B 149 -18.72 -19.73 44.49
CA ASN B 149 -17.31 -19.92 44.16
C ASN B 149 -16.73 -18.88 43.18
N LEU B 150 -17.55 -17.94 42.71
CA LEU B 150 -17.04 -16.90 41.80
C LEU B 150 -15.93 -16.08 42.40
N LYS B 151 -14.81 -16.02 41.69
CA LYS B 151 -13.70 -15.11 42.01
C LYS B 151 -13.63 -13.90 41.07
N ASN B 152 -13.86 -14.14 39.78
CA ASN B 152 -13.91 -13.05 38.79
C ASN B 152 -15.20 -13.04 37.97
N LEU B 153 -15.93 -11.92 38.04
CA LEU B 153 -17.20 -11.76 37.31
C LEU B 153 -17.16 -10.50 36.40
N TYR B 154 -17.29 -10.70 35.09
CA TYR B 154 -17.21 -9.62 34.10
C TYR B 154 -18.59 -9.42 33.46
N LEU B 155 -19.19 -8.28 33.72
CA LEU B 155 -20.47 -7.91 33.12
C LEU B 155 -20.37 -6.61 32.32
N ALA B 156 -19.17 -6.26 31.84
CA ALA B 156 -18.94 -4.95 31.25
C ALA B 156 -19.49 -4.82 29.84
N TRP B 157 -19.70 -3.58 29.41
CA TRP B 157 -20.10 -3.32 28.03
C TRP B 157 -21.41 -3.95 27.60
N ASN B 158 -22.43 -3.91 28.47
CA ASN B 158 -23.75 -4.38 28.09
C ASN B 158 -24.66 -3.25 27.57
N CYS B 159 -24.40 -2.02 28.01
CA CYS B 159 -25.21 -0.84 27.68
C CYS B 159 -24.36 0.46 27.74
N TYR B 160 -24.06 1.05 26.59
CA TYR B 160 -23.07 2.13 26.51
C TYR B 160 -23.27 2.93 25.22
N PHE B 161 -22.66 4.11 25.15
CA PHE B 161 -22.66 4.88 23.91
C PHE B 161 -24.10 5.06 23.42
N ASN B 162 -24.37 4.90 22.12
CA ASN B 162 -25.71 5.04 21.57
C ASN B 162 -26.35 3.71 21.31
N LYS B 163 -25.90 2.66 22.00
CA LYS B 163 -26.58 1.38 21.87
C LYS B 163 -28.01 1.55 22.40
N VAL B 164 -28.94 0.82 21.82
CA VAL B 164 -30.28 0.81 22.37
C VAL B 164 -30.30 -0.25 23.45
N CYS B 165 -30.51 0.19 24.69
CA CYS B 165 -30.41 -0.70 25.82
C CYS B 165 -31.06 0.00 27.00
N GLU B 166 -31.28 -0.73 28.09
CA GLU B 166 -31.88 -0.20 29.33
C GLU B 166 -30.85 0.05 30.42
N LYS B 167 -31.17 0.98 31.30
CA LYS B 167 -30.41 1.18 32.52
C LYS B 167 -30.28 -0.16 33.22
N THR B 168 -29.18 -0.38 33.92
CA THR B 168 -28.90 -1.69 34.52
C THR B 168 -29.60 -1.85 35.88
N ASN B 169 -30.43 -2.87 36.04
CA ASN B 169 -31.05 -3.09 37.35
C ASN B 169 -30.24 -4.13 38.11
N ILE B 170 -29.68 -3.71 39.23
CA ILE B 170 -28.91 -4.61 40.08
C ILE B 170 -29.72 -4.96 41.32
N GLU B 171 -30.22 -6.19 41.37
CA GLU B 171 -31.06 -6.62 42.49
C GLU B 171 -30.32 -6.43 43.81
N ASP B 172 -30.99 -5.78 44.78
CA ASP B 172 -30.35 -5.38 46.01
C ASP B 172 -29.76 -6.62 46.66
N GLY B 173 -28.48 -6.51 47.03
CA GLY B 173 -27.79 -7.62 47.66
C GLY B 173 -27.37 -8.76 46.76
N VAL B 174 -27.63 -8.67 45.45
CA VAL B 174 -27.25 -9.74 44.51
C VAL B 174 -25.79 -10.23 44.68
N PHE B 175 -24.88 -9.34 45.09
CA PHE B 175 -23.44 -9.66 45.11
C PHE B 175 -23.02 -10.13 46.52
N GLU B 176 -23.94 -10.11 47.47
CA GLU B 176 -23.56 -10.25 48.89
C GLU B 176 -23.12 -11.66 49.24
N THR B 177 -23.64 -12.64 48.52
CA THR B 177 -23.36 -14.01 48.83
C THR B 177 -22.09 -14.51 48.14
N LEU B 178 -21.43 -13.62 47.41
CA LEU B 178 -20.24 -13.97 46.63
C LEU B 178 -19.03 -13.54 47.46
N THR B 179 -18.79 -14.31 48.52
CA THR B 179 -17.82 -13.97 49.55
C THR B 179 -16.43 -14.45 49.17
N ASN B 180 -16.29 -15.18 48.08
CA ASN B 180 -14.96 -15.36 47.47
C ASN B 180 -14.63 -14.40 46.32
N LEU B 181 -15.51 -13.46 45.98
CA LEU B 181 -15.33 -12.64 44.78
C LEU B 181 -14.23 -11.62 44.96
N GLU B 182 -13.27 -11.64 44.04
CA GLU B 182 -12.08 -10.78 44.04
C GLU B 182 -12.05 -9.70 42.95
N LEU B 183 -12.66 -10.00 41.82
CA LEU B 183 -12.72 -9.04 40.73
C LEU B 183 -14.17 -8.90 40.24
N LEU B 184 -14.67 -7.66 40.21
CA LEU B 184 -16.00 -7.40 39.61
C LEU B 184 -15.90 -6.25 38.61
N SER B 185 -16.33 -6.52 37.39
CA SER B 185 -16.30 -5.54 36.34
C SER B 185 -17.69 -5.27 35.76
N LEU B 186 -18.10 -4.04 36.00
CA LEU B 186 -19.44 -3.58 35.64
C LEU B 186 -19.36 -2.38 34.70
N SER B 187 -18.18 -2.10 34.19
CA SER B 187 -17.94 -0.93 33.36
C SER B 187 -18.79 -0.90 32.09
N PHE B 188 -19.03 0.29 31.55
CA PHE B 188 -19.80 0.44 30.31
C PHE B 188 -21.18 -0.24 30.39
N ASN B 189 -21.86 0.20 31.44
CA ASN B 189 -23.27 -0.05 31.75
C ASN B 189 -23.83 1.18 32.47
N SER B 190 -25.13 1.44 32.31
CA SER B 190 -25.73 2.59 32.98
C SER B 190 -26.20 2.21 34.39
N LEU B 191 -25.43 2.65 35.37
CA LEU B 191 -25.59 2.18 36.74
C LEU B 191 -26.19 3.21 37.67
N SER B 192 -25.79 4.46 37.48
CA SER B 192 -26.26 5.61 38.25
C SER B 192 -25.74 5.73 39.67
N HIS B 193 -25.63 4.62 40.39
CA HIS B 193 -24.89 4.61 41.67
C HIS B 193 -24.09 3.31 41.89
N VAL B 194 -23.13 3.39 42.79
CA VAL B 194 -22.33 2.23 43.12
C VAL B 194 -23.26 1.25 43.83
N PRO B 195 -23.27 0.00 43.40
CA PRO B 195 -24.23 -0.81 44.11
C PRO B 195 -23.87 -1.05 45.59
N PRO B 196 -24.90 -1.18 46.44
CA PRO B 196 -24.56 -1.48 47.82
C PRO B 196 -24.31 -2.96 48.05
N LYS B 197 -23.84 -3.29 49.25
CA LYS B 197 -23.69 -4.72 49.66
C LYS B 197 -22.74 -5.50 48.75
N LEU B 198 -21.59 -4.88 48.51
CA LEU B 198 -20.53 -5.56 47.78
C LEU B 198 -19.73 -6.38 48.78
N PRO B 199 -19.26 -7.58 48.38
CA PRO B 199 -18.54 -8.45 49.31
C PRO B 199 -17.16 -7.91 49.60
N SER B 200 -16.71 -8.10 50.84
CA SER B 200 -15.49 -7.41 51.27
C SER B 200 -14.22 -8.15 50.81
N SER B 201 -14.41 -9.31 50.18
CA SER B 201 -13.34 -10.03 49.51
C SER B 201 -12.81 -9.33 48.25
N LEU B 202 -13.47 -8.27 47.77
CA LEU B 202 -13.08 -7.61 46.53
C LEU B 202 -11.66 -7.03 46.58
N ARG B 203 -10.93 -7.34 45.53
CA ARG B 203 -9.61 -6.77 45.28
C ARG B 203 -9.67 -5.74 44.17
N LYS B 204 -10.40 -6.05 43.11
CA LYS B 204 -10.48 -5.16 41.95
C LYS B 204 -11.91 -4.82 41.57
N LEU B 205 -12.23 -3.52 41.52
CA LEU B 205 -13.59 -3.09 41.19
C LEU B 205 -13.53 -2.07 40.04
N PHE B 206 -14.14 -2.45 38.93
CA PHE B 206 -14.20 -1.61 37.75
C PHE B 206 -15.59 -1.03 37.54
N LEU B 207 -15.67 0.29 37.63
CA LEU B 207 -16.93 0.97 37.43
C LEU B 207 -16.67 2.13 36.44
N SER B 208 -15.91 1.87 35.38
CA SER B 208 -15.74 2.84 34.32
C SER B 208 -16.98 3.07 33.47
N ASN B 209 -17.16 4.34 33.10
CA ASN B 209 -18.27 4.73 32.22
C ASN B 209 -19.61 4.10 32.66
N THR B 210 -19.99 4.38 33.91
CA THR B 210 -21.23 3.82 34.51
C THR B 210 -22.28 4.88 34.89
N GLN B 211 -22.02 6.13 34.54
CA GLN B 211 -22.95 7.23 34.81
C GLN B 211 -23.20 7.40 36.30
N ILE B 212 -22.15 7.29 37.08
CA ILE B 212 -22.21 7.51 38.52
C ILE B 212 -21.64 8.90 38.70
N LYS B 213 -22.42 9.83 39.27
CA LYS B 213 -21.97 11.20 39.39
C LYS B 213 -21.47 11.53 40.78
N TYR B 214 -21.75 10.63 41.71
CA TYR B 214 -21.49 10.87 43.14
C TYR B 214 -20.97 9.63 43.85
N ILE B 215 -19.88 9.79 44.59
CA ILE B 215 -19.35 8.74 45.46
C ILE B 215 -19.49 9.17 46.90
N SER B 216 -20.20 8.37 47.69
CA SER B 216 -20.47 8.71 49.09
C SER B 216 -19.47 8.00 49.98
N GLU B 217 -19.43 8.43 51.24
CA GLU B 217 -18.63 7.82 52.28
C GLU B 217 -18.94 6.34 52.39
N GLU B 218 -20.16 5.90 52.07
CA GLU B 218 -20.54 4.51 52.30
C GLU B 218 -20.14 3.52 51.21
N ASP B 219 -19.98 4.01 49.99
CA ASP B 219 -19.98 3.18 48.79
C ASP B 219 -18.87 2.10 48.81
N PHE B 220 -17.73 2.42 49.38
CA PHE B 220 -16.56 1.53 49.43
C PHE B 220 -16.00 1.42 50.85
N LYS B 221 -16.81 1.80 51.82
CA LYS B 221 -16.38 1.86 53.21
C LYS B 221 -15.86 0.52 53.70
N GLY B 222 -16.48 -0.58 53.28
CA GLY B 222 -16.13 -1.90 53.77
C GLY B 222 -15.15 -2.70 52.93
N LEU B 223 -14.67 -2.13 51.81
CA LEU B 223 -13.86 -2.90 50.85
C LEU B 223 -12.39 -2.73 51.22
N ILE B 224 -12.01 -3.32 52.35
CA ILE B 224 -10.69 -3.09 52.94
C ILE B 224 -9.55 -3.81 52.20
N ASN B 225 -9.86 -4.85 51.43
CA ASN B 225 -8.89 -5.57 50.59
C ASN B 225 -8.69 -5.04 49.16
N LEU B 226 -9.34 -3.93 48.82
CA LEU B 226 -9.30 -3.44 47.43
C LEU B 226 -7.90 -2.96 47.13
N THR B 227 -7.38 -3.45 46.00
CA THR B 227 -6.14 -2.93 45.46
C THR B 227 -6.30 -2.15 44.15
N LEU B 228 -7.38 -2.38 43.42
CA LEU B 228 -7.70 -1.54 42.26
C LEU B 228 -9.12 -0.99 42.29
N LEU B 229 -9.25 0.30 42.02
CA LEU B 229 -10.55 0.94 41.81
C LEU B 229 -10.52 1.76 40.51
N ASP B 230 -11.45 1.47 39.60
CA ASP B 230 -11.61 2.23 38.38
C ASP B 230 -12.95 2.97 38.33
N LEU B 231 -12.86 4.28 38.50
CA LEU B 231 -14.03 5.18 38.41
C LEU B 231 -13.99 6.08 37.19
N SER B 232 -13.23 5.69 36.17
CA SER B 232 -13.00 6.55 35.00
C SER B 232 -14.29 6.79 34.20
N GLY B 233 -14.36 7.95 33.56
CA GLY B 233 -15.40 8.18 32.57
C GLY B 233 -16.75 8.43 33.20
N ASN B 234 -16.76 8.74 34.49
CA ASN B 234 -18.00 9.17 35.17
C ASN B 234 -17.95 10.67 35.34
N CYS B 235 -18.95 11.36 34.79
CA CYS B 235 -18.84 12.78 34.48
C CYS B 235 -17.68 13.00 33.48
N PRO B 236 -17.80 12.41 32.28
CA PRO B 236 -16.66 12.58 31.37
C PRO B 236 -16.36 13.98 30.82
N ARG B 237 -15.10 14.21 30.48
CA ARG B 237 -14.69 15.34 29.64
C ARG B 237 -14.97 14.99 28.19
N CYS B 238 -15.98 15.60 27.58
CA CYS B 238 -16.43 15.11 26.27
C CYS B 238 -15.95 15.85 25.04
N PHE B 239 -15.34 17.02 25.20
CA PHE B 239 -14.83 17.78 24.07
C PHE B 239 -13.92 16.90 23.19
N ASN B 240 -14.23 16.77 21.92
CA ASN B 240 -13.42 16.02 20.97
C ASN B 240 -13.29 14.53 21.28
N ALA B 241 -14.29 14.00 21.99
CA ALA B 241 -14.33 12.56 22.21
C ALA B 241 -14.42 11.74 20.92
N PRO B 242 -13.70 10.60 20.86
CA PRO B 242 -13.83 9.67 19.76
C PRO B 242 -14.94 8.66 19.90
N PHE B 243 -15.94 9.00 20.72
CA PHE B 243 -17.10 8.13 20.92
C PHE B 243 -18.25 8.99 21.46
N PRO B 244 -19.50 8.46 21.42
CA PRO B 244 -20.65 9.22 21.92
C PRO B 244 -20.48 9.37 23.41
N CYS B 245 -20.50 10.62 23.88
CA CYS B 245 -20.03 10.93 25.22
C CYS B 245 -21.04 11.92 25.81
N VAL B 246 -21.45 11.64 27.05
CA VAL B 246 -22.56 12.34 27.71
C VAL B 246 -21.97 12.95 28.97
N PRO B 247 -21.78 14.26 28.98
CA PRO B 247 -21.25 14.91 30.15
C PRO B 247 -22.25 15.00 31.33
N CYS B 248 -21.76 15.28 32.54
CA CYS B 248 -22.63 15.57 33.69
C CYS B 248 -23.17 16.99 33.45
N ASP B 249 -24.31 17.34 34.05
CA ASP B 249 -24.93 18.66 33.89
C ASP B 249 -23.88 19.74 33.99
N GLY B 250 -23.81 20.57 32.97
CA GLY B 250 -22.82 21.64 32.91
C GLY B 250 -21.39 21.20 32.68
N GLY B 251 -21.17 19.96 32.22
CA GLY B 251 -19.81 19.39 32.23
C GLY B 251 -19.12 19.39 33.59
N ALA B 252 -19.92 19.27 34.66
CA ALA B 252 -19.39 19.26 36.03
C ALA B 252 -18.49 18.03 36.27
N SER B 253 -17.71 18.14 37.34
CA SER B 253 -16.79 17.14 37.86
C SER B 253 -17.52 16.02 38.57
N ILE B 254 -16.93 14.83 38.60
CA ILE B 254 -17.45 13.80 39.49
C ILE B 254 -17.50 14.43 40.90
N ASN B 255 -18.43 13.94 41.72
CA ASN B 255 -18.50 14.38 43.11
C ASN B 255 -18.11 13.24 44.08
N ILE B 256 -16.97 13.39 44.72
CA ILE B 256 -16.41 12.31 45.54
C ILE B 256 -16.31 12.80 46.97
N ASP B 257 -17.07 12.17 47.86
CA ASP B 257 -16.98 12.56 49.26
C ASP B 257 -15.58 12.47 49.88
N ARG B 258 -15.24 13.42 50.74
CA ARG B 258 -13.94 13.54 51.41
C ARG B 258 -13.46 12.20 51.98
N PHE B 259 -14.41 11.35 52.39
CA PHE B 259 -14.06 10.16 53.14
C PHE B 259 -14.40 8.95 52.30
N ALA B 260 -14.59 9.13 50.99
CA ALA B 260 -14.92 8.02 50.11
C ALA B 260 -13.87 6.90 50.04
N PHE B 261 -12.61 7.21 50.26
CA PHE B 261 -11.52 6.21 50.16
C PHE B 261 -10.82 5.96 51.51
N GLN B 262 -11.53 6.25 52.61
CA GLN B 262 -10.95 6.28 53.94
C GLN B 262 -10.47 4.92 54.46
N ASN B 263 -11.09 3.86 53.99
CA ASN B 263 -10.71 2.51 54.35
C ASN B 263 -9.91 1.74 53.31
N LEU B 264 -9.45 2.42 52.26
CA LEU B 264 -8.92 1.70 51.10
C LEU B 264 -7.38 1.75 51.22
N THR B 265 -6.91 1.18 52.33
CA THR B 265 -5.51 1.27 52.74
C THR B 265 -4.62 0.43 51.81
N GLN B 266 -5.18 -0.55 51.13
CA GLN B 266 -4.47 -1.44 50.22
C GLN B 266 -4.52 -1.04 48.74
N LEU B 267 -5.10 0.10 48.40
CA LEU B 267 -5.24 0.50 47.00
C LEU B 267 -3.84 0.70 46.39
N ARG B 268 -3.62 0.09 45.25
CA ARG B 268 -2.37 0.29 44.51
C ARG B 268 -2.64 1.02 43.17
N TYR B 269 -3.81 0.80 42.58
CA TYR B 269 -4.27 1.38 41.31
C TYR B 269 -5.58 2.19 41.47
N LEU B 270 -5.53 3.46 41.08
CA LEU B 270 -6.68 4.36 41.05
C LEU B 270 -6.80 5.03 39.67
N ASN B 271 -7.90 4.77 38.97
CA ASN B 271 -8.16 5.33 37.69
C ASN B 271 -9.30 6.33 37.81
N LEU B 272 -8.96 7.60 37.76
CA LEU B 272 -9.96 8.67 37.71
C LEU B 272 -9.88 9.44 36.39
N SER B 273 -9.66 8.72 35.29
CA SER B 273 -9.49 9.35 33.99
C SER B 273 -10.87 9.83 33.57
N SER B 274 -10.88 10.98 32.88
CA SER B 274 -12.10 11.56 32.34
C SER B 274 -13.26 11.57 33.35
N THR B 275 -13.01 12.18 34.50
CA THR B 275 -14.05 12.46 35.48
C THR B 275 -14.25 13.98 35.68
N SER B 276 -13.71 14.76 34.75
CA SER B 276 -13.91 16.21 34.68
C SER B 276 -13.41 16.94 35.90
N LEU B 277 -12.39 16.32 36.52
CA LEU B 277 -11.84 16.91 37.70
C LEU B 277 -11.07 18.15 37.41
N ARG B 278 -11.32 19.15 38.24
CA ARG B 278 -10.54 20.39 38.23
C ARG B 278 -9.74 20.52 39.50
N LYS B 279 -10.20 19.82 40.54
CA LYS B 279 -9.66 19.95 41.88
C LYS B 279 -9.44 18.55 42.37
N ILE B 280 -8.25 18.28 42.90
CA ILE B 280 -8.06 17.01 43.59
C ILE B 280 -7.86 17.20 45.09
N ASN B 281 -8.67 16.51 45.88
CA ASN B 281 -8.68 16.64 47.32
C ASN B 281 -7.55 15.78 47.86
N ALA B 282 -6.50 16.41 48.36
CA ALA B 282 -5.37 15.68 48.94
C ALA B 282 -5.78 14.63 49.96
N ALA B 283 -6.84 14.92 50.72
CA ALA B 283 -7.34 14.05 51.77
C ALA B 283 -7.84 12.71 51.28
N TRP B 284 -8.25 12.62 50.01
CA TRP B 284 -8.56 11.35 49.37
C TRP B 284 -7.43 10.35 49.48
N PHE B 285 -6.18 10.82 49.57
CA PHE B 285 -5.01 9.93 49.61
C PHE B 285 -4.42 9.69 51.01
N LYS B 286 -5.09 10.19 52.05
CA LYS B 286 -4.50 10.18 53.40
C LYS B 286 -4.24 8.76 53.90
N ASN B 287 -5.12 7.83 53.54
CA ASN B 287 -5.10 6.45 53.97
C ASN B 287 -4.74 5.43 52.89
N MET B 288 -3.94 5.88 51.92
CA MET B 288 -3.60 5.10 50.73
C MET B 288 -2.07 5.08 50.64
N PRO B 289 -1.40 4.57 51.69
CA PRO B 289 0.05 4.66 51.72
C PRO B 289 0.73 3.78 50.65
N HIS B 290 0.01 2.88 50.01
CA HIS B 290 0.65 2.00 49.01
C HIS B 290 0.42 2.46 47.55
N LEU B 291 -0.20 3.62 47.33
CA LEU B 291 -0.77 3.86 45.99
C LEU B 291 0.39 3.92 45.01
N LYS B 292 0.27 3.11 43.96
CA LYS B 292 1.35 2.94 42.99
C LYS B 292 1.14 3.50 41.58
N VAL B 293 -0.07 3.35 41.06
CA VAL B 293 -0.48 3.87 39.74
C VAL B 293 -1.71 4.77 39.84
N LEU B 294 -1.56 6.05 39.48
CA LEU B 294 -2.65 7.02 39.47
C LEU B 294 -2.90 7.51 38.03
N ASP B 295 -4.09 7.21 37.47
CA ASP B 295 -4.50 7.69 36.16
C ASP B 295 -5.48 8.90 36.23
N LEU B 296 -5.01 10.08 35.79
CA LEU B 296 -5.75 11.34 35.80
C LEU B 296 -5.78 12.00 34.43
N GLU B 297 -5.87 11.17 33.40
CA GLU B 297 -5.86 11.64 32.02
C GLU B 297 -7.23 12.28 31.72
N PHE B 298 -7.30 13.17 30.73
CA PHE B 298 -8.59 13.70 30.25
C PHE B 298 -9.44 14.38 31.33
N ASN B 299 -8.80 15.12 32.20
CA ASN B 299 -9.47 15.95 33.19
C ASN B 299 -9.15 17.40 32.84
N TYR B 300 -9.35 18.31 33.80
CA TYR B 300 -9.00 19.72 33.62
C TYR B 300 -8.00 20.15 34.67
N LEU B 301 -6.91 19.39 34.77
CA LEU B 301 -5.96 19.59 35.86
C LEU B 301 -4.78 20.50 35.61
N VAL B 302 -4.78 21.35 34.57
CA VAL B 302 -3.64 22.27 34.43
C VAL B 302 -3.38 23.02 35.73
N GLY B 303 -4.44 23.44 36.41
CA GLY B 303 -4.23 24.23 37.65
C GLY B 303 -3.66 23.36 38.77
N GLU B 304 -4.21 22.16 38.93
CA GLU B 304 -3.59 21.27 39.91
C GLU B 304 -2.15 20.86 39.62
N ILE B 305 -1.77 20.77 38.35
CA ILE B 305 -0.40 20.39 38.00
C ILE B 305 0.57 21.48 38.44
N ALA B 306 0.16 22.73 38.27
CA ALA B 306 0.91 23.86 38.80
C ALA B 306 0.97 23.97 40.33
N SER B 307 -0.02 23.44 41.04
CA SER B 307 -0.23 23.76 42.47
C SER B 307 -0.78 22.67 43.35
N GLY B 308 -0.54 21.45 42.92
CA GLY B 308 -1.14 20.26 43.48
C GLY B 308 -0.67 19.84 44.86
N ALA B 309 -1.54 20.08 45.83
CA ALA B 309 -1.31 19.63 47.20
C ALA B 309 -1.31 18.10 47.28
N PHE B 310 -2.17 17.43 46.52
CA PHE B 310 -2.20 15.96 46.50
C PHE B 310 -0.88 15.26 46.16
N LEU B 311 0.05 15.94 45.50
CA LEU B 311 1.34 15.36 45.10
C LEU B 311 2.21 15.07 46.33
N THR B 312 1.84 15.71 47.41
CA THR B 312 2.55 15.67 48.66
C THR B 312 2.15 14.38 49.40
N MET B 313 1.07 13.74 48.97
CA MET B 313 0.50 12.57 49.63
C MET B 313 0.87 11.23 49.02
N LEU B 314 1.80 11.22 48.06
CA LEU B 314 2.02 10.04 47.23
C LEU B 314 3.50 9.62 47.14
N PRO B 315 4.15 9.38 48.28
CA PRO B 315 5.57 9.04 48.14
C PRO B 315 5.86 7.61 47.68
N ARG B 316 4.87 6.74 47.45
CA ARG B 316 5.18 5.43 46.87
C ARG B 316 4.70 5.32 45.42
N LEU B 317 4.17 6.41 44.87
CA LEU B 317 3.61 6.35 43.52
C LEU B 317 4.73 6.11 42.48
N GLU B 318 4.50 5.18 41.58
CA GLU B 318 5.50 4.89 40.55
C GLU B 318 5.08 5.37 39.15
N ILE B 319 3.78 5.38 38.85
CA ILE B 319 3.28 5.78 37.54
C ILE B 319 2.19 6.82 37.72
N LEU B 320 2.41 7.98 37.13
CA LEU B 320 1.45 9.08 37.14
C LEU B 320 1.14 9.51 35.72
N ASP B 321 -0.12 9.37 35.33
CA ASP B 321 -0.56 9.73 33.98
C ASP B 321 -1.48 10.95 34.02
N LEU B 322 -0.94 12.07 33.55
CA LEU B 322 -1.62 13.34 33.51
C LEU B 322 -1.91 13.76 32.08
N SER B 323 -2.02 12.79 31.18
CA SER B 323 -2.14 13.10 29.73
C SER B 323 -3.47 13.83 29.39
N PHE B 324 -3.45 14.67 28.36
CA PHE B 324 -4.64 15.24 27.78
C PHE B 324 -5.47 15.98 28.85
N ASN B 325 -4.78 16.84 29.61
CA ASN B 325 -5.38 17.78 30.49
C ASN B 325 -5.31 19.19 29.97
N TYR B 326 -5.05 19.28 28.66
CA TYR B 326 -4.99 20.58 27.97
C TYR B 326 -6.21 21.47 28.17
N ILE B 327 -5.98 22.78 28.18
CA ILE B 327 -7.09 23.74 28.12
C ILE B 327 -7.51 23.95 26.65
N LYS B 328 -8.77 23.74 26.30
CA LYS B 328 -9.14 23.87 24.90
C LYS B 328 -8.84 25.30 24.39
N GLY B 329 -8.22 25.38 23.23
CA GLY B 329 -7.84 26.64 22.61
C GLY B 329 -6.61 27.34 23.18
N SER B 330 -5.93 26.73 24.13
CA SER B 330 -4.88 27.42 24.85
C SER B 330 -3.53 26.83 24.46
N TYR B 331 -2.57 27.67 24.11
CA TYR B 331 -1.26 27.25 23.65
C TYR B 331 -0.18 28.02 24.40
N PRO B 332 -0.01 27.73 25.69
CA PRO B 332 0.89 28.51 26.53
C PRO B 332 2.35 28.33 26.15
N GLN B 333 3.17 29.31 26.50
CA GLN B 333 4.59 29.27 26.24
C GLN B 333 5.28 28.09 26.94
N HIS B 334 4.82 27.81 28.15
CA HIS B 334 5.59 26.94 29.05
C HIS B 334 4.66 25.98 29.76
N ILE B 335 5.18 24.82 30.15
CA ILE B 335 4.46 23.91 31.03
C ILE B 335 4.77 24.37 32.45
N ASN B 336 3.77 24.35 33.34
CA ASN B 336 3.92 24.76 34.75
C ASN B 336 3.72 23.55 35.68
N ILE B 337 4.85 23.04 36.15
CA ILE B 337 4.96 21.87 37.02
C ILE B 337 5.14 22.41 38.45
N SER B 338 4.24 22.06 39.35
CA SER B 338 4.48 22.39 40.76
C SER B 338 5.77 21.85 41.37
N ARG B 339 6.41 22.65 42.23
CA ARG B 339 7.49 22.19 43.10
C ARG B 339 7.15 20.94 43.89
N ASN B 340 5.87 20.71 44.19
CA ASN B 340 5.47 19.46 44.83
C ASN B 340 5.72 18.13 44.11
N PHE B 341 6.07 18.18 42.83
CA PHE B 341 6.43 16.99 42.09
C PHE B 341 7.69 16.40 42.69
N SER B 342 8.51 17.25 43.32
CA SER B 342 9.71 16.77 44.00
C SER B 342 9.45 15.87 45.22
N LYS B 343 8.20 15.76 45.66
CA LYS B 343 7.82 14.80 46.70
C LYS B 343 7.46 13.39 46.21
N LEU B 344 7.39 13.21 44.90
CA LEU B 344 7.05 11.91 44.32
C LEU B 344 8.28 11.00 44.28
N LEU B 345 8.78 10.66 45.46
CA LEU B 345 10.12 10.10 45.55
C LEU B 345 10.29 8.77 44.83
N SER B 346 9.21 8.01 44.71
CA SER B 346 9.21 6.70 44.05
C SER B 346 8.84 6.74 42.56
N LEU B 347 8.72 7.93 41.97
CA LEU B 347 8.15 8.00 40.62
C LEU B 347 9.14 7.43 39.60
N ARG B 348 8.62 6.53 38.79
CA ARG B 348 9.30 5.87 37.66
C ARG B 348 8.91 6.36 36.27
N ALA B 349 7.61 6.61 36.04
CA ALA B 349 7.12 7.11 34.77
C ALA B 349 6.13 8.27 34.95
N LEU B 350 6.34 9.34 34.18
CA LEU B 350 5.48 10.52 34.17
C LEU B 350 5.00 10.79 32.75
N HIS B 351 3.69 10.67 32.60
CA HIS B 351 3.05 10.86 31.33
C HIS B 351 2.36 12.18 31.27
N LEU B 352 2.85 13.04 30.39
CA LEU B 352 2.34 14.40 30.15
C LEU B 352 2.07 14.66 28.65
N ARG B 353 1.46 13.70 27.98
N ARG B 353 1.49 13.70 27.96
CA ARG B 353 0.96 13.90 26.62
CA ARG B 353 1.03 13.91 26.58
C ARG B 353 -0.11 14.98 26.67
C ARG B 353 -0.17 14.83 26.56
N GLY B 354 -0.27 15.68 25.55
CA GLY B 354 -1.46 16.52 25.39
C GLY B 354 -1.76 17.51 26.52
N TYR B 355 -0.73 18.15 27.06
CA TYR B 355 -0.91 19.36 27.84
C TYR B 355 -0.97 20.61 26.96
N VAL B 356 -0.11 20.65 25.94
CA VAL B 356 -0.07 21.66 24.87
C VAL B 356 0.68 22.92 25.30
N PHE B 357 1.88 23.07 24.75
CA PHE B 357 2.81 24.12 25.12
C PHE B 357 3.94 24.26 24.09
N GLN B 358 4.52 25.45 24.04
CA GLN B 358 5.38 25.81 22.92
C GLN B 358 6.85 25.47 23.15
N GLU B 359 7.28 25.66 24.39
CA GLU B 359 8.70 25.63 24.69
C GLU B 359 8.99 24.97 26.02
N LEU B 360 9.94 24.05 26.06
CA LEU B 360 10.35 23.42 27.33
C LEU B 360 11.71 23.96 27.78
N ARG B 361 11.73 24.68 28.90
CA ARG B 361 12.97 25.31 29.34
C ARG B 361 13.55 24.48 30.47
N GLU B 362 14.84 24.63 30.73
CA GLU B 362 15.49 23.80 31.74
C GLU B 362 14.85 24.01 33.10
N ASP B 363 14.43 25.23 33.38
CA ASP B 363 13.80 25.54 34.67
C ASP B 363 12.44 24.90 34.89
N ASP B 364 11.71 24.69 33.82
CA ASP B 364 10.37 24.16 33.95
C ASP B 364 10.35 22.77 34.58
N PHE B 365 11.43 22.00 34.44
CA PHE B 365 11.45 20.64 34.97
C PHE B 365 12.32 20.46 36.22
N GLN B 366 12.73 21.53 36.88
CA GLN B 366 13.58 21.40 38.06
C GLN B 366 12.94 20.49 39.11
N PRO B 367 11.61 20.53 39.29
CA PRO B 367 11.09 19.69 40.38
C PRO B 367 11.24 18.20 40.15
N LEU B 368 11.56 17.79 38.93
CA LEU B 368 11.62 16.37 38.57
C LEU B 368 13.03 15.82 38.66
N MET B 369 13.99 16.72 38.78
CA MET B 369 15.39 16.45 38.48
C MET B 369 16.16 15.68 39.56
N GLN B 370 15.64 15.64 40.78
CA GLN B 370 16.27 14.83 41.80
C GLN B 370 15.49 13.57 42.14
N LEU B 371 14.41 13.28 41.42
CA LEU B 371 13.73 12.00 41.62
C LEU B 371 14.68 10.87 41.15
N PRO B 372 15.10 9.98 42.07
CA PRO B 372 16.14 9.01 41.73
C PRO B 372 15.74 7.96 40.70
N ASN B 373 14.46 7.59 40.67
CA ASN B 373 13.97 6.51 39.81
C ASN B 373 13.11 6.89 38.60
N LEU B 374 12.99 8.19 38.32
CA LEU B 374 12.18 8.61 37.21
C LEU B 374 12.92 8.19 35.91
N SER B 375 12.40 7.17 35.27
CA SER B 375 12.98 6.51 34.12
C SER B 375 12.42 6.98 32.78
N THR B 376 11.13 7.26 32.82
CA THR B 376 10.36 7.58 31.63
C THR B 376 9.73 8.96 31.79
N ILE B 377 9.96 9.83 30.82
CA ILE B 377 9.20 11.05 30.69
C ILE B 377 8.57 11.06 29.31
N ASN B 378 7.25 11.27 29.27
CA ASN B 378 6.48 11.24 28.03
C ASN B 378 5.82 12.58 27.74
N LEU B 379 6.31 13.22 26.69
CA LEU B 379 5.84 14.53 26.23
C LEU B 379 5.29 14.44 24.81
N GLY B 380 4.77 13.27 24.47
CA GLY B 380 4.11 13.13 23.19
C GLY B 380 2.93 14.09 23.01
N ILE B 381 2.76 14.53 21.76
CA ILE B 381 1.58 15.30 21.31
C ILE B 381 1.27 16.57 22.14
N ASN B 382 2.26 17.44 22.22
CA ASN B 382 2.12 18.72 22.90
C ASN B 382 2.35 19.90 21.98
N PHE B 383 2.59 19.68 20.69
CA PHE B 383 2.89 20.76 19.77
C PHE B 383 4.07 21.60 20.26
N ILE B 384 5.05 20.96 20.91
CA ILE B 384 6.25 21.64 21.35
C ILE B 384 7.12 22.04 20.15
N LYS B 385 7.52 23.31 20.17
CA LYS B 385 8.26 23.92 19.08
C LYS B 385 9.73 24.00 19.41
N GLN B 386 10.12 24.12 20.67
CA GLN B 386 11.55 24.01 20.96
C GLN B 386 11.85 23.43 22.35
N ILE B 387 13.00 22.77 22.46
CA ILE B 387 13.39 22.18 23.73
C ILE B 387 14.83 22.50 24.05
N ASP B 388 15.08 22.87 25.30
CA ASP B 388 16.42 23.04 25.77
C ASP B 388 16.96 21.68 26.20
N PHE B 389 17.55 20.98 25.25
CA PHE B 389 17.85 19.56 25.41
C PHE B 389 18.76 19.18 26.57
N LYS B 390 19.64 20.09 26.92
CA LYS B 390 20.61 19.86 28.00
C LYS B 390 19.91 19.56 29.32
N LEU B 391 18.68 20.04 29.49
CA LEU B 391 17.93 19.74 30.71
C LEU B 391 17.85 18.26 31.01
N PHE B 392 17.83 17.40 29.99
CA PHE B 392 17.65 15.97 30.28
C PHE B 392 18.80 15.33 31.04
N GLN B 393 20.04 15.71 30.74
CA GLN B 393 21.22 15.31 31.52
C GLN B 393 21.14 15.58 33.02
N ASN B 394 20.55 16.71 33.43
CA ASN B 394 20.47 17.10 34.84
C ASN B 394 19.47 16.24 35.63
N PHE B 395 18.75 15.32 34.97
CA PHE B 395 17.91 14.37 35.69
C PHE B 395 18.75 13.26 36.29
N SER B 396 18.20 12.59 37.28
CA SER B 396 18.96 11.57 37.98
C SER B 396 19.31 10.47 36.98
N ASN B 397 18.28 9.86 36.40
CA ASN B 397 18.49 8.74 35.48
C ASN B 397 17.40 8.41 34.44
N LEU B 398 17.20 9.30 33.48
CA LEU B 398 16.22 9.00 32.42
C LEU B 398 16.75 7.91 31.50
N GLU B 399 15.91 6.93 31.18
CA GLU B 399 16.21 5.92 30.17
C GLU B 399 15.27 6.00 28.94
N ILE B 400 14.16 6.70 29.09
CA ILE B 400 13.22 6.90 27.95
C ILE B 400 12.79 8.35 27.93
N ILE B 401 13.22 9.07 26.91
CA ILE B 401 12.89 10.49 26.72
C ILE B 401 11.96 10.55 25.50
N TYR B 402 10.65 10.64 25.74
CA TYR B 402 9.71 10.36 24.66
C TYR B 402 9.08 11.66 24.17
N LEU B 403 9.50 12.11 22.99
CA LEU B 403 9.11 13.38 22.42
C LEU B 403 8.43 13.31 21.07
N SER B 404 7.90 12.13 20.74
CA SER B 404 7.26 11.88 19.47
C SER B 404 6.03 12.78 19.28
N GLU B 405 5.87 13.25 18.06
CA GLU B 405 4.66 13.98 17.64
C GLU B 405 4.57 15.35 18.30
N ASN B 406 5.49 16.22 17.91
CA ASN B 406 5.60 17.57 18.38
C ASN B 406 5.94 18.43 17.18
N ARG B 407 6.53 19.61 17.39
CA ARG B 407 6.87 20.51 16.29
C ARG B 407 8.35 20.89 16.41
N ILE B 408 9.17 19.97 16.88
CA ILE B 408 10.57 20.26 17.12
C ILE B 408 11.21 20.41 15.77
N SER B 409 11.97 21.48 15.61
CA SER B 409 12.63 21.75 14.35
C SER B 409 14.14 21.96 14.52
N PRO B 410 14.85 22.28 13.43
CA PRO B 410 16.30 22.35 13.60
C PRO B 410 16.75 23.40 14.63
N LEU B 411 17.70 23.01 15.49
CA LEU B 411 18.23 23.90 16.52
C LEU B 411 18.92 25.11 15.88
N VAL B 412 18.71 26.32 16.40
CA VAL B 412 19.62 27.42 15.99
C VAL B 412 19.67 28.50 17.07
N PHE B 437 -17.57 -3.99 17.15
CA PHE B 437 -17.25 -3.09 18.25
C PHE B 437 -15.75 -2.76 18.32
N GLU B 438 -15.48 -1.47 18.32
CA GLU B 438 -14.20 -0.92 17.97
C GLU B 438 -13.22 -0.66 19.09
N PHE B 439 -13.65 -0.82 20.32
CA PHE B 439 -12.83 -0.71 21.51
C PHE B 439 -12.71 -2.09 22.14
N ASP B 440 -11.48 -2.55 22.30
CA ASP B 440 -11.26 -3.89 22.83
C ASP B 440 -11.71 -3.87 24.30
N PRO B 441 -12.71 -4.69 24.67
CA PRO B 441 -13.15 -4.58 26.07
C PRO B 441 -12.15 -5.14 27.06
N HIS B 442 -11.05 -5.70 26.58
CA HIS B 442 -10.05 -6.25 27.50
C HIS B 442 -8.80 -5.39 27.57
N SER B 443 -8.86 -4.20 26.96
CA SER B 443 -7.71 -3.29 26.99
C SER B 443 -8.12 -2.06 27.77
N ASN B 444 -7.12 -1.24 28.04
CA ASN B 444 -7.30 0.10 28.54
C ASN B 444 -8.02 0.91 27.48
N PHE B 445 -9.06 1.60 27.91
CA PHE B 445 -9.82 2.43 26.98
C PHE B 445 -9.18 3.80 26.75
N TYR B 446 -8.39 4.31 27.68
CA TYR B 446 -7.94 5.71 27.58
C TYR B 446 -6.59 5.90 26.88
N HIS B 447 -5.78 4.85 26.78
CA HIS B 447 -4.57 4.90 25.94
C HIS B 447 -4.12 3.52 25.44
N PHE B 448 -3.17 3.50 24.51
CA PHE B 448 -2.55 2.24 24.07
C PHE B 448 -1.63 1.79 25.21
N THR B 449 -1.41 0.49 25.40
CA THR B 449 -0.47 0.05 26.46
C THR B 449 0.82 -0.54 25.89
N ARG B 450 0.99 -0.52 24.58
CA ARG B 450 2.27 -0.94 23.97
C ARG B 450 3.46 -0.10 24.47
N PRO B 451 4.66 -0.70 24.49
CA PRO B 451 5.82 0.09 24.91
C PRO B 451 5.94 1.38 24.10
N LEU B 452 6.42 2.46 24.73
CA LEU B 452 6.66 3.73 24.03
C LEU B 452 7.73 3.59 22.95
N ILE B 453 8.77 2.83 23.30
CA ILE B 453 9.93 2.58 22.45
C ILE B 453 9.93 1.09 22.11
N LYS B 454 10.24 0.78 20.86
CA LYS B 454 10.34 -0.61 20.46
C LYS B 454 11.35 -1.29 21.44
N PRO B 455 10.98 -2.41 22.04
CA PRO B 455 11.83 -3.11 23.01
C PRO B 455 13.22 -3.46 22.47
N GLN B 456 13.30 -3.82 21.19
CA GLN B 456 14.57 -4.15 20.57
C GLN B 456 15.53 -2.97 20.61
N CYS B 457 15.00 -1.75 20.53
CA CYS B 457 15.83 -0.55 20.56
C CYS B 457 16.15 -0.16 22.01
N ALA B 458 15.11 -0.19 22.85
CA ALA B 458 15.22 0.22 24.25
C ALA B 458 16.22 -0.69 24.96
N ALA B 459 16.23 -1.97 24.60
CA ALA B 459 17.15 -2.93 25.14
C ALA B 459 18.60 -2.49 25.07
N TYR B 460 18.98 -1.62 24.15
CA TYR B 460 20.36 -1.18 24.05
C TYR B 460 20.79 -0.14 25.07
N GLY B 461 19.85 0.54 25.71
CA GLY B 461 20.20 1.61 26.64
C GLY B 461 19.22 2.76 26.50
N LYS B 462 19.72 3.94 26.85
CA LYS B 462 18.94 5.16 26.93
C LYS B 462 18.36 5.52 25.57
N ALA B 463 17.07 5.90 25.55
CA ALA B 463 16.32 6.08 24.33
C ALA B 463 15.82 7.51 24.23
N LEU B 464 16.04 8.11 23.05
CA LEU B 464 15.53 9.45 22.73
C LEU B 464 14.63 9.30 21.50
N ASP B 465 13.33 9.48 21.64
CA ASP B 465 12.41 9.31 20.50
C ASP B 465 11.93 10.68 20.06
N LEU B 466 12.49 11.10 18.93
CA LEU B 466 12.14 12.35 18.31
C LEU B 466 11.35 12.15 17.01
N SER B 467 10.61 11.05 16.93
CA SER B 467 9.87 10.74 15.71
C SER B 467 8.73 11.72 15.52
N LEU B 468 8.25 11.83 14.28
CA LEU B 468 7.09 12.66 13.98
C LEU B 468 7.24 14.08 14.48
N ASN B 469 8.35 14.70 14.13
CA ASN B 469 8.66 16.10 14.40
C ASN B 469 9.03 16.79 13.09
N SER B 470 9.76 17.91 13.13
CA SER B 470 10.11 18.63 11.92
C SER B 470 11.60 18.89 11.90
N ILE B 471 12.37 17.91 12.34
CA ILE B 471 13.83 18.07 12.33
C ILE B 471 14.33 17.74 10.92
N PHE B 472 14.10 18.69 10.01
CA PHE B 472 14.29 18.41 8.58
C PHE B 472 15.77 18.46 8.18
N PHE B 473 16.59 19.03 9.07
CA PHE B 473 18.02 19.17 8.80
C PHE B 473 18.70 19.00 10.15
N ILE B 474 19.68 18.09 10.27
CA ILE B 474 20.44 17.90 11.50
C ILE B 474 21.70 18.73 11.40
N GLY B 475 21.71 19.87 12.10
CA GLY B 475 22.85 20.77 12.13
C GLY B 475 23.94 20.43 13.13
N PRO B 476 25.04 21.22 13.12
CA PRO B 476 26.25 20.86 13.86
C PRO B 476 26.06 20.67 15.36
N ASN B 477 25.08 21.32 15.99
CA ASN B 477 24.94 21.27 17.44
C ASN B 477 23.65 20.63 17.95
N GLN B 478 22.91 20.01 17.03
CA GLN B 478 21.57 19.54 17.32
C GLN B 478 21.53 18.68 18.57
N PHE B 479 22.57 17.86 18.74
CA PHE B 479 22.60 16.77 19.71
C PHE B 479 23.58 17.01 20.87
N GLU B 480 24.09 18.22 20.96
CA GLU B 480 24.87 18.73 22.07
C GLU B 480 24.23 18.50 23.45
N ASN B 481 25.03 18.06 24.43
CA ASN B 481 24.60 18.03 25.82
C ASN B 481 23.49 17.05 26.17
N LEU B 482 23.48 15.95 25.43
CA LEU B 482 22.51 14.92 25.63
C LEU B 482 23.22 13.83 26.41
N PRO B 483 22.45 12.97 27.08
CA PRO B 483 23.08 11.78 27.64
C PRO B 483 23.66 10.87 26.56
N ASP B 484 24.14 9.72 27.00
CA ASP B 484 24.77 8.74 26.15
C ASP B 484 23.62 7.95 25.53
N ILE B 485 23.03 8.53 24.50
CA ILE B 485 21.89 7.89 23.83
C ILE B 485 22.36 6.64 23.06
N ALA B 486 21.71 5.52 23.34
CA ALA B 486 21.91 4.29 22.63
C ALA B 486 20.83 3.97 21.59
N CYS B 487 19.63 4.54 21.74
CA CYS B 487 18.48 4.20 20.93
C CYS B 487 17.93 5.52 20.49
N LEU B 488 17.97 5.79 19.18
CA LEU B 488 17.57 7.09 18.71
C LEU B 488 16.54 6.89 17.57
N ASN B 489 15.39 7.54 17.74
CA ASN B 489 14.31 7.51 16.75
C ASN B 489 14.15 8.88 16.14
N LEU B 490 14.50 8.95 14.85
CA LEU B 490 14.24 10.13 14.03
C LEU B 490 13.23 9.86 12.91
N SER B 491 12.39 8.84 13.02
CA SER B 491 11.43 8.55 11.97
C SER B 491 10.53 9.75 11.71
N ALA B 492 10.17 9.95 10.45
CA ALA B 492 9.14 10.89 10.03
C ALA B 492 9.44 12.27 10.51
N ASN B 493 10.58 12.82 10.10
CA ASN B 493 10.98 14.20 10.31
C ASN B 493 11.21 14.98 9.00
N SER B 494 10.72 14.43 7.92
CA SER B 494 10.91 14.95 6.59
C SER B 494 12.34 15.41 6.33
N ASN B 495 13.29 14.60 6.77
CA ASN B 495 14.67 14.94 6.61
C ASN B 495 15.11 14.62 5.19
N ALA B 496 15.58 15.66 4.50
CA ALA B 496 16.04 15.55 3.13
C ALA B 496 17.56 15.80 2.95
N GLN B 497 18.31 15.71 4.04
CA GLN B 497 19.72 16.14 3.94
C GLN B 497 20.59 15.02 3.41
N VAL B 498 21.82 15.38 3.06
CA VAL B 498 22.90 14.44 2.75
C VAL B 498 23.73 14.21 4.02
N LEU B 499 23.44 13.13 4.76
CA LEU B 499 24.26 12.80 5.89
C LEU B 499 25.69 12.59 5.38
N SER B 500 26.69 12.95 6.17
CA SER B 500 28.06 13.09 5.68
C SER B 500 29.13 12.68 6.70
N GLY B 501 28.71 12.07 7.80
CA GLY B 501 29.64 11.49 8.75
C GLY B 501 29.94 12.30 10.00
N THR B 502 29.30 13.46 10.18
CA THR B 502 29.52 14.24 11.39
C THR B 502 28.24 14.53 12.20
N GLU B 503 27.08 14.16 11.70
CA GLU B 503 25.86 14.70 12.26
C GLU B 503 25.58 14.13 13.63
N PHE B 504 26.04 12.92 13.86
CA PHE B 504 25.80 12.25 15.11
C PHE B 504 27.05 12.22 15.98
N SER B 505 27.94 13.17 15.75
CA SER B 505 29.23 13.13 16.46
C SER B 505 29.12 13.31 17.99
N ALA B 506 28.05 13.94 18.46
CA ALA B 506 27.86 14.23 19.88
C ALA B 506 27.14 13.12 20.61
N ILE B 507 26.63 12.14 19.88
CA ILE B 507 26.09 10.91 20.46
C ILE B 507 26.60 9.73 19.63
N PRO B 508 27.93 9.51 19.65
CA PRO B 508 28.56 8.53 18.80
C PRO B 508 28.37 7.09 19.23
N HIS B 509 27.69 6.83 20.36
CA HIS B 509 27.46 5.43 20.75
C HIS B 509 26.05 4.96 20.47
N VAL B 510 25.37 5.61 19.53
CA VAL B 510 24.05 5.11 19.16
C VAL B 510 24.24 3.69 18.67
N LYS B 511 23.49 2.74 19.22
CA LYS B 511 23.50 1.35 18.77
C LYS B 511 22.32 0.99 17.85
N TYR B 512 21.20 1.71 17.97
CA TYR B 512 19.99 1.40 17.20
C TYR B 512 19.49 2.74 16.71
N LEU B 513 19.56 2.95 15.38
CA LEU B 513 19.16 4.20 14.78
C LEU B 513 17.94 3.98 13.83
N ASP B 514 16.84 4.70 14.09
CA ASP B 514 15.65 4.63 13.24
C ASP B 514 15.54 5.92 12.47
N LEU B 515 15.74 5.81 11.15
CA LEU B 515 15.62 6.96 10.25
C LEU B 515 14.50 6.76 9.22
N THR B 516 13.54 5.90 9.51
CA THR B 516 12.45 5.57 8.63
C THR B 516 11.59 6.79 8.24
N ASN B 517 11.03 6.73 7.04
CA ASN B 517 9.99 7.67 6.64
C ASN B 517 10.48 9.10 6.64
N ASN B 518 11.64 9.31 6.03
CA ASN B 518 12.22 10.59 5.80
C ASN B 518 12.33 10.77 4.30
N ARG B 519 13.12 11.74 3.82
CA ARG B 519 13.40 11.93 2.41
C ARG B 519 14.92 11.96 2.16
N LEU B 520 15.65 11.08 2.82
CA LEU B 520 17.11 11.20 2.91
C LEU B 520 17.73 11.06 1.52
N ASP B 521 18.70 11.92 1.29
CA ASP B 521 19.48 11.99 0.09
C ASP B 521 20.82 11.31 0.36
N PHE B 522 20.88 10.02 0.07
CA PHE B 522 22.09 9.24 0.32
C PHE B 522 23.12 9.58 -0.77
N ASP B 523 23.81 10.71 -0.60
CA ASP B 523 24.82 11.18 -1.54
C ASP B 523 26.20 11.37 -0.92
N ASN B 524 26.55 10.60 0.10
CA ASN B 524 27.91 10.74 0.66
C ASN B 524 28.33 9.43 1.29
N ALA B 525 29.46 8.93 0.81
CA ALA B 525 29.98 7.60 1.21
C ALA B 525 30.35 7.48 2.69
N SER B 526 30.50 8.62 3.37
CA SER B 526 30.80 8.66 4.81
C SER B 526 29.60 8.77 5.78
N ALA B 527 28.39 8.75 5.25
CA ALA B 527 27.17 8.86 6.04
C ALA B 527 27.14 7.91 7.19
N LEU B 528 26.80 8.44 8.36
CA LEU B 528 26.61 7.62 9.54
C LEU B 528 27.86 6.92 10.13
N THR B 529 29.02 7.11 9.50
CA THR B 529 30.21 6.37 9.91
C THR B 529 30.81 6.77 11.27
N GLU B 530 30.41 7.93 11.79
CA GLU B 530 30.75 8.31 13.15
C GLU B 530 30.17 7.32 14.18
N LEU B 531 29.15 6.55 13.82
CA LEU B 531 28.53 5.62 14.76
C LEU B 531 29.16 4.24 14.76
N SER B 532 30.35 4.16 15.39
CA SER B 532 31.17 2.97 15.41
C SER B 532 30.50 1.75 15.97
N ASP B 533 29.70 1.96 17.03
CA ASP B 533 29.01 0.88 17.70
C ASP B 533 27.64 0.51 17.13
N LEU B 534 27.26 1.06 16.00
CA LEU B 534 25.90 0.81 15.43
C LEU B 534 25.66 -0.63 15.10
N GLU B 535 24.61 -1.20 15.68
CA GLU B 535 24.22 -2.56 15.42
C GLU B 535 22.93 -2.72 14.60
N VAL B 536 22.04 -1.73 14.65
CA VAL B 536 20.78 -1.81 13.91
C VAL B 536 20.47 -0.49 13.28
N LEU B 537 20.24 -0.51 11.97
CA LEU B 537 20.01 0.72 11.25
C LEU B 537 18.80 0.52 10.36
N ASP B 538 17.79 1.38 10.52
CA ASP B 538 16.53 1.26 9.79
C ASP B 538 16.43 2.43 8.82
N LEU B 539 16.55 2.16 7.52
CA LEU B 539 16.41 3.23 6.53
C LEU B 539 15.14 3.07 5.69
N SER B 540 14.16 2.32 6.17
CA SER B 540 12.96 2.01 5.43
C SER B 540 12.21 3.30 5.09
N TYR B 541 11.53 3.29 3.93
CA TYR B 541 10.67 4.40 3.48
C TYR B 541 11.39 5.72 3.33
N ASN B 542 12.55 5.65 2.65
CA ASN B 542 13.29 6.83 2.23
C ASN B 542 13.44 6.78 0.69
N SER B 543 12.35 6.44 0.01
CA SER B 543 12.22 6.52 -1.47
C SER B 543 12.66 7.74 -2.20
N HIS B 544 12.43 8.87 -1.57
CA HIS B 544 12.30 10.13 -2.28
C HIS B 544 13.34 10.42 -3.36
N TYR B 545 14.62 10.23 -3.05
CA TYR B 545 15.70 10.40 -4.01
C TYR B 545 16.05 9.08 -4.73
N PHE B 546 15.93 7.93 -4.07
CA PHE B 546 16.20 6.66 -4.72
C PHE B 546 15.37 6.51 -6.02
N ARG B 547 14.17 7.05 -6.02
CA ARG B 547 13.28 6.91 -7.16
C ARG B 547 13.68 7.77 -8.35
N ILE B 548 14.55 8.76 -8.19
CA ILE B 548 14.94 9.59 -9.31
C ILE B 548 16.26 9.11 -9.93
N ALA B 549 16.23 8.73 -11.20
CA ALA B 549 17.41 8.10 -11.86
C ALA B 549 18.57 9.07 -11.95
N GLY B 550 18.27 10.31 -12.32
CA GLY B 550 19.25 11.34 -12.58
C GLY B 550 20.00 11.91 -11.40
N VAL B 551 19.54 11.72 -10.18
CA VAL B 551 20.38 12.12 -9.05
C VAL B 551 21.31 10.98 -8.64
N THR B 552 22.45 11.30 -8.03
CA THR B 552 23.40 10.27 -7.55
C THR B 552 22.93 9.61 -6.25
N HIS B 553 23.22 8.31 -6.12
CA HIS B 553 22.89 7.51 -4.94
C HIS B 553 24.14 6.72 -4.47
N HIS B 554 24.46 6.79 -3.17
CA HIS B 554 25.66 6.17 -2.57
C HIS B 554 25.40 5.40 -1.28
N LEU B 555 25.54 4.09 -1.34
CA LEU B 555 25.33 3.23 -0.18
C LEU B 555 26.60 2.57 0.36
N GLU B 556 27.76 3.08 -0.03
CA GLU B 556 29.06 2.54 0.33
C GLU B 556 29.33 2.60 1.83
N PHE B 557 28.70 3.53 2.56
CA PHE B 557 28.98 3.68 4.00
C PHE B 557 28.73 2.38 4.76
N ILE B 558 27.90 1.50 4.20
CA ILE B 558 27.53 0.29 4.90
C ILE B 558 28.72 -0.55 5.35
N GLN B 559 29.77 -0.60 4.54
CA GLN B 559 30.91 -1.47 4.77
C GLN B 559 31.76 -1.00 5.95
N ASN B 560 31.68 0.27 6.34
CA ASN B 560 32.48 0.81 7.45
C ASN B 560 32.22 0.30 8.83
N PHE B 561 31.00 -0.16 9.06
CA PHE B 561 30.56 -0.56 10.37
C PHE B 561 31.11 -1.93 10.72
N THR B 562 31.67 -1.96 11.91
CA THR B 562 32.35 -3.11 12.41
C THR B 562 31.42 -4.00 13.21
N ASN B 563 30.36 -3.40 13.75
CA ASN B 563 29.39 -4.13 14.56
C ASN B 563 27.95 -4.16 14.01
N LEU B 564 27.74 -3.74 12.76
CA LEU B 564 26.38 -3.68 12.22
C LEU B 564 25.83 -5.09 12.00
N LYS B 565 24.70 -5.37 12.64
CA LYS B 565 24.10 -6.68 12.50
C LYS B 565 22.87 -6.71 11.58
N VAL B 566 22.04 -5.68 11.69
CA VAL B 566 20.71 -5.65 11.06
C VAL B 566 20.59 -4.34 10.30
N LEU B 567 20.27 -4.46 9.01
CA LEU B 567 20.04 -3.33 8.13
C LEU B 567 18.76 -3.53 7.35
N ASN B 568 17.91 -2.51 7.44
CA ASN B 568 16.62 -2.53 6.77
C ASN B 568 16.61 -1.41 5.76
N LEU B 569 16.63 -1.80 4.47
CA LEU B 569 16.53 -0.89 3.34
C LEU B 569 15.17 -1.01 2.64
N SER B 570 14.14 -1.45 3.35
CA SER B 570 12.86 -1.71 2.72
C SER B 570 12.11 -0.51 2.19
N HIS B 571 11.31 -0.73 1.15
CA HIS B 571 10.44 0.31 0.58
C HIS B 571 11.14 1.59 0.21
N ASN B 572 12.29 1.41 -0.39
CA ASN B 572 13.07 2.51 -0.82
C ASN B 572 13.09 2.66 -2.35
N ASN B 573 12.48 1.74 -3.09
CA ASN B 573 12.40 1.84 -4.56
C ASN B 573 13.81 1.86 -5.14
N ILE B 574 14.73 1.09 -4.58
CA ILE B 574 16.13 1.12 -5.05
C ILE B 574 16.22 0.44 -6.39
N TYR B 575 16.70 1.14 -7.42
CA TYR B 575 16.92 0.48 -8.71
C TYR B 575 18.17 0.92 -9.43
N THR B 576 18.84 1.93 -8.89
CA THR B 576 20.07 2.43 -9.48
C THR B 576 20.96 3.07 -8.42
N LEU B 577 22.25 2.72 -8.47
CA LEU B 577 23.27 3.34 -7.64
C LEU B 577 24.36 3.91 -8.51
N THR B 578 25.13 4.83 -7.93
CA THR B 578 26.19 5.55 -8.61
C THR B 578 27.56 4.88 -8.31
N ASP B 579 28.26 4.39 -9.34
CA ASP B 579 29.66 3.93 -9.27
C ASP B 579 29.83 2.66 -8.51
N LYS B 580 29.42 2.64 -7.24
CA LYS B 580 29.51 1.44 -6.45
C LYS B 580 28.17 0.72 -6.36
N TYR B 581 28.12 -0.46 -6.96
CA TYR B 581 26.91 -1.19 -7.24
C TYR B 581 26.65 -2.26 -6.22
N ASN B 582 27.62 -2.49 -5.33
CA ASN B 582 27.57 -3.67 -4.47
C ASN B 582 27.37 -3.27 -3.02
N LEU B 583 26.63 -4.09 -2.29
CA LEU B 583 26.57 -3.91 -0.84
C LEU B 583 27.61 -4.84 -0.19
N GLU B 584 28.39 -4.27 0.71
CA GLU B 584 29.45 -5.01 1.44
C GLU B 584 29.49 -4.76 2.94
N SER B 585 29.67 -5.83 3.71
CA SER B 585 29.80 -5.79 5.16
C SER B 585 30.38 -7.13 5.63
N LYS B 586 31.43 -7.04 6.46
CA LYS B 586 31.97 -8.21 7.16
C LYS B 586 31.14 -8.72 8.31
N SER B 587 30.30 -7.86 8.88
CA SER B 587 29.49 -8.23 10.07
C SER B 587 28.01 -8.51 9.85
N LEU B 588 27.37 -7.83 8.90
CA LEU B 588 25.90 -7.92 8.76
C LEU B 588 25.35 -9.32 8.75
N VAL B 589 24.35 -9.57 9.59
CA VAL B 589 23.68 -10.86 9.65
C VAL B 589 22.33 -10.81 8.93
N GLU B 590 21.73 -9.62 8.81
CA GLU B 590 20.35 -9.58 8.32
C GLU B 590 20.18 -8.37 7.45
N LEU B 591 19.69 -8.64 6.23
CA LEU B 591 19.37 -7.59 5.28
C LEU B 591 17.92 -7.67 4.81
N VAL B 592 17.18 -6.57 5.01
CA VAL B 592 15.82 -6.49 4.55
C VAL B 592 15.84 -5.60 3.33
N PHE B 593 15.51 -6.21 2.20
CA PHE B 593 15.57 -5.52 0.94
C PHE B 593 14.20 -5.53 0.26
N SER B 594 13.13 -5.73 1.02
CA SER B 594 11.83 -5.73 0.45
C SER B 594 11.41 -4.38 -0.13
N GLY B 595 10.55 -4.39 -1.14
CA GLY B 595 9.98 -3.14 -1.62
C GLY B 595 10.96 -2.28 -2.39
N ASN B 596 11.89 -2.93 -3.09
CA ASN B 596 12.82 -2.29 -4.00
C ASN B 596 12.62 -2.84 -5.41
N ARG B 597 13.56 -2.61 -6.34
CA ARG B 597 13.39 -3.06 -7.71
C ARG B 597 14.54 -3.92 -8.24
N LEU B 598 14.70 -5.06 -7.60
CA LEU B 598 15.61 -6.09 -8.07
C LEU B 598 15.26 -6.60 -9.49
N ASP B 599 14.00 -6.47 -9.90
CA ASP B 599 13.59 -6.77 -11.28
C ASP B 599 14.33 -5.84 -12.23
N ILE B 600 14.57 -4.60 -11.82
CA ILE B 600 15.40 -3.70 -12.60
C ILE B 600 16.89 -3.95 -12.44
N LEU B 601 17.35 -4.02 -11.19
CA LEU B 601 18.76 -4.21 -10.91
C LEU B 601 19.31 -5.45 -11.60
N TRP B 602 18.54 -6.53 -11.58
CA TRP B 602 18.98 -7.76 -12.18
C TRP B 602 18.43 -7.99 -13.60
N ASN B 603 18.02 -6.93 -14.28
CA ASN B 603 17.53 -7.03 -15.64
C ASN B 603 18.54 -7.81 -16.50
N ASP B 604 18.09 -8.75 -17.31
CA ASP B 604 18.96 -9.64 -18.11
C ASP B 604 20.01 -8.93 -18.98
N ASP B 605 19.78 -7.68 -19.34
CA ASP B 605 20.76 -6.96 -20.14
C ASP B 605 21.77 -6.14 -19.32
N ASP B 606 21.75 -6.31 -18.00
CA ASP B 606 22.63 -5.54 -17.10
C ASP B 606 23.39 -6.46 -16.15
N ASN B 607 24.72 -6.32 -16.16
CA ASN B 607 25.61 -7.17 -15.37
C ASN B 607 26.04 -6.50 -14.08
N ARG B 608 25.83 -5.19 -14.01
CA ARG B 608 26.45 -4.38 -12.96
C ARG B 608 26.05 -4.75 -11.51
N TYR B 609 24.87 -5.32 -11.27
CA TYR B 609 24.35 -5.64 -9.92
C TYR B 609 24.29 -7.11 -9.64
N ILE B 610 24.97 -7.86 -10.47
CA ILE B 610 24.95 -9.32 -10.39
C ILE B 610 25.62 -9.85 -9.11
N SER B 611 26.39 -9.02 -8.41
CA SER B 611 27.00 -9.43 -7.12
C SER B 611 26.56 -8.60 -5.92
N ILE B 612 25.41 -7.97 -6.06
CA ILE B 612 25.00 -6.92 -5.14
C ILE B 612 25.09 -7.30 -3.66
N PHE B 613 24.74 -8.53 -3.31
CA PHE B 613 24.78 -9.01 -1.94
C PHE B 613 25.93 -9.95 -1.58
N LYS B 614 26.74 -10.31 -2.54
CA LYS B 614 27.85 -11.23 -2.36
C LYS B 614 28.83 -10.78 -1.29
N GLY B 615 29.12 -9.49 -1.24
CA GLY B 615 30.02 -8.94 -0.24
C GLY B 615 29.49 -8.84 1.18
N LEU B 616 28.28 -9.32 1.42
CA LEU B 616 27.75 -9.36 2.78
C LEU B 616 28.14 -10.71 3.35
N LYS B 617 29.39 -10.77 3.81
CA LYS B 617 30.04 -12.06 3.98
C LYS B 617 29.52 -12.82 5.17
N ASN B 618 28.77 -12.16 6.06
CA ASN B 618 28.28 -12.80 7.29
C ASN B 618 26.77 -12.98 7.30
N LEU B 619 26.11 -12.73 6.18
CA LEU B 619 24.66 -12.70 6.17
C LEU B 619 23.99 -14.06 6.31
N THR B 620 23.00 -14.17 7.20
CA THR B 620 22.26 -15.41 7.34
C THR B 620 20.77 -15.24 6.99
N ARG B 621 20.28 -14.01 7.03
CA ARG B 621 18.88 -13.71 6.75
C ARG B 621 18.81 -12.63 5.68
N LEU B 622 18.11 -12.97 4.59
CA LEU B 622 17.89 -12.05 3.48
C LEU B 622 16.44 -12.02 3.05
N ASP B 623 15.89 -10.81 2.95
CA ASP B 623 14.49 -10.64 2.56
C ASP B 623 14.42 -9.91 1.22
N LEU B 624 13.95 -10.63 0.19
CA LEU B 624 13.81 -10.07 -1.18
C LEU B 624 12.36 -10.02 -1.61
N SER B 625 11.47 -9.92 -0.64
CA SER B 625 10.07 -9.88 -0.95
C SER B 625 9.77 -8.59 -1.71
N LEU B 626 8.62 -8.54 -2.40
CA LEU B 626 8.11 -7.31 -2.97
C LEU B 626 9.13 -6.56 -3.82
N ASN B 627 9.84 -7.28 -4.68
CA ASN B 627 10.77 -6.65 -5.64
C ASN B 627 10.38 -6.82 -7.13
N ARG B 628 9.14 -7.25 -7.35
CA ARG B 628 8.55 -7.48 -8.68
C ARG B 628 9.34 -8.42 -9.55
N LEU B 629 9.99 -9.42 -8.95
CA LEU B 629 10.81 -10.37 -9.72
C LEU B 629 9.97 -11.41 -10.48
N LYS B 630 10.26 -11.55 -11.77
CA LYS B 630 9.67 -12.58 -12.64
C LYS B 630 10.58 -13.78 -12.78
N HIS B 631 11.87 -13.52 -12.70
CA HIS B 631 12.87 -14.57 -12.67
C HIS B 631 14.15 -13.93 -12.14
N ILE B 632 15.00 -14.73 -11.51
CA ILE B 632 16.28 -14.32 -10.96
C ILE B 632 17.33 -14.98 -11.84
N PRO B 633 18.22 -14.20 -12.47
CA PRO B 633 19.21 -14.82 -13.31
C PRO B 633 20.00 -15.82 -12.47
N ASN B 634 20.47 -16.90 -13.10
CA ASN B 634 21.19 -17.95 -12.38
C ASN B 634 22.43 -17.43 -11.66
N GLU B 635 23.24 -16.67 -12.38
CA GLU B 635 24.43 -16.13 -11.79
C GLU B 635 24.09 -15.21 -10.63
N ALA B 636 22.97 -14.48 -10.71
CA ALA B 636 22.61 -13.59 -9.61
C ALA B 636 22.30 -14.41 -8.37
N PHE B 637 21.52 -15.47 -8.53
CA PHE B 637 21.16 -16.35 -7.40
C PHE B 637 22.42 -16.96 -6.78
N LEU B 638 23.38 -17.35 -7.62
CA LEU B 638 24.58 -18.06 -7.16
C LEU B 638 25.50 -17.09 -6.47
N ASN B 639 25.32 -15.79 -6.72
CA ASN B 639 26.05 -14.78 -5.95
C ASN B 639 25.39 -14.28 -4.66
N LEU B 640 24.30 -14.91 -4.22
CA LEU B 640 23.80 -14.62 -2.88
C LEU B 640 24.77 -15.29 -1.88
N PRO B 641 24.92 -14.74 -0.65
CA PRO B 641 25.90 -15.33 0.28
C PRO B 641 25.68 -16.77 0.66
N ALA B 642 26.74 -17.56 0.53
CA ALA B 642 26.75 -18.99 0.89
C ALA B 642 26.43 -19.24 2.37
N SER B 643 26.64 -18.22 3.19
CA SER B 643 26.23 -18.25 4.61
C SER B 643 24.75 -18.28 4.93
N LEU B 644 23.85 -18.11 3.96
CA LEU B 644 22.45 -17.91 4.34
C LEU B 644 21.81 -19.13 4.99
N THR B 645 21.04 -18.85 6.03
CA THR B 645 20.18 -19.87 6.60
C THR B 645 18.71 -19.59 6.31
N GLU B 646 18.37 -18.33 6.01
CA GLU B 646 17.00 -17.93 5.78
C GLU B 646 16.90 -16.98 4.58
N LEU B 647 16.14 -17.37 3.56
CA LEU B 647 15.97 -16.56 2.37
C LEU B 647 14.49 -16.46 2.03
N HIS B 648 14.00 -15.23 1.93
CA HIS B 648 12.61 -14.98 1.58
C HIS B 648 12.57 -14.36 0.22
N ILE B 649 11.71 -14.92 -0.62
CA ILE B 649 11.48 -14.30 -1.93
C ILE B 649 9.97 -14.27 -2.20
N ASN B 650 9.22 -13.97 -1.15
CA ASN B 650 7.78 -14.11 -1.21
C ASN B 650 7.23 -12.84 -1.83
N ASP B 651 6.05 -12.95 -2.42
CA ASP B 651 5.35 -11.77 -2.94
C ASP B 651 6.17 -11.06 -4.01
N ASN B 652 6.61 -11.92 -4.93
CA ASN B 652 7.10 -11.49 -6.21
C ASN B 652 6.18 -12.03 -7.28
N MET B 653 6.71 -12.31 -8.45
CA MET B 653 5.91 -12.79 -9.55
C MET B 653 6.64 -13.93 -10.21
N LEU B 654 7.44 -14.67 -9.45
CA LEU B 654 8.32 -15.69 -10.02
C LEU B 654 7.57 -16.78 -10.77
N LYS B 655 8.01 -17.05 -11.98
CA LYS B 655 7.42 -18.15 -12.75
C LYS B 655 8.34 -19.33 -12.71
N PHE B 656 9.61 -19.13 -12.49
CA PHE B 656 10.45 -20.32 -12.42
C PHE B 656 11.38 -20.14 -11.24
N PHE B 657 11.83 -21.28 -10.74
CA PHE B 657 12.84 -21.27 -9.71
C PHE B 657 13.84 -22.37 -9.96
N ASN B 658 15.11 -22.01 -10.04
CA ASN B 658 16.12 -23.01 -10.33
C ASN B 658 16.58 -23.80 -9.11
N TRP B 659 15.92 -24.92 -8.86
CA TRP B 659 16.13 -25.71 -7.66
C TRP B 659 17.56 -26.24 -7.55
N THR B 660 18.19 -26.50 -8.69
CA THR B 660 19.51 -27.09 -8.67
C THR B 660 20.46 -26.16 -7.93
N LEU B 661 20.21 -24.86 -7.98
CA LEU B 661 21.14 -23.91 -7.35
C LEU B 661 21.17 -23.96 -5.81
N LEU B 662 20.24 -24.66 -5.16
CA LEU B 662 20.34 -24.85 -3.71
C LEU B 662 21.57 -25.64 -3.27
N GLN B 663 22.25 -26.24 -4.23
CA GLN B 663 23.54 -26.90 -4.01
C GLN B 663 24.59 -25.95 -3.49
N GLN B 664 24.51 -24.66 -3.81
CA GLN B 664 25.49 -23.71 -3.29
C GLN B 664 25.11 -23.12 -1.94
N PHE B 665 24.06 -23.62 -1.31
CA PHE B 665 23.62 -22.98 -0.07
C PHE B 665 23.52 -24.00 1.06
N PRO B 666 24.70 -24.46 1.55
CA PRO B 666 24.72 -25.63 2.42
C PRO B 666 24.17 -25.40 3.83
N ARG B 667 23.91 -24.15 4.20
CA ARG B 667 23.36 -23.84 5.51
C ARG B 667 21.88 -23.47 5.45
N LEU B 668 21.26 -23.64 4.28
CA LEU B 668 19.98 -23.02 4.05
C LEU B 668 18.93 -23.84 4.74
N GLU B 669 18.24 -23.22 5.68
CA GLU B 669 17.27 -23.94 6.48
C GLU B 669 15.83 -23.58 6.11
N LEU B 670 15.58 -22.31 5.81
CA LEU B 670 14.27 -21.80 5.44
C LEU B 670 14.30 -21.08 4.09
N LEU B 671 13.43 -21.57 3.21
CA LEU B 671 13.27 -20.94 1.90
C LEU B 671 11.80 -20.62 1.77
N ASP B 672 11.52 -19.34 1.58
CA ASP B 672 10.14 -18.87 1.53
C ASP B 672 9.82 -18.31 0.15
N LEU B 673 8.98 -19.02 -0.60
CA LEU B 673 8.62 -18.62 -1.98
C LEU B 673 7.13 -18.38 -2.09
N ARG B 674 6.48 -18.06 -0.96
CA ARG B 674 5.05 -17.78 -0.97
C ARG B 674 4.71 -16.59 -1.86
N GLY B 675 3.54 -16.67 -2.47
CA GLY B 675 3.00 -15.50 -3.18
C GLY B 675 3.68 -15.20 -4.50
N ASN B 676 3.89 -16.26 -5.28
CA ASN B 676 4.53 -16.16 -6.59
C ASN B 676 3.67 -16.87 -7.65
N LYS B 677 4.24 -17.25 -8.78
CA LYS B 677 3.48 -17.93 -9.83
C LYS B 677 4.16 -19.23 -10.26
N LEU B 678 4.68 -19.97 -9.29
CA LEU B 678 5.47 -21.16 -9.60
C LEU B 678 4.57 -22.34 -9.93
N LEU B 679 4.95 -23.10 -10.96
CA LEU B 679 4.26 -24.38 -11.26
C LEU B 679 5.06 -25.64 -11.06
N PHE B 680 6.38 -25.57 -11.13
CA PHE B 680 7.19 -26.78 -11.26
C PHE B 680 8.02 -27.04 -10.00
N LEU B 681 7.79 -28.19 -9.37
CA LEU B 681 8.68 -28.63 -8.30
C LEU B 681 9.67 -29.63 -8.89
N THR B 682 10.95 -29.45 -8.59
CA THR B 682 11.95 -30.42 -9.00
C THR B 682 11.63 -31.78 -8.37
N ASP B 683 11.98 -32.84 -9.09
CA ASP B 683 11.75 -34.19 -8.58
C ASP B 683 13.03 -34.79 -8.00
N SER B 684 14.11 -34.00 -7.87
CA SER B 684 15.30 -34.49 -7.18
C SER B 684 15.89 -33.48 -6.18
N LEU B 685 15.00 -32.98 -5.32
CA LEU B 685 15.39 -31.97 -4.35
C LEU B 685 16.53 -32.45 -3.47
N SER B 686 16.55 -33.74 -3.13
CA SER B 686 17.59 -34.25 -2.20
C SER B 686 18.95 -34.18 -2.85
N ASP B 687 18.99 -34.11 -4.18
CA ASP B 687 20.27 -33.94 -4.89
C ASP B 687 20.82 -32.55 -4.65
N PHE B 688 19.97 -31.61 -4.25
CA PHE B 688 20.39 -30.20 -4.19
C PHE B 688 20.49 -29.59 -2.79
N THR B 689 19.83 -30.16 -1.80
CA THR B 689 19.97 -29.67 -0.43
C THR B 689 19.84 -30.82 0.56
N SER B 690 20.67 -30.77 1.60
CA SER B 690 20.49 -31.63 2.76
C SER B 690 20.29 -30.81 4.03
N SER B 691 20.11 -29.50 3.89
CA SER B 691 19.90 -28.58 5.03
C SER B 691 18.47 -28.09 5.21
N LEU B 692 17.67 -28.13 4.15
CA LEU B 692 16.44 -27.34 4.14
C LEU B 692 15.46 -27.94 5.14
N ARG B 693 14.95 -27.13 6.07
CA ARG B 693 13.96 -27.61 7.02
C ARG B 693 12.55 -27.11 6.82
N THR B 694 12.44 -25.89 6.33
CA THR B 694 11.14 -25.29 6.05
C THR B 694 11.09 -24.74 4.62
N LEU B 695 10.10 -25.19 3.87
CA LEU B 695 9.88 -24.75 2.49
C LEU B 695 8.48 -24.16 2.40
N LEU B 696 8.39 -22.85 2.15
CA LEU B 696 7.06 -22.24 2.12
C LEU B 696 6.66 -21.94 0.68
N LEU B 697 5.59 -22.60 0.21
CA LEU B 697 5.19 -22.53 -1.19
C LEU B 697 3.73 -22.12 -1.39
N SER B 698 3.09 -21.70 -0.31
CA SER B 698 1.78 -21.08 -0.34
C SER B 698 1.52 -20.06 -1.44
N HIS B 699 0.35 -20.16 -2.07
CA HIS B 699 -0.11 -19.17 -3.06
C HIS B 699 0.86 -19.15 -4.21
N ASN B 700 0.93 -20.33 -4.83
CA ASN B 700 1.60 -20.51 -6.09
C ASN B 700 0.68 -21.34 -6.98
N ARG B 701 1.19 -21.92 -8.05
CA ARG B 701 0.31 -22.57 -9.01
C ARG B 701 0.72 -24.03 -9.22
N ILE B 702 1.16 -24.69 -8.14
CA ILE B 702 1.64 -26.06 -8.22
C ILE B 702 0.40 -26.96 -8.38
N SER B 703 0.41 -27.81 -9.40
CA SER B 703 -0.71 -28.72 -9.64
C SER B 703 -0.29 -30.19 -9.49
N HIS B 704 1.01 -30.45 -9.46
CA HIS B 704 1.49 -31.82 -9.44
C HIS B 704 2.66 -31.94 -8.46
N LEU B 705 2.53 -32.90 -7.55
CA LEU B 705 3.65 -33.29 -6.68
C LEU B 705 4.42 -34.44 -7.32
N PRO B 706 5.75 -34.30 -7.51
CA PRO B 706 6.54 -35.34 -8.17
C PRO B 706 6.83 -36.56 -7.29
N SER B 707 7.40 -37.61 -7.87
CA SER B 707 7.56 -38.87 -7.14
C SER B 707 8.37 -38.80 -5.86
N GLY B 708 7.78 -39.33 -4.78
CA GLY B 708 8.33 -39.32 -3.42
C GLY B 708 8.70 -37.97 -2.82
N PHE B 709 8.04 -36.90 -3.28
CA PHE B 709 8.40 -35.56 -2.87
C PHE B 709 8.14 -35.32 -1.36
N LEU B 710 7.07 -35.87 -0.79
CA LEU B 710 6.84 -35.78 0.66
C LEU B 710 8.00 -36.32 1.51
N SER B 711 8.80 -37.20 0.90
CA SER B 711 9.89 -37.87 1.58
C SER B 711 11.23 -37.57 0.93
N GLU B 712 11.26 -36.64 -0.02
CA GLU B 712 12.51 -36.37 -0.73
C GLU B 712 13.66 -35.96 0.18
N VAL B 713 13.41 -34.95 1.00
CA VAL B 713 14.47 -34.37 1.81
C VAL B 713 14.32 -34.75 3.29
N SER B 714 15.30 -35.47 3.83
CA SER B 714 15.22 -35.99 5.21
C SER B 714 15.15 -34.85 6.20
N SER B 715 15.92 -33.80 5.95
CA SER B 715 15.94 -32.62 6.81
C SER B 715 14.64 -31.81 6.78
N LEU B 716 13.75 -32.00 5.81
CA LEU B 716 12.56 -31.15 5.72
C LEU B 716 11.47 -31.45 6.77
N LYS B 717 11.24 -30.50 7.67
CA LYS B 717 10.23 -30.63 8.74
C LYS B 717 8.84 -30.07 8.40
N HIS B 718 8.83 -28.96 7.65
CA HIS B 718 7.68 -28.12 7.42
C HIS B 718 7.59 -27.79 5.94
N LEU B 719 6.57 -28.36 5.33
CA LEU B 719 6.25 -28.08 3.94
C LEU B 719 4.87 -27.44 3.89
N ASP B 720 4.84 -26.24 3.31
CA ASP B 720 3.61 -25.49 3.12
C ASP B 720 3.22 -25.46 1.64
N LEU B 721 2.18 -26.21 1.29
CA LEU B 721 1.61 -26.23 -0.06
C LEU B 721 0.21 -25.64 -0.13
N SER B 722 -0.16 -24.90 0.91
CA SER B 722 -1.37 -24.11 1.01
C SER B 722 -1.70 -23.39 -0.29
N SER B 723 -2.98 -23.24 -0.62
CA SER B 723 -3.39 -22.37 -1.73
C SER B 723 -2.58 -22.54 -3.01
N ASN B 724 -2.44 -23.77 -3.47
CA ASN B 724 -1.94 -24.03 -4.81
C ASN B 724 -3.02 -24.65 -5.65
N LEU B 725 -2.65 -25.41 -6.68
CA LEU B 725 -3.63 -25.93 -7.61
C LEU B 725 -3.66 -27.48 -7.58
N LEU B 726 -3.45 -28.08 -6.40
CA LEU B 726 -3.45 -29.55 -6.29
C LEU B 726 -4.85 -30.16 -6.34
N LYS B 727 -5.04 -31.13 -7.24
CA LYS B 727 -6.30 -31.89 -7.35
C LYS B 727 -6.27 -33.17 -6.53
N THR B 728 -5.09 -33.77 -6.45
CA THR B 728 -4.82 -34.90 -5.56
C THR B 728 -3.33 -34.97 -5.26
N ILE B 729 -3.03 -35.90 -4.37
CA ILE B 729 -1.68 -36.32 -4.08
C ILE B 729 -1.63 -37.80 -4.37
N ASN B 730 -0.79 -38.07 -5.35
CA ASN B 730 -0.60 -39.36 -6.00
C ASN B 730 0.21 -40.31 -5.13
N LYS B 731 -0.05 -41.60 -5.30
CA LYS B 731 0.70 -42.65 -4.62
C LYS B 731 2.21 -42.48 -4.78
N SER B 732 2.67 -42.17 -5.98
CA SER B 732 4.11 -42.12 -6.21
C SER B 732 4.68 -40.95 -5.42
N ALA B 733 3.87 -39.92 -5.25
CA ALA B 733 4.24 -38.77 -4.41
C ALA B 733 4.47 -39.22 -2.98
N LEU B 734 3.85 -40.33 -2.60
CA LEU B 734 3.94 -40.80 -1.22
C LEU B 734 5.07 -41.81 -1.01
N GLU B 735 5.45 -42.53 -2.07
CA GLU B 735 6.59 -43.45 -2.05
C GLU B 735 7.79 -42.90 -1.30
N THR B 736 8.20 -43.61 -0.24
CA THR B 736 9.38 -43.23 0.53
C THR B 736 10.38 -44.38 0.56
N LYS B 737 11.65 -44.07 0.31
CA LYS B 737 12.75 -45.04 0.45
C LYS B 737 12.88 -45.50 1.90
N THR B 738 12.72 -44.57 2.85
CA THR B 738 12.76 -44.82 4.28
C THR B 738 11.56 -44.20 5.01
N THR B 739 11.76 -43.07 5.71
CA THR B 739 10.77 -42.45 6.58
C THR B 739 10.56 -40.98 6.19
N THR B 740 11.39 -40.08 6.75
CA THR B 740 11.39 -38.60 6.66
C THR B 740 11.28 -37.88 8.02
N LYS B 741 11.78 -36.64 8.09
CA LYS B 741 11.67 -35.79 9.29
C LYS B 741 10.38 -34.95 9.32
N LEU B 742 9.49 -35.20 8.36
CA LEU B 742 8.33 -34.36 8.06
C LEU B 742 7.35 -34.29 9.24
N SER B 743 7.19 -33.09 9.75
CA SER B 743 6.36 -32.86 10.90
C SER B 743 5.05 -32.14 10.58
N MET B 744 5.09 -31.26 9.59
CA MET B 744 3.95 -30.43 9.27
C MET B 744 3.79 -30.21 7.79
N LEU B 745 2.59 -30.51 7.31
CA LEU B 745 2.24 -30.39 5.90
C LEU B 745 0.98 -29.57 5.81
N GLU B 746 1.06 -28.42 5.14
CA GLU B 746 -0.10 -27.56 4.93
C GLU B 746 -0.64 -27.67 3.49
N LEU B 747 -1.96 -27.79 3.40
CA LEU B 747 -2.67 -28.16 2.18
C LEU B 747 -3.99 -27.42 2.01
N HIS B 748 -4.31 -26.50 2.92
CA HIS B 748 -5.63 -25.88 2.85
C HIS B 748 -5.68 -25.00 1.59
N GLY B 749 -6.87 -24.92 0.98
CA GLY B 749 -7.09 -24.10 -0.21
C GLY B 749 -6.56 -24.71 -1.50
N ASN B 750 -6.43 -26.02 -1.56
CA ASN B 750 -6.17 -26.67 -2.82
C ASN B 750 -7.49 -27.18 -3.36
N PRO B 751 -7.67 -27.14 -4.70
CA PRO B 751 -8.94 -27.59 -5.24
C PRO B 751 -9.02 -29.11 -5.34
N PHE B 752 -9.15 -29.82 -4.22
CA PHE B 752 -9.06 -31.28 -4.26
C PHE B 752 -10.23 -31.94 -4.99
N GLU B 753 -9.91 -32.95 -5.80
CA GLU B 753 -10.92 -33.80 -6.42
C GLU B 753 -11.23 -35.01 -5.53
N CYS B 754 -12.37 -34.91 -4.85
CA CYS B 754 -12.83 -35.93 -3.91
C CYS B 754 -13.60 -37.09 -4.56
N THR B 755 -13.02 -37.65 -5.62
CA THR B 755 -13.41 -38.95 -6.14
C THR B 755 -12.67 -40.00 -5.33
N CYS B 756 -12.75 -41.25 -5.74
CA CYS B 756 -11.91 -42.33 -5.20
C CYS B 756 -10.42 -42.12 -5.48
N ASP B 757 -10.07 -41.20 -6.37
CA ASP B 757 -8.66 -40.86 -6.54
C ASP B 757 -7.99 -40.30 -5.29
N ILE B 758 -8.76 -39.82 -4.32
CA ILE B 758 -8.20 -39.19 -3.13
C ILE B 758 -7.91 -40.23 -2.07
N GLY B 759 -8.34 -41.46 -2.33
CA GLY B 759 -8.28 -42.53 -1.34
C GLY B 759 -6.89 -42.73 -0.81
N ASP B 760 -5.91 -42.76 -1.71
CA ASP B 760 -4.53 -43.06 -1.33
C ASP B 760 -4.02 -42.04 -0.33
N PHE B 761 -4.28 -40.76 -0.62
CA PHE B 761 -3.77 -39.73 0.28
C PHE B 761 -4.52 -39.85 1.61
N ARG B 762 -5.81 -40.09 1.55
CA ARG B 762 -6.58 -40.24 2.78
C ARG B 762 -6.04 -41.38 3.65
N ARG B 763 -5.67 -42.49 3.00
CA ARG B 763 -5.08 -43.62 3.72
C ARG B 763 -3.68 -43.23 4.18
N TRP B 764 -2.97 -42.42 3.41
CA TRP B 764 -1.66 -41.95 3.88
C TRP B 764 -1.79 -41.10 5.15
N MET B 765 -2.76 -40.18 5.14
CA MET B 765 -3.01 -39.33 6.29
C MET B 765 -3.24 -40.18 7.53
N ASP B 766 -4.11 -41.18 7.37
CA ASP B 766 -4.42 -42.15 8.43
C ASP B 766 -3.21 -42.87 9.01
N GLU B 767 -2.24 -43.20 8.16
CA GLU B 767 -1.05 -43.94 8.57
C GLU B 767 0.17 -43.07 8.90
N HIS B 768 0.04 -41.75 8.84
CA HIS B 768 1.13 -40.85 9.23
C HIS B 768 0.59 -39.76 10.16
N LEU B 769 0.07 -40.21 11.28
CA LEU B 769 -0.49 -39.32 12.28
C LEU B 769 0.53 -38.37 12.89
N ASN B 770 1.81 -38.64 12.73
CA ASN B 770 2.85 -37.73 13.19
C ASN B 770 3.04 -36.52 12.27
N VAL B 771 2.49 -36.60 11.07
CA VAL B 771 2.48 -35.42 10.20
C VAL B 771 1.21 -34.62 10.46
N LYS B 772 1.43 -33.47 11.07
CA LYS B 772 0.35 -32.55 11.39
C LYS B 772 -0.09 -31.91 10.07
N ILE B 773 -1.39 -31.90 9.82
CA ILE B 773 -1.97 -31.09 8.74
C ILE B 773 -2.93 -30.08 9.37
N PRO B 774 -2.53 -28.81 9.47
CA PRO B 774 -3.45 -27.91 10.17
C PRO B 774 -4.69 -27.61 9.36
N ARG B 775 -5.69 -27.05 10.04
CA ARG B 775 -6.85 -26.47 9.37
C ARG B 775 -7.58 -27.40 8.43
N LEU B 776 -7.94 -28.56 8.94
CA LEU B 776 -8.58 -29.60 8.13
C LEU B 776 -9.95 -29.17 7.59
N VAL B 777 -10.67 -28.34 8.34
CA VAL B 777 -11.91 -27.76 7.83
C VAL B 777 -11.70 -26.96 6.55
N ASP B 778 -10.46 -26.60 6.23
CA ASP B 778 -10.13 -25.85 5.03
C ASP B 778 -9.41 -26.67 3.99
N VAL B 779 -9.29 -27.97 4.23
CA VAL B 779 -8.75 -28.91 3.26
C VAL B 779 -9.96 -29.57 2.63
N ILE B 780 -10.39 -28.96 1.53
CA ILE B 780 -11.77 -28.95 1.09
C ILE B 780 -11.82 -29.55 -0.29
N CYS B 781 -12.84 -30.36 -0.52
CA CYS B 781 -13.20 -30.82 -1.87
C CYS B 781 -13.72 -29.67 -2.70
N ALA B 782 -13.13 -29.51 -3.89
CA ALA B 782 -13.63 -28.59 -4.91
C ALA B 782 -14.66 -29.30 -5.79
N SER B 783 -14.34 -30.54 -6.17
CA SER B 783 -15.24 -31.37 -6.96
C SER B 783 -15.36 -32.77 -6.34
N PRO B 784 -16.41 -33.52 -6.72
CA PRO B 784 -17.53 -33.10 -7.55
C PRO B 784 -18.59 -32.42 -6.70
N GLY B 785 -19.66 -31.95 -7.33
CA GLY B 785 -20.70 -31.12 -6.71
C GLY B 785 -21.30 -31.57 -5.38
N ASP B 786 -21.48 -32.88 -5.20
CA ASP B 786 -22.02 -33.43 -3.95
C ASP B 786 -21.02 -33.41 -2.79
N GLN B 787 -19.73 -33.38 -3.12
CA GLN B 787 -18.68 -33.30 -2.10
C GLN B 787 -18.22 -31.87 -1.87
N ARG B 788 -18.33 -31.02 -2.89
CA ARG B 788 -17.80 -29.66 -2.81
C ARG B 788 -18.12 -29.00 -1.48
N GLY B 789 -17.11 -28.36 -0.90
CA GLY B 789 -17.29 -27.59 0.35
C GLY B 789 -16.92 -28.35 1.61
N LYS B 790 -16.89 -29.68 1.52
CA LYS B 790 -16.67 -30.52 2.69
C LYS B 790 -15.18 -30.81 2.84
N SER B 791 -14.72 -31.05 4.06
CA SER B 791 -13.34 -31.50 4.28
C SER B 791 -13.09 -32.85 3.60
N ILE B 792 -11.84 -33.05 3.18
CA ILE B 792 -11.44 -34.34 2.61
C ILE B 792 -11.46 -35.43 3.68
N VAL B 793 -11.25 -35.06 4.94
CA VAL B 793 -11.41 -35.96 6.07
C VAL B 793 -12.85 -36.46 6.25
N SER B 794 -13.83 -35.72 5.76
CA SER B 794 -15.25 -36.05 6.01
C SER B 794 -15.85 -36.93 4.92
N LEU B 795 -15.02 -37.63 4.17
CA LEU B 795 -15.44 -38.31 2.96
C LEU B 795 -15.57 -39.84 3.09
N GLU B 796 -16.75 -40.37 2.77
CA GLU B 796 -17.01 -41.81 2.82
C GLU B 796 -16.40 -42.55 1.64
C1 NAG C . 15.13 11.49 -29.95
C2 NAG C . 14.49 10.33 -29.26
C3 NAG C . 13.28 9.84 -30.06
C4 NAG C . 12.35 10.97 -30.50
C5 NAG C . 13.17 12.11 -31.08
C6 NAG C . 12.45 13.36 -31.56
C7 NAG C . 15.56 8.58 -28.01
C8 NAG C . 16.51 7.42 -28.03
N2 NAG C . 15.44 9.24 -29.16
O3 NAG C . 12.69 8.77 -29.40
O4 NAG C . 11.50 10.51 -31.53
O5 NAG C . 14.20 12.51 -30.19
O6 NAG C . 11.59 13.65 -30.47
O7 NAG C . 14.97 8.89 -26.96
C1 NAG C . 10.24 10.04 -31.02
C2 NAG C . 9.17 10.19 -32.10
C3 NAG C . 7.81 9.63 -31.67
C4 NAG C . 7.96 8.26 -31.04
C5 NAG C . 9.16 8.20 -30.10
C6 NAG C . 9.46 6.80 -29.61
C7 NAG C . 8.76 11.85 -33.81
C8 NAG C . 8.45 13.25 -34.17
N2 NAG C . 8.90 11.55 -32.51
O3 NAG C . 6.96 9.65 -32.81
O4 NAG C . 6.84 8.08 -30.20
O5 NAG C . 10.36 8.69 -30.66
O6 NAG C . 9.70 5.91 -30.66
O7 NAG C . 8.85 11.06 -34.75
C1 BMA C . 6.01 6.99 -30.67
C2 BMA C . 4.91 6.69 -29.64
C3 BMA C . 4.00 5.58 -30.15
C4 BMA C . 3.57 6.03 -31.53
C5 BMA C . 4.75 6.25 -32.47
C6 BMA C . 4.41 6.56 -33.93
O2 BMA C . 4.14 7.89 -29.42
O3 BMA C . 2.87 5.24 -29.33
O4 BMA C . 2.70 5.01 -31.98
O5 BMA C . 5.49 7.35 -31.95
O6 BMA C . 4.10 7.94 -34.17
C1 MAN C . 1.84 5.46 -27.30
C2 MAN C . 1.71 4.70 -28.62
C3 MAN C . 1.57 3.25 -28.14
C4 MAN C . 3.03 2.96 -27.83
C5 MAN C . 3.32 3.78 -26.56
C6 MAN C . 4.75 3.70 -26.03
O1 MAN C . 0.90 5.07 -26.34
O3 MAN C . 0.90 2.31 -28.97
O4 MAN C . 3.24 1.56 -27.73
O5 MAN C . 3.12 5.16 -26.78
O6 MAN C . 4.84 2.43 -25.45
C1 BMA C . 2.68 8.16 -34.11
C2 BMA C . 2.36 9.64 -34.29
C3 BMA C . 1.04 9.83 -33.57
C4 BMA C . 0.04 9.08 -34.44
C5 BMA C . 0.49 7.72 -34.98
C6 BMA C . -0.03 7.41 -36.39
O2 BMA C . 2.23 9.81 -35.70
O3 BMA C . 0.73 11.20 -33.31
O4 BMA C . -1.08 8.91 -33.57
O5 BMA C . 1.89 7.52 -35.11
O6 BMA C . -0.18 5.99 -36.50
C1 NAG D . 1.38 17.39 -8.52
C2 NAG D . 0.58 16.67 -9.55
C3 NAG D . 0.50 15.17 -9.29
C4 NAG D . 1.93 14.73 -8.99
C5 NAG D . 2.63 15.52 -7.88
C6 NAG D . 4.07 15.03 -7.81
C7 NAG D . -1.20 17.95 -10.58
C8 NAG D . -2.58 18.50 -10.44
N2 NAG D . -0.72 17.27 -9.54
O3 NAG D . 0.06 14.65 -10.53
O4 NAG D . 1.96 13.35 -8.73
O5 NAG D . 2.64 16.85 -8.29
O6 NAG D . 4.85 15.41 -8.93
O7 NAG D . -0.62 18.02 -11.67
C1 NAG D . 2.36 12.59 -9.87
C2 NAG D . 3.03 11.34 -9.32
C3 NAG D . 3.19 10.20 -10.35
C4 NAG D . 1.95 10.02 -11.24
C5 NAG D . 1.66 11.41 -11.81
C6 NAG D . 0.60 11.42 -12.91
C7 NAG D . 4.49 11.45 -7.39
C8 NAG D . 5.77 11.73 -6.69
N2 NAG D . 4.32 11.65 -8.69
O3 NAG D . 3.57 9.06 -9.63
O4 NAG D . 2.12 9.07 -12.29
O5 NAG D . 1.26 12.21 -10.70
O6 NAG D . -0.67 11.51 -12.33
O7 NAG D . 3.54 11.08 -6.71
C1 NAG E . -8.53 12.63 -6.18
C2 NAG E . -7.44 11.92 -6.99
C3 NAG E . -7.47 12.46 -8.40
C4 NAG E . -8.85 12.25 -9.01
C5 NAG E . -9.86 12.95 -8.09
C6 NAG E . -11.28 12.86 -8.60
C7 NAG E . -5.33 11.13 -6.05
C8 NAG E . -4.04 11.50 -5.43
N2 NAG E . -6.12 12.16 -6.42
O3 NAG E . -6.56 11.81 -9.26
O4 NAG E . -8.70 12.96 -10.25
O5 NAG E . -9.77 12.37 -6.81
O6 NAG E . -11.70 11.50 -8.75
O7 NAG E . -5.63 9.95 -6.19
C1 NAG E . -9.46 12.31 -11.27
C2 NAG E . -9.74 13.26 -12.43
C3 NAG E . -10.52 12.58 -13.55
C4 NAG E . -9.81 11.32 -13.95
C5 NAG E . -9.48 10.46 -12.74
C6 NAG E . -8.57 9.29 -13.14
C7 NAG E . -9.88 15.68 -11.86
C8 NAG E . -8.45 15.87 -11.87
N2 NAG E . -10.43 14.49 -12.10
O3 NAG E . -10.39 13.42 -14.68
O4 NAG E . -10.67 10.62 -14.82
O5 NAG E . -8.79 11.19 -11.74
O6 NAG E . -8.78 8.35 -12.12
O7 NAG E . -10.50 16.70 -11.56
C1 BMA E . -10.02 10.13 -16.01
C2 BMA E . -10.83 8.96 -16.57
C3 BMA E . -10.18 8.31 -17.78
C4 BMA E . -10.04 9.46 -18.77
C5 BMA E . -9.25 10.64 -18.19
C6 BMA E . -9.09 11.80 -19.15
O2 BMA E . -12.03 9.54 -17.04
O3 BMA E . -10.89 7.12 -18.20
O4 BMA E . -9.21 8.97 -19.81
O5 BMA E . -9.87 11.13 -17.00
O6 BMA E . -10.37 12.37 -19.46
C1 NAG F . -8.26 2.31 34.56
C2 NAG F . -8.47 1.54 33.28
C3 NAG F . -8.37 0.05 33.56
C4 NAG F . -7.03 -0.26 34.22
C5 NAG F . -6.72 0.66 35.38
C6 NAG F . -5.24 0.51 35.74
C7 NAG F . -10.13 2.10 31.52
C8 NAG F . -11.59 2.37 31.32
N2 NAG F . -9.80 1.88 32.80
O3 NAG F . -8.50 -0.62 32.32
O4 NAG F . -6.89 -1.56 34.77
O5 NAG F . -6.98 2.02 35.05
O6 NAG F . -5.08 1.38 36.86
O7 NAG F . -9.33 2.13 30.55
C1 NAG F . -6.30 -2.45 33.84
C2 NAG F . -5.85 -3.73 34.55
C3 NAG F . -5.32 -4.73 33.51
C4 NAG F . -6.28 -4.98 32.36
C5 NAG F . -6.79 -3.63 31.85
C6 NAG F . -8.01 -3.61 30.95
C7 NAG F . -4.78 -4.07 36.72
C8 NAG F . -3.71 -3.70 37.69
N2 NAG F . -4.83 -3.42 35.55
O3 NAG F . -4.84 -5.87 34.14
O4 NAG F . -5.60 -5.56 31.25
O5 NAG F . -7.26 -2.81 32.88
O6 NAG F . -8.61 -4.86 30.88
O7 NAG F . -5.58 -4.98 37.00
C1 BMA F . -5.98 -6.93 30.98
C2 BMA F . -5.28 -7.49 29.73
C3 BMA F . -5.56 -8.98 29.52
C4 BMA F . -5.29 -9.75 30.81
C5 BMA F . -5.97 -9.11 32.01
C6 BMA F . -5.66 -9.76 33.37
O2 BMA F . -3.89 -7.21 29.84
O3 BMA F . -4.80 -9.68 28.52
O4 BMA F . -5.82 -11.06 30.67
O5 BMA F . -5.56 -7.74 32.06
O6 BMA F . -4.28 -10.11 33.61
C1 MAN F . -4.35 -9.19 27.23
C2 MAN F . -5.41 -8.45 26.43
C3 MAN F . -6.54 -9.34 25.96
C4 MAN F . -6.13 -10.79 25.58
C5 MAN F . -4.85 -11.25 26.27
C6 MAN F . -4.31 -12.52 25.63
O2 MAN F . -4.69 -8.00 25.29
O3 MAN F . -7.03 -8.54 24.88
O4 MAN F . -7.10 -11.79 25.89
O5 MAN F . -3.92 -10.19 26.32
O6 MAN F . -5.21 -13.54 26.00
C1 NAG G . 10.03 5.36 15.80
C2 NAG G . 9.68 3.98 16.33
C3 NAG G . 8.63 3.30 15.50
C4 NAG G . 7.44 4.26 15.51
C5 NAG G . 7.93 5.58 14.96
C6 NAG G . 6.81 6.61 14.76
C7 NAG G . 11.43 2.63 17.41
C8 NAG G . 12.71 1.86 17.24
N2 NAG G . 10.88 3.19 16.33
O3 NAG G . 8.42 1.99 15.98
O4 NAG G . 6.56 3.70 14.55
O5 NAG G . 8.90 6.21 15.78
O6 NAG G . 6.28 6.78 16.04
O7 NAG G . 10.88 2.70 18.50
C1 NAG G . 5.28 3.21 15.03
C2 NAG G . 4.19 3.20 13.94
C3 NAG G . 2.98 2.32 14.27
C4 NAG G . 3.41 0.88 14.49
C5 NAG G . 4.64 0.83 15.41
C6 NAG G . 5.47 -0.40 15.07
C7 NAG G . 4.13 5.14 12.45
C8 NAG G . 3.56 6.48 12.04
N2 NAG G . 3.67 4.50 13.54
O3 NAG G . 2.20 2.28 13.10
O4 NAG G . 2.36 0.06 14.94
O5 NAG G . 5.58 1.90 15.42
O6 NAG G . 5.52 -1.08 16.31
O7 NAG G . 5.02 4.68 11.76
C1 NAG H . 13.22 -3.29 9.38
C2 NAG H . 11.83 -3.17 10.01
C3 NAG H . 11.84 -3.62 11.49
C4 NAG H . 12.59 -4.96 11.61
C5 NAG H . 13.93 -4.94 10.91
C6 NAG H . 14.66 -6.30 10.94
C7 NAG H . 10.22 -1.49 9.38
C8 NAG H . 9.87 -0.04 9.30
N2 NAG H . 11.41 -1.81 9.92
O3 NAG H . 10.54 -3.83 12.04
O4 NAG H . 12.78 -5.25 12.98
O5 NAG H . 13.63 -4.62 9.58
O6 NAG H . 13.86 -7.40 10.48
O7 NAG H . 9.46 -2.33 8.94
C1 NAG H . 12.39 -6.59 13.31
C2 NAG H . 12.87 -6.82 14.75
C3 NAG H . 12.58 -8.24 15.17
C4 NAG H . 11.09 -8.43 15.05
C5 NAG H . 10.67 -8.18 13.60
C6 NAG H . 9.21 -8.51 13.36
C7 NAG H . 14.91 -5.56 15.36
C8 NAG H . 16.41 -5.57 15.32
N2 NAG H . 14.31 -6.63 14.84
O3 NAG H . 13.01 -8.39 16.51
O4 NAG H . 10.91 -9.81 15.23
O5 NAG H . 11.00 -6.86 13.23
O6 NAG H . 8.84 -7.93 12.14
O7 NAG H . 14.34 -4.60 15.90
C1 BMA H . 9.91 -10.14 16.22
C2 BMA H . 9.47 -11.56 15.88
C3 BMA H . 8.29 -12.02 16.75
C4 BMA H . 8.82 -11.84 18.17
C5 BMA H . 9.37 -10.44 18.48
C6 BMA H . 9.91 -10.30 19.91
O2 BMA H . 10.58 -12.39 16.13
O3 BMA H . 7.78 -13.31 16.34
O4 BMA H . 7.70 -12.07 19.03
O5 BMA H . 10.41 -10.09 17.55
O6 BMA H . 11.31 -10.61 19.96
C1 NAG I . 3.89 -25.08 -47.95
C2 NAG I . 2.69 -25.50 -48.81
C3 NAG I . 2.89 -26.95 -49.29
C4 NAG I . 4.20 -27.06 -50.06
C5 NAG I . 5.34 -26.43 -49.27
C6 NAG I . 6.49 -26.22 -50.24
C7 NAG I . 0.44 -24.63 -48.33
C8 NAG I . -0.77 -24.76 -47.45
N2 NAG I . 1.44 -25.47 -48.08
O3 NAG I . 1.77 -27.44 -50.02
O4 NAG I . 4.56 -28.41 -50.24
O5 NAG I . 5.08 -25.16 -48.70
O6 NAG I . 7.60 -26.44 -49.40
O7 NAG I . 0.45 -23.74 -49.19
C1 NAG J . 3.32 32.56 -31.66
C2 NAG J . 3.87 32.86 -33.05
C3 NAG J . 2.79 33.21 -34.11
C4 NAG J . 1.57 32.29 -33.99
C5 NAG J . 1.13 32.11 -32.53
C6 NAG J . -0.01 31.10 -32.37
C7 NAG J . 6.20 33.60 -33.19
C8 NAG J . 7.20 34.70 -33.03
N2 NAG J . 4.93 33.84 -32.89
O3 NAG J . 3.36 33.12 -35.41
O4 NAG J . 0.50 32.80 -34.77
O5 NAG J . 2.23 31.63 -31.76
O6 NAG J . 0.51 29.82 -32.63
O7 NAG J . 6.60 32.53 -33.67
C1 NAG K . -8.88 30.65 11.95
C2 NAG K . -9.58 31.09 13.22
C3 NAG K . -9.62 32.61 13.28
C4 NAG K . -8.21 33.16 13.27
C5 NAG K . -7.54 32.64 12.01
C6 NAG K . -6.09 33.06 11.93
C7 NAG K . -11.36 29.61 13.95
C8 NAG K . -12.79 29.20 13.80
N2 NAG K . -10.93 30.58 13.16
O3 NAG K . -10.26 33.02 14.46
O4 NAG K . -8.25 34.56 13.16
O5 NAG K . -7.60 31.24 12.00
O6 NAG K . -6.13 34.10 11.00
O7 NAG K . -10.60 29.09 14.74
C1 NAG L . -18.07 29.94 5.89
C2 NAG L . -18.04 31.38 6.38
C3 NAG L . -18.76 31.35 7.72
C4 NAG L . -20.22 31.01 7.50
C5 NAG L . -20.44 29.70 6.72
C6 NAG L . -21.61 29.79 5.73
C7 NAG L . -15.98 32.56 5.71
C8 NAG L . -14.57 32.92 6.13
N2 NAG L . -16.68 31.83 6.58
O3 NAG L . -18.68 32.61 8.34
O4 NAG L . -20.78 30.97 8.80
O5 NAG L . -19.34 29.31 5.90
O6 NAG L . -22.83 29.40 6.33
O7 NAG L . -16.41 32.91 4.63
C1 NAG M . -24.90 21.34 -9.00
C2 NAG M . -24.65 22.83 -8.97
C3 NAG M . -24.92 23.33 -10.38
C4 NAG M . -23.85 22.84 -11.29
C5 NAG M . -23.73 21.32 -11.12
C6 NAG M . -22.35 20.87 -11.62
C7 NAG M . -25.33 24.30 -7.21
C8 NAG M . -26.46 24.81 -6.38
N2 NAG M . -25.65 23.39 -8.10
O3 NAG M . -24.68 24.69 -10.55
O4 NAG M . -24.31 23.24 -12.55
O5 NAG M . -23.86 20.84 -9.79
O6 NAG M . -22.81 19.90 -12.52
O7 NAG M . -24.16 24.61 -7.00
C1 NAG N . -33.07 -3.42 4.79
C2 NAG N . -33.45 -4.35 5.93
C3 NAG N . -34.95 -4.26 6.26
C4 NAG N . -35.49 -2.84 6.24
C5 NAG N . -34.84 -2.11 5.06
C6 NAG N . -35.43 -0.73 4.82
C7 NAG N . -31.96 -6.09 6.80
C8 NAG N . -31.55 -7.54 6.83
N2 NAG N . -32.94 -5.72 5.94
O3 NAG N . -35.16 -4.69 7.60
O4 NAG N . -36.88 -2.89 6.05
O5 NAG N . -33.45 -2.13 5.26
O6 NAG N . -36.17 -0.86 3.63
O7 NAG N . -31.36 -5.31 7.56
NAR D80 O . -5.01 19.95 15.63
CAG D80 O . -4.44 20.70 16.57
NAI D80 O . -3.46 21.58 16.22
CAA D80 O . -2.84 22.34 17.16
CAC D80 O . -1.84 23.23 16.77
CAE D80 O . -1.23 24.03 17.71
CAF D80 O . -1.56 23.91 19.07
CAD D80 O . -2.58 23.08 19.46
CAB D80 O . -3.20 22.27 18.51
CAJ D80 O . -4.19 21.40 18.93
OAM D80 O . -4.65 21.15 20.15
CAH D80 O . -4.85 20.51 17.97
NAK D80 O . -5.75 19.77 18.71
CAL D80 O . -5.62 20.15 20.00
CAN D80 O . -6.41 19.53 21.10
CAO D80 O . -5.41 18.96 22.11
CAP D80 O . -4.32 18.01 21.57
CAQ D80 O . -3.45 17.44 22.67
NAR D80 P . 21.73 13.43 -4.75
CAG D80 P . 22.11 14.68 -5.07
NAI D80 P . 22.06 15.67 -4.15
CAA D80 P . 22.42 16.93 -4.41
CAC D80 P . 22.31 17.84 -3.39
CAE D80 P . 22.67 19.16 -3.60
CAF D80 P . 23.12 19.56 -4.86
CAD D80 P . 23.23 18.63 -5.87
CAB D80 P . 22.86 17.33 -5.67
CAJ D80 P . 22.97 16.38 -6.69
OAM D80 P . 23.37 16.43 -7.94
CAH D80 P . 22.58 14.98 -6.44
NAK D80 P . 22.79 14.34 -7.61
CAL D80 P . 23.22 15.21 -8.54
CAN D80 P . 23.53 14.83 -9.94
CAO D80 P . 22.73 15.71 -10.90
CAP D80 P . 21.30 16.03 -10.46
CAQ D80 P . 20.48 16.70 -11.54
C1 NAG Q . 14.34 3.10 43.32
C2 NAG Q . 13.85 2.96 44.76
C3 NAG Q . 14.73 2.02 45.58
C4 NAG Q . 14.90 0.75 44.80
C5 NAG Q . 15.28 0.86 43.30
C6 NAG Q . 14.97 -0.52 42.73
C7 NAG Q . 12.83 4.93 45.79
C8 NAG Q . 13.18 6.30 46.30
N2 NAG Q . 13.89 4.29 45.33
O3 NAG Q . 14.06 1.65 46.77
O4 NAG Q . 15.65 -0.15 45.61
O5 NAG Q . 14.47 1.83 42.66
O6 NAG Q . 14.61 -0.60 41.38
O7 NAG Q . 11.65 4.50 45.81
C1 NAG R . 31.20 13.78 2.59
C2 NAG R . 32.27 13.96 1.51
C3 NAG R . 33.58 14.59 1.97
C4 NAG R . 33.24 15.88 2.70
C5 NAG R . 32.16 15.63 3.76
C6 NAG R . 31.80 17.03 4.20
C7 NAG R . 32.60 12.80 -0.56
C8 NAG R . 32.98 11.56 -1.32
N2 NAG R . 32.65 12.76 0.77
O3 NAG R . 34.40 14.92 0.86
O4 NAG R . 34.38 16.27 3.41
O5 NAG R . 31.00 15.01 3.26
O6 NAG R . 30.76 16.75 5.07
O7 NAG R . 32.22 13.82 -1.15
C1 NAG S . 35.06 3.93 5.52
C2 NAG S . 36.24 4.68 6.12
C3 NAG S . 37.10 5.15 4.95
C4 NAG S . 37.62 3.96 4.14
C5 NAG S . 36.41 3.14 3.69
C6 NAG S . 36.83 1.95 2.81
C7 NAG S . 35.44 5.75 8.26
C8 NAG S . 35.37 7.06 8.99
N2 NAG S . 36.00 5.79 7.04
O3 NAG S . 38.16 5.91 5.47
O4 NAG S . 38.36 4.40 3.03
O5 NAG S . 35.54 2.81 4.78
O6 NAG S . 36.88 0.73 3.50
O7 NAG S . 34.97 4.75 8.79
C1 NAG T . 29.43 -12.39 12.18
C2 NAG T . 30.33 -11.46 12.97
C3 NAG T . 30.56 -12.02 14.38
C4 NAG T . 29.24 -12.31 15.06
C5 NAG T . 28.33 -13.18 14.19
C6 NAG T . 26.92 -13.22 14.78
C7 NAG T . 32.20 -10.30 11.83
C8 NAG T . 33.46 -10.53 11.05
N2 NAG T . 31.54 -11.37 12.23
O3 NAG T . 31.20 -11.08 15.21
O4 NAG T . 29.62 -13.07 16.17
O5 NAG T . 28.24 -12.58 12.92
O6 NAG T . 26.41 -11.89 14.76
O7 NAG T . 31.91 -9.15 12.10
C1 NAG U . 20.03 -23.93 -13.26
C2 NAG U . 19.73 -24.18 -14.73
C3 NAG U . 20.77 -25.10 -15.37
C4 NAG U . 22.03 -24.28 -15.50
C5 NAG U . 22.37 -23.56 -14.21
C6 NAG U . 22.99 -22.21 -14.61
C7 NAG U . 17.61 -23.68 -15.70
C8 NAG U . 16.16 -24.02 -15.95
N2 NAG U . 18.34 -24.52 -14.96
O3 NAG U . 20.38 -25.37 -16.68
O4 NAG U . 23.06 -25.17 -15.86
O5 NAG U . 21.34 -23.39 -13.22
O6 NAG U . 23.76 -21.69 -13.56
O7 NAG U . 18.07 -22.64 -16.19
#